data_2EXT
# 
_entry.id   2EXT 
# 
_audit_conform.dict_name       mmcif_pdbx.dic 
_audit_conform.dict_version    5.388 
_audit_conform.dict_location   http://mmcif.pdb.org/dictionaries/ascii/mmcif_pdbx.dic 
# 
loop_
_database_2.database_id 
_database_2.database_code 
_database_2.pdbx_database_accession 
_database_2.pdbx_DOI 
PDB   2EXT         pdb_00002ext 10.2210/pdb2ext/pdb 
RCSB  RCSB035224   ?            ?                   
WWPDB D_1000035224 ?            ?                   
# 
loop_
_pdbx_audit_revision_history.ordinal 
_pdbx_audit_revision_history.data_content_type 
_pdbx_audit_revision_history.major_revision 
_pdbx_audit_revision_history.minor_revision 
_pdbx_audit_revision_history.revision_date 
1 'Structure model' 1 0 2006-08-01 
2 'Structure model' 1 1 2008-05-01 
3 'Structure model' 1 2 2011-07-13 
4 'Structure model' 1 3 2024-03-13 
# 
_pdbx_audit_revision_details.ordinal             1 
_pdbx_audit_revision_details.revision_ordinal    1 
_pdbx_audit_revision_details.data_content_type   'Structure model' 
_pdbx_audit_revision_details.provider            repository 
_pdbx_audit_revision_details.type                'Initial release' 
_pdbx_audit_revision_details.description         ? 
_pdbx_audit_revision_details.details             ? 
# 
loop_
_pdbx_audit_revision_group.ordinal 
_pdbx_audit_revision_group.revision_ordinal 
_pdbx_audit_revision_group.data_content_type 
_pdbx_audit_revision_group.group 
1 2 'Structure model' 'Version format compliance' 
2 3 'Structure model' 'Derived calculations'      
3 3 'Structure model' 'Version format compliance' 
4 4 'Structure model' 'Data collection'           
5 4 'Structure model' 'Database references'       
6 4 'Structure model' 'Derived calculations'      
# 
loop_
_pdbx_audit_revision_category.ordinal 
_pdbx_audit_revision_category.revision_ordinal 
_pdbx_audit_revision_category.data_content_type 
_pdbx_audit_revision_category.category 
1 4 'Structure model' chem_comp_atom     
2 4 'Structure model' chem_comp_bond     
3 4 'Structure model' database_2         
4 4 'Structure model' struct_ref_seq_dif 
5 4 'Structure model' struct_site        
# 
loop_
_pdbx_audit_revision_item.ordinal 
_pdbx_audit_revision_item.revision_ordinal 
_pdbx_audit_revision_item.data_content_type 
_pdbx_audit_revision_item.item 
1 4 'Structure model' '_database_2.pdbx_DOI'                
2 4 'Structure model' '_database_2.pdbx_database_accession' 
3 4 'Structure model' '_struct_ref_seq_dif.details'         
4 4 'Structure model' '_struct_site.pdbx_auth_asym_id'      
5 4 'Structure model' '_struct_site.pdbx_auth_comp_id'      
6 4 'Structure model' '_struct_site.pdbx_auth_seq_id'       
# 
_pdbx_database_status.status_code                     REL 
_pdbx_database_status.entry_id                        2EXT 
_pdbx_database_status.recvd_initial_deposition_date   2005-11-08 
_pdbx_database_status.deposit_site                    RCSB 
_pdbx_database_status.process_site                    PDBJ 
_pdbx_database_status.status_code_sf                  REL 
_pdbx_database_status.status_code_mr                  ? 
_pdbx_database_status.SG_entry                        ? 
_pdbx_database_status.pdb_format_compatible           Y 
_pdbx_database_status.status_code_cs                  ? 
_pdbx_database_status.status_code_nmr_data            ? 
_pdbx_database_status.methods_development_category    ? 
# 
_pdbx_database_related.db_name        PDB 
_pdbx_database_related.db_id          2EXS 
_pdbx_database_related.details        'Fusion of four TRAP monomers' 
_pdbx_database_related.content_type   unspecified 
# 
loop_
_audit_author.name 
_audit_author.pdbx_ordinal 
'Heddle, J.G.'  1 
'Yokoyama, T.'  2 
'Yamashita, I.' 3 
'Park, S.Y.'    4 
'Tame, J.R.H.'  5 
# 
_citation.id                        primary 
_citation.title                     'Rounding up: Engineering 12-Membered Rings from the Cyclic 11-Mer TRAP' 
_citation.journal_abbrev            Structure 
_citation.journal_volume            14 
_citation.page_first                925 
_citation.page_last                 933 
_citation.year                      2006 
_citation.journal_id_ASTM           STRUE6 
_citation.country                   UK 
_citation.journal_id_ISSN           0969-2126 
_citation.journal_id_CSD            2005 
_citation.book_publisher            ? 
_citation.pdbx_database_id_PubMed   16698553 
_citation.pdbx_database_id_DOI      10.1016/j.str.2006.03.013 
# 
loop_
_citation_author.citation_id 
_citation_author.name 
_citation_author.ordinal 
_citation_author.identifier_ORCID 
primary 'Heddle, J.G.'  1 ? 
primary 'Yokoyama, T.'  2 ? 
primary 'Yamashita, I.' 3 ? 
primary 'Park, S.Y.'    4 ? 
primary 'Tame, J.R.H.'  5 ? 
# 
loop_
_entity.id 
_entity.type 
_entity.src_method 
_entity.pdbx_description 
_entity.formula_weight 
_entity.pdbx_number_of_molecules 
_entity.pdbx_ec 
_entity.pdbx_mutation 
_entity.pdbx_fragment 
_entity.details 
1 polymer     man 'Transcription attenuation protein mtrB' 8470.608 3  ? ? ? ? 
2 non-polymer syn TRYPTOPHAN                               204.225  3  ? ? ? ? 
3 water       nat water                                    18.015   65 ? ? ? ? 
# 
_entity_name_com.entity_id   1 
_entity_name_com.name        'Tryptophan RNA-binding attenuator protein, Trp RNA-binding attenuation protein, TRAP' 
# 
_entity_poly.entity_id                      1 
_entity_poly.type                           'polypeptide(L)' 
_entity_poly.nstd_linkage                   no 
_entity_poly.nstd_monomer                   no 
_entity_poly.pdbx_seq_one_letter_code       YTNSDFVVIKALEDGVNVIGLTRGADTRFHHSEKLDKGEVLIAQFTEHTSAIKVRGKAYIQTRHGVIESEGKKAAAM 
_entity_poly.pdbx_seq_one_letter_code_can   YTNSDFVVIKALEDGVNVIGLTRGADTRFHHSEKLDKGEVLIAQFTEHTSAIKVRGKAYIQTRHGVIESEGKKAAAM 
_entity_poly.pdbx_strand_id                 A,B,C 
_entity_poly.pdbx_target_identifier         ? 
# 
loop_
_pdbx_entity_nonpoly.entity_id 
_pdbx_entity_nonpoly.name 
_pdbx_entity_nonpoly.comp_id 
2 TRYPTOPHAN TRP 
3 water      HOH 
# 
loop_
_entity_poly_seq.entity_id 
_entity_poly_seq.num 
_entity_poly_seq.mon_id 
_entity_poly_seq.hetero 
1 1  TYR n 
1 2  THR n 
1 3  ASN n 
1 4  SER n 
1 5  ASP n 
1 6  PHE n 
1 7  VAL n 
1 8  VAL n 
1 9  ILE n 
1 10 LYS n 
1 11 ALA n 
1 12 LEU n 
1 13 GLU n 
1 14 ASP n 
1 15 GLY n 
1 16 VAL n 
1 17 ASN n 
1 18 VAL n 
1 19 ILE n 
1 20 GLY n 
1 21 LEU n 
1 22 THR n 
1 23 ARG n 
1 24 GLY n 
1 25 ALA n 
1 26 ASP n 
1 27 THR n 
1 28 ARG n 
1 29 PHE n 
1 30 HIS n 
1 31 HIS n 
1 32 SER n 
1 33 GLU n 
1 34 LYS n 
1 35 LEU n 
1 36 ASP n 
1 37 LYS n 
1 38 GLY n 
1 39 GLU n 
1 40 VAL n 
1 41 LEU n 
1 42 ILE n 
1 43 ALA n 
1 44 GLN n 
1 45 PHE n 
1 46 THR n 
1 47 GLU n 
1 48 HIS n 
1 49 THR n 
1 50 SER n 
1 51 ALA n 
1 52 ILE n 
1 53 LYS n 
1 54 VAL n 
1 55 ARG n 
1 56 GLY n 
1 57 LYS n 
1 58 ALA n 
1 59 TYR n 
1 60 ILE n 
1 61 GLN n 
1 62 THR n 
1 63 ARG n 
1 64 HIS n 
1 65 GLY n 
1 66 VAL n 
1 67 ILE n 
1 68 GLU n 
1 69 SER n 
1 70 GLU n 
1 71 GLY n 
1 72 LYS n 
1 73 LYS n 
1 74 ALA n 
1 75 ALA n 
1 76 ALA n 
1 77 MET n 
# 
_entity_src_gen.entity_id                          1 
_entity_src_gen.pdbx_src_id                        1 
_entity_src_gen.pdbx_alt_source_flag               sample 
_entity_src_gen.pdbx_seq_type                      ? 
_entity_src_gen.pdbx_beg_seq_num                   ? 
_entity_src_gen.pdbx_end_seq_num                   ? 
_entity_src_gen.gene_src_common_name               ? 
_entity_src_gen.gene_src_genus                     Geobacillus 
_entity_src_gen.pdbx_gene_src_gene                 MTRB 
_entity_src_gen.gene_src_species                   ? 
_entity_src_gen.gene_src_strain                    ? 
_entity_src_gen.gene_src_tissue                    ? 
_entity_src_gen.gene_src_tissue_fraction           ? 
_entity_src_gen.gene_src_details                   ? 
_entity_src_gen.pdbx_gene_src_fragment             ? 
_entity_src_gen.pdbx_gene_src_scientific_name      'Geobacillus stearothermophilus' 
_entity_src_gen.pdbx_gene_src_ncbi_taxonomy_id     1422 
_entity_src_gen.pdbx_gene_src_variant              ? 
_entity_src_gen.pdbx_gene_src_cell_line            ? 
_entity_src_gen.pdbx_gene_src_atcc                 ? 
_entity_src_gen.pdbx_gene_src_organ                ? 
_entity_src_gen.pdbx_gene_src_organelle            ? 
_entity_src_gen.pdbx_gene_src_cell                 ? 
_entity_src_gen.pdbx_gene_src_cellular_location    ? 
_entity_src_gen.host_org_common_name               ? 
_entity_src_gen.pdbx_host_org_scientific_name      'Escherichia coli BL21' 
_entity_src_gen.pdbx_host_org_ncbi_taxonomy_id     511693 
_entity_src_gen.host_org_genus                     Escherichia 
_entity_src_gen.pdbx_host_org_gene                 ? 
_entity_src_gen.pdbx_host_org_organ                ? 
_entity_src_gen.host_org_species                   'Escherichia coli' 
_entity_src_gen.pdbx_host_org_tissue               ? 
_entity_src_gen.pdbx_host_org_tissue_fraction      ? 
_entity_src_gen.pdbx_host_org_strain               BL21 
_entity_src_gen.pdbx_host_org_variant              ? 
_entity_src_gen.pdbx_host_org_cell_line            ? 
_entity_src_gen.pdbx_host_org_atcc                 ? 
_entity_src_gen.pdbx_host_org_culture_collection   ? 
_entity_src_gen.pdbx_host_org_cell                 ? 
_entity_src_gen.pdbx_host_org_organelle            ? 
_entity_src_gen.pdbx_host_org_cellular_location    ? 
_entity_src_gen.pdbx_host_org_vector_type          PLASMID 
_entity_src_gen.pdbx_host_org_vector               ? 
_entity_src_gen.host_org_details                   ? 
_entity_src_gen.expression_system_id               ? 
_entity_src_gen.plasmid_name                       pET21b 
_entity_src_gen.plasmid_details                    ? 
_entity_src_gen.pdbx_description                   ? 
# 
loop_
_chem_comp.id 
_chem_comp.type 
_chem_comp.mon_nstd_flag 
_chem_comp.name 
_chem_comp.pdbx_synonyms 
_chem_comp.formula 
_chem_comp.formula_weight 
ALA 'L-peptide linking' y ALANINE         ? 'C3 H7 N O2'     89.093  
ARG 'L-peptide linking' y ARGININE        ? 'C6 H15 N4 O2 1' 175.209 
ASN 'L-peptide linking' y ASPARAGINE      ? 'C4 H8 N2 O3'    132.118 
ASP 'L-peptide linking' y 'ASPARTIC ACID' ? 'C4 H7 N O4'     133.103 
GLN 'L-peptide linking' y GLUTAMINE       ? 'C5 H10 N2 O3'   146.144 
GLU 'L-peptide linking' y 'GLUTAMIC ACID' ? 'C5 H9 N O4'     147.129 
GLY 'peptide linking'   y GLYCINE         ? 'C2 H5 N O2'     75.067  
HIS 'L-peptide linking' y HISTIDINE       ? 'C6 H10 N3 O2 1' 156.162 
HOH non-polymer         . WATER           ? 'H2 O'           18.015  
ILE 'L-peptide linking' y ISOLEUCINE      ? 'C6 H13 N O2'    131.173 
LEU 'L-peptide linking' y LEUCINE         ? 'C6 H13 N O2'    131.173 
LYS 'L-peptide linking' y LYSINE          ? 'C6 H15 N2 O2 1' 147.195 
MET 'L-peptide linking' y METHIONINE      ? 'C5 H11 N O2 S'  149.211 
PHE 'L-peptide linking' y PHENYLALANINE   ? 'C9 H11 N O2'    165.189 
SER 'L-peptide linking' y SERINE          ? 'C3 H7 N O3'     105.093 
THR 'L-peptide linking' y THREONINE       ? 'C4 H9 N O3'     119.119 
TRP 'L-peptide linking' y TRYPTOPHAN      ? 'C11 H12 N2 O2'  204.225 
TYR 'L-peptide linking' y TYROSINE        ? 'C9 H11 N O3'    181.189 
VAL 'L-peptide linking' y VALINE          ? 'C5 H11 N O2'    117.146 
# 
loop_
_pdbx_poly_seq_scheme.asym_id 
_pdbx_poly_seq_scheme.entity_id 
_pdbx_poly_seq_scheme.seq_id 
_pdbx_poly_seq_scheme.mon_id 
_pdbx_poly_seq_scheme.ndb_seq_num 
_pdbx_poly_seq_scheme.pdb_seq_num 
_pdbx_poly_seq_scheme.auth_seq_num 
_pdbx_poly_seq_scheme.pdb_mon_id 
_pdbx_poly_seq_scheme.auth_mon_id 
_pdbx_poly_seq_scheme.pdb_strand_id 
_pdbx_poly_seq_scheme.pdb_ins_code 
_pdbx_poly_seq_scheme.hetero 
A 1 1  TYR 1  4  ?  ?   ?   A . n 
A 1 2  THR 2  5  ?  ?   ?   A . n 
A 1 3  ASN 3  6  ?  ?   ?   A . n 
A 1 4  SER 4  7  7  SER SER A . n 
A 1 5  ASP 5  8  8  ASP ASP A . n 
A 1 6  PHE 6  9  9  PHE PHE A . n 
A 1 7  VAL 7  10 10 VAL VAL A . n 
A 1 8  VAL 8  11 11 VAL VAL A . n 
A 1 9  ILE 9  12 12 ILE ILE A . n 
A 1 10 LYS 10 13 13 LYS LYS A . n 
A 1 11 ALA 11 14 14 ALA ALA A . n 
A 1 12 LEU 12 15 15 LEU LEU A . n 
A 1 13 GLU 13 16 16 GLU GLU A . n 
A 1 14 ASP 14 17 17 ASP ASP A . n 
A 1 15 GLY 15 18 18 GLY GLY A . n 
A 1 16 VAL 16 19 19 VAL VAL A . n 
A 1 17 ASN 17 20 20 ASN ASN A . n 
A 1 18 VAL 18 21 21 VAL VAL A . n 
A 1 19 ILE 19 22 22 ILE ILE A . n 
A 1 20 GLY 20 23 23 GLY GLY A . n 
A 1 21 LEU 21 24 24 LEU LEU A . n 
A 1 22 THR 22 25 25 THR THR A . n 
A 1 23 ARG 23 26 26 ARG ARG A . n 
A 1 24 GLY 24 27 27 GLY GLY A . n 
A 1 25 ALA 25 28 28 ALA ALA A . n 
A 1 26 ASP 26 29 29 ASP ASP A . n 
A 1 27 THR 27 30 30 THR THR A . n 
A 1 28 ARG 28 31 31 ARG ARG A . n 
A 1 29 PHE 29 32 32 PHE PHE A . n 
A 1 30 HIS 30 33 33 HIS HIS A . n 
A 1 31 HIS 31 34 34 HIS HIS A . n 
A 1 32 SER 32 35 35 SER SER A . n 
A 1 33 GLU 33 36 36 GLU GLU A . n 
A 1 34 LYS 34 37 37 LYS LYS A . n 
A 1 35 LEU 35 38 38 LEU LEU A . n 
A 1 36 ASP 36 39 39 ASP ASP A . n 
A 1 37 LYS 37 40 40 LYS LYS A . n 
A 1 38 GLY 38 41 41 GLY GLY A . n 
A 1 39 GLU 39 42 42 GLU GLU A . n 
A 1 40 VAL 40 43 43 VAL VAL A . n 
A 1 41 LEU 41 44 44 LEU LEU A . n 
A 1 42 ILE 42 45 45 ILE ILE A . n 
A 1 43 ALA 43 46 46 ALA ALA A . n 
A 1 44 GLN 44 47 47 GLN GLN A . n 
A 1 45 PHE 45 48 48 PHE PHE A . n 
A 1 46 THR 46 49 49 THR THR A . n 
A 1 47 GLU 47 50 50 GLU GLU A . n 
A 1 48 HIS 48 51 51 HIS HIS A . n 
A 1 49 THR 49 52 52 THR THR A . n 
A 1 50 SER 50 53 53 SER SER A . n 
A 1 51 ALA 51 54 54 ALA ALA A . n 
A 1 52 ILE 52 55 55 ILE ILE A . n 
A 1 53 LYS 53 56 56 LYS LYS A . n 
A 1 54 VAL 54 57 57 VAL VAL A . n 
A 1 55 ARG 55 58 58 ARG ARG A . n 
A 1 56 GLY 56 59 59 GLY GLY A . n 
A 1 57 LYS 57 60 60 LYS LYS A . n 
A 1 58 ALA 58 61 61 ALA ALA A . n 
A 1 59 TYR 59 62 62 TYR TYR A . n 
A 1 60 ILE 60 63 63 ILE ILE A . n 
A 1 61 GLN 61 64 64 GLN GLN A . n 
A 1 62 THR 62 65 65 THR THR A . n 
A 1 63 ARG 63 66 66 ARG ARG A . n 
A 1 64 HIS 64 67 67 HIS HIS A . n 
A 1 65 GLY 65 68 68 GLY GLY A . n 
A 1 66 VAL 66 69 69 VAL VAL A . n 
A 1 67 ILE 67 70 ?  ?   ?   A . n 
A 1 68 GLU 68 71 ?  ?   ?   A . n 
A 1 69 SER 69 72 ?  ?   ?   A . n 
A 1 70 GLU 70 73 ?  ?   ?   A . n 
A 1 71 GLY 71 74 ?  ?   ?   A . n 
A 1 72 LYS 72 75 ?  ?   ?   A . n 
A 1 73 LYS 73 76 ?  ?   ?   A . n 
A 1 74 ALA 74 77 ?  ?   ?   A . n 
A 1 75 ALA 75 78 ?  ?   ?   A . n 
A 1 76 ALA 76 79 ?  ?   ?   A . n 
A 1 77 MET 77 80 ?  ?   ?   A . n 
B 1 1  TYR 1  4  ?  ?   ?   B . n 
B 1 2  THR 2  5  ?  ?   ?   B . n 
B 1 3  ASN 3  6  ?  ?   ?   B . n 
B 1 4  SER 4  7  7  SER SER B . n 
B 1 5  ASP 5  8  8  ASP ASP B . n 
B 1 6  PHE 6  9  9  PHE PHE B . n 
B 1 7  VAL 7  10 10 VAL VAL B . n 
B 1 8  VAL 8  11 11 VAL VAL B . n 
B 1 9  ILE 9  12 12 ILE ILE B . n 
B 1 10 LYS 10 13 13 LYS LYS B . n 
B 1 11 ALA 11 14 14 ALA ALA B . n 
B 1 12 LEU 12 15 15 LEU LEU B . n 
B 1 13 GLU 13 16 16 GLU GLU B . n 
B 1 14 ASP 14 17 17 ASP ASP B . n 
B 1 15 GLY 15 18 18 GLY GLY B . n 
B 1 16 VAL 16 19 19 VAL VAL B . n 
B 1 17 ASN 17 20 20 ASN ASN B . n 
B 1 18 VAL 18 21 21 VAL VAL B . n 
B 1 19 ILE 19 22 22 ILE ILE B . n 
B 1 20 GLY 20 23 23 GLY GLY B . n 
B 1 21 LEU 21 24 24 LEU LEU B . n 
B 1 22 THR 22 25 25 THR THR B . n 
B 1 23 ARG 23 26 26 ARG ARG B . n 
B 1 24 GLY 24 27 27 GLY GLY B . n 
B 1 25 ALA 25 28 28 ALA ALA B . n 
B 1 26 ASP 26 29 29 ASP ASP B . n 
B 1 27 THR 27 30 30 THR THR B . n 
B 1 28 ARG 28 31 31 ARG ARG B . n 
B 1 29 PHE 29 32 32 PHE PHE B . n 
B 1 30 HIS 30 33 33 HIS HIS B . n 
B 1 31 HIS 31 34 34 HIS HIS B . n 
B 1 32 SER 32 35 35 SER SER B . n 
B 1 33 GLU 33 36 36 GLU GLU B . n 
B 1 34 LYS 34 37 37 LYS LYS B . n 
B 1 35 LEU 35 38 38 LEU LEU B . n 
B 1 36 ASP 36 39 39 ASP ASP B . n 
B 1 37 LYS 37 40 40 LYS LYS B . n 
B 1 38 GLY 38 41 41 GLY GLY B . n 
B 1 39 GLU 39 42 42 GLU GLU B . n 
B 1 40 VAL 40 43 43 VAL VAL B . n 
B 1 41 LEU 41 44 44 LEU LEU B . n 
B 1 42 ILE 42 45 45 ILE ILE B . n 
B 1 43 ALA 43 46 46 ALA ALA B . n 
B 1 44 GLN 44 47 47 GLN GLN B . n 
B 1 45 PHE 45 48 48 PHE PHE B . n 
B 1 46 THR 46 49 49 THR THR B . n 
B 1 47 GLU 47 50 50 GLU GLU B . n 
B 1 48 HIS 48 51 51 HIS HIS B . n 
B 1 49 THR 49 52 52 THR THR B . n 
B 1 50 SER 50 53 53 SER SER B . n 
B 1 51 ALA 51 54 54 ALA ALA B . n 
B 1 52 ILE 52 55 55 ILE ILE B . n 
B 1 53 LYS 53 56 56 LYS LYS B . n 
B 1 54 VAL 54 57 57 VAL VAL B . n 
B 1 55 ARG 55 58 58 ARG ARG B . n 
B 1 56 GLY 56 59 59 GLY GLY B . n 
B 1 57 LYS 57 60 60 LYS LYS B . n 
B 1 58 ALA 58 61 61 ALA ALA B . n 
B 1 59 TYR 59 62 62 TYR TYR B . n 
B 1 60 ILE 60 63 63 ILE ILE B . n 
B 1 61 GLN 61 64 64 GLN GLN B . n 
B 1 62 THR 62 65 65 THR THR B . n 
B 1 63 ARG 63 66 66 ARG ARG B . n 
B 1 64 HIS 64 67 67 HIS HIS B . n 
B 1 65 GLY 65 68 68 GLY GLY B . n 
B 1 66 VAL 66 69 69 VAL VAL B . n 
B 1 67 ILE 67 70 70 ILE ILE B . n 
B 1 68 GLU 68 71 71 GLU GLU B . n 
B 1 69 SER 69 72 72 SER SER B . n 
B 1 70 GLU 70 73 ?  ?   ?   B . n 
B 1 71 GLY 71 74 ?  ?   ?   B . n 
B 1 72 LYS 72 75 ?  ?   ?   B . n 
B 1 73 LYS 73 76 ?  ?   ?   B . n 
B 1 74 ALA 74 77 ?  ?   ?   B . n 
B 1 75 ALA 75 78 ?  ?   ?   B . n 
B 1 76 ALA 76 79 ?  ?   ?   B . n 
B 1 77 MET 77 80 ?  ?   ?   B . n 
C 1 1  TYR 1  4  ?  ?   ?   C . n 
C 1 2  THR 2  5  ?  ?   ?   C . n 
C 1 3  ASN 3  6  ?  ?   ?   C . n 
C 1 4  SER 4  7  7  SER SER C . n 
C 1 5  ASP 5  8  8  ASP ASP C . n 
C 1 6  PHE 6  9  9  PHE PHE C . n 
C 1 7  VAL 7  10 10 VAL VAL C . n 
C 1 8  VAL 8  11 11 VAL VAL C . n 
C 1 9  ILE 9  12 12 ILE ILE C . n 
C 1 10 LYS 10 13 13 LYS LYS C . n 
C 1 11 ALA 11 14 14 ALA ALA C . n 
C 1 12 LEU 12 15 15 LEU LEU C . n 
C 1 13 GLU 13 16 16 GLU GLU C . n 
C 1 14 ASP 14 17 17 ASP ASP C . n 
C 1 15 GLY 15 18 18 GLY GLY C . n 
C 1 16 VAL 16 19 19 VAL VAL C . n 
C 1 17 ASN 17 20 20 ASN ASN C . n 
C 1 18 VAL 18 21 21 VAL VAL C . n 
C 1 19 ILE 19 22 22 ILE ILE C . n 
C 1 20 GLY 20 23 23 GLY GLY C . n 
C 1 21 LEU 21 24 24 LEU LEU C . n 
C 1 22 THR 22 25 25 THR THR C . n 
C 1 23 ARG 23 26 26 ARG ARG C . n 
C 1 24 GLY 24 27 27 GLY GLY C . n 
C 1 25 ALA 25 28 28 ALA ALA C . n 
C 1 26 ASP 26 29 29 ASP ASP C . n 
C 1 27 THR 27 30 30 THR THR C . n 
C 1 28 ARG 28 31 31 ARG ARG C . n 
C 1 29 PHE 29 32 32 PHE PHE C . n 
C 1 30 HIS 30 33 33 HIS HIS C . n 
C 1 31 HIS 31 34 34 HIS HIS C . n 
C 1 32 SER 32 35 35 SER SER C . n 
C 1 33 GLU 33 36 36 GLU GLU C . n 
C 1 34 LYS 34 37 37 LYS LYS C . n 
C 1 35 LEU 35 38 38 LEU LEU C . n 
C 1 36 ASP 36 39 39 ASP ASP C . n 
C 1 37 LYS 37 40 40 LYS LYS C . n 
C 1 38 GLY 38 41 41 GLY GLY C . n 
C 1 39 GLU 39 42 42 GLU GLU C . n 
C 1 40 VAL 40 43 43 VAL VAL C . n 
C 1 41 LEU 41 44 44 LEU LEU C . n 
C 1 42 ILE 42 45 45 ILE ILE C . n 
C 1 43 ALA 43 46 46 ALA ALA C . n 
C 1 44 GLN 44 47 47 GLN GLN C . n 
C 1 45 PHE 45 48 48 PHE PHE C . n 
C 1 46 THR 46 49 49 THR THR C . n 
C 1 47 GLU 47 50 50 GLU GLU C . n 
C 1 48 HIS 48 51 51 HIS HIS C . n 
C 1 49 THR 49 52 52 THR THR C . n 
C 1 50 SER 50 53 53 SER SER C . n 
C 1 51 ALA 51 54 54 ALA ALA C . n 
C 1 52 ILE 52 55 55 ILE ILE C . n 
C 1 53 LYS 53 56 56 LYS LYS C . n 
C 1 54 VAL 54 57 57 VAL VAL C . n 
C 1 55 ARG 55 58 58 ARG ARG C . n 
C 1 56 GLY 56 59 59 GLY GLY C . n 
C 1 57 LYS 57 60 60 LYS LYS C . n 
C 1 58 ALA 58 61 61 ALA ALA C . n 
C 1 59 TYR 59 62 62 TYR TYR C . n 
C 1 60 ILE 60 63 63 ILE ILE C . n 
C 1 61 GLN 61 64 64 GLN GLN C . n 
C 1 62 THR 62 65 65 THR THR C . n 
C 1 63 ARG 63 66 66 ARG ARG C . n 
C 1 64 HIS 64 67 67 HIS HIS C . n 
C 1 65 GLY 65 68 68 GLY GLY C . n 
C 1 66 VAL 66 69 69 VAL VAL C . n 
C 1 67 ILE 67 70 70 ILE ILE C . n 
C 1 68 GLU 68 71 71 GLU GLU C . n 
C 1 69 SER 69 72 72 SER SER C . n 
C 1 70 GLU 70 73 ?  ?   ?   C . n 
C 1 71 GLY 71 74 ?  ?   ?   C . n 
C 1 72 LYS 72 75 ?  ?   ?   C . n 
C 1 73 LYS 73 76 ?  ?   ?   C . n 
C 1 74 ALA 74 77 ?  ?   ?   C . n 
C 1 75 ALA 75 78 ?  ?   ?   C . n 
C 1 76 ALA 76 79 ?  ?   ?   C . n 
C 1 77 MET 77 80 ?  ?   ?   C . n 
# 
loop_
_pdbx_nonpoly_scheme.asym_id 
_pdbx_nonpoly_scheme.entity_id 
_pdbx_nonpoly_scheme.mon_id 
_pdbx_nonpoly_scheme.ndb_seq_num 
_pdbx_nonpoly_scheme.pdb_seq_num 
_pdbx_nonpoly_scheme.auth_seq_num 
_pdbx_nonpoly_scheme.pdb_mon_id 
_pdbx_nonpoly_scheme.auth_mon_id 
_pdbx_nonpoly_scheme.pdb_strand_id 
_pdbx_nonpoly_scheme.pdb_ins_code 
D 2 TRP 1  100  100 TRP TRP B . 
E 2 TRP 1  1100 100 TRP TRP B . 
F 2 TRP 1  2100 100 TRP TRP B . 
G 3 HOH 1  81   1   HOH HOH A . 
G 3 HOH 2  82   2   HOH HOH A . 
G 3 HOH 3  83   4   HOH HOH A . 
G 3 HOH 4  84   6   HOH HOH A . 
G 3 HOH 5  85   11  HOH HOH A . 
G 3 HOH 6  86   15  HOH HOH A . 
G 3 HOH 7  87   18  HOH HOH A . 
G 3 HOH 8  88   23  HOH HOH A . 
G 3 HOH 9  89   24  HOH HOH A . 
G 3 HOH 10 90   27  HOH HOH A . 
G 3 HOH 11 91   31  HOH HOH A . 
G 3 HOH 12 92   32  HOH HOH A . 
G 3 HOH 13 93   34  HOH HOH A . 
G 3 HOH 14 94   36  HOH HOH A . 
G 3 HOH 15 95   38  HOH HOH A . 
G 3 HOH 16 96   39  HOH HOH A . 
G 3 HOH 17 97   41  HOH HOH A . 
G 3 HOH 18 98   42  HOH HOH A . 
G 3 HOH 19 99   45  HOH HOH A . 
G 3 HOH 20 100  49  HOH HOH A . 
G 3 HOH 21 101  51  HOH HOH A . 
G 3 HOH 22 102  53  HOH HOH A . 
G 3 HOH 23 103  56  HOH HOH A . 
G 3 HOH 24 104  57  HOH HOH A . 
G 3 HOH 25 105  59  HOH HOH A . 
G 3 HOH 26 106  62  HOH HOH A . 
G 3 HOH 27 107  64  HOH HOH A . 
H 3 HOH 1  2101 5   HOH HOH B . 
H 3 HOH 2  2102 7   HOH HOH B . 
H 3 HOH 3  2103 8   HOH HOH B . 
H 3 HOH 4  2104 9   HOH HOH B . 
H 3 HOH 5  2105 10  HOH HOH B . 
H 3 HOH 6  2106 12  HOH HOH B . 
H 3 HOH 7  2107 17  HOH HOH B . 
H 3 HOH 8  2108 19  HOH HOH B . 
H 3 HOH 9  2109 22  HOH HOH B . 
H 3 HOH 10 2110 29  HOH HOH B . 
H 3 HOH 11 2111 35  HOH HOH B . 
H 3 HOH 12 2112 37  HOH HOH B . 
H 3 HOH 13 2113 44  HOH HOH B . 
H 3 HOH 14 2114 46  HOH HOH B . 
H 3 HOH 15 2115 47  HOH HOH B . 
H 3 HOH 16 2116 48  HOH HOH B . 
H 3 HOH 17 2117 50  HOH HOH B . 
H 3 HOH 18 2118 52  HOH HOH B . 
H 3 HOH 19 2119 58  HOH HOH B . 
H 3 HOH 20 2120 60  HOH HOH B . 
H 3 HOH 21 2121 61  HOH HOH B . 
H 3 HOH 22 2122 65  HOH HOH B . 
I 3 HOH 1  81   3   HOH HOH C . 
I 3 HOH 2  82   13  HOH HOH C . 
I 3 HOH 3  83   14  HOH HOH C . 
I 3 HOH 4  84   16  HOH HOH C . 
I 3 HOH 5  85   20  HOH HOH C . 
I 3 HOH 6  86   21  HOH HOH C . 
I 3 HOH 7  87   25  HOH HOH C . 
I 3 HOH 8  88   26  HOH HOH C . 
I 3 HOH 9  89   28  HOH HOH C . 
I 3 HOH 10 90   30  HOH HOH C . 
I 3 HOH 11 91   33  HOH HOH C . 
I 3 HOH 12 92   40  HOH HOH C . 
I 3 HOH 13 93   43  HOH HOH C . 
I 3 HOH 14 94   54  HOH HOH C . 
I 3 HOH 15 95   55  HOH HOH C . 
I 3 HOH 16 96   63  HOH HOH C . 
# 
loop_
_software.name 
_software.classification 
_software.version 
_software.citation_id 
_software.pdbx_ordinal 
REFMAC    refinement       5.1.19 ? 1 
HKL-2000  'data reduction' .      ? 2 
SCALEPACK 'data scaling'   .      ? 3 
MOLREP    phasing          .      ? 4 
# 
_cell.entry_id           2EXT 
_cell.length_a           109.789 
_cell.length_b           109.789 
_cell.length_c           36.871 
_cell.angle_alpha        90.00 
_cell.angle_beta         90.00 
_cell.angle_gamma        90.00 
_cell.Z_PDB              24 
_cell.pdbx_unique_axis   ? 
_cell.length_a_esd       ? 
_cell.length_b_esd       ? 
_cell.length_c_esd       ? 
_cell.angle_alpha_esd    ? 
_cell.angle_beta_esd     ? 
_cell.angle_gamma_esd    ? 
# 
_symmetry.entry_id                         2EXT 
_symmetry.space_group_name_H-M             'P 4 21 2' 
_symmetry.pdbx_full_space_group_name_H-M   ? 
_symmetry.cell_setting                     ? 
_symmetry.Int_Tables_number                90 
_symmetry.space_group_name_Hall            ? 
# 
_exptl.entry_id          2EXT 
_exptl.method            'X-RAY DIFFRACTION' 
_exptl.crystals_number   1 
# 
_exptl_crystal.id                    1 
_exptl_crystal.density_meas          ? 
_exptl_crystal.density_Matthews      2.19 
_exptl_crystal.density_percent_sol   43.74 
_exptl_crystal.description           ? 
_exptl_crystal.F_000                 ? 
_exptl_crystal.preparation           ? 
# 
_exptl_crystal_grow.crystal_id      1 
_exptl_crystal_grow.method          'VAPOR DIFFUSION, HANGING DROP' 
_exptl_crystal_grow.temp            293 
_exptl_crystal_grow.temp_details    ? 
_exptl_crystal_grow.pH              9.5 
_exptl_crystal_grow.pdbx_details    
'40% PEG 200, 90mM CAPS, 200mM ammonium sulphate, pH 9.5, VAPOR DIFFUSION, HANGING DROP, temperature 293K' 
_exptl_crystal_grow.pdbx_pH_range   . 
# 
_diffrn.id                     1 
_diffrn.ambient_temp           100 
_diffrn.ambient_temp_details   ? 
_diffrn.crystal_id             1 
# 
_diffrn_detector.diffrn_id              1 
_diffrn_detector.detector               CCD 
_diffrn_detector.type                   'ADSC QUANTUM 315' 
_diffrn_detector.pdbx_collection_date   ? 
_diffrn_detector.details                ? 
# 
_diffrn_radiation.diffrn_id                        1 
_diffrn_radiation.wavelength_id                    1 
_diffrn_radiation.pdbx_monochromatic_or_laue_m_l   M 
_diffrn_radiation.monochromator                    'Si 111' 
_diffrn_radiation.pdbx_diffrn_protocol             'SINGLE WAVELENGTH' 
_diffrn_radiation.pdbx_scattering_type             x-ray 
# 
_diffrn_radiation_wavelength.id           1 
_diffrn_radiation_wavelength.wavelength   1.0000 
_diffrn_radiation_wavelength.wt           1.0 
# 
_diffrn_source.diffrn_id                   1 
_diffrn_source.source                      SYNCHROTRON 
_diffrn_source.type                        'PHOTON FACTORY BEAMLINE BL-5A' 
_diffrn_source.pdbx_synchrotron_site       'Photon Factory' 
_diffrn_source.pdbx_synchrotron_beamline   BL-5A 
_diffrn_source.pdbx_wavelength             ? 
_diffrn_source.pdbx_wavelength_list        1.0000 
# 
_reflns.entry_id                     2EXT 
_reflns.observed_criterion_sigma_I   0 
_reflns.observed_criterion_sigma_F   0 
_reflns.d_resolution_low             50 
_reflns.d_resolution_high            1.8 
_reflns.number_obs                   276410 
_reflns.number_all                   ? 
_reflns.percent_possible_obs         99.8 
_reflns.pdbx_Rmerge_I_obs            0.076 
_reflns.pdbx_Rsym_value              ? 
_reflns.pdbx_netI_over_sigmaI        13.0 
_reflns.B_iso_Wilson_estimate        ? 
_reflns.pdbx_redundancy              12.8 
_reflns.R_free_details               ? 
_reflns.limit_h_max                  ? 
_reflns.limit_h_min                  ? 
_reflns.limit_k_max                  ? 
_reflns.limit_k_min                  ? 
_reflns.limit_l_max                  ? 
_reflns.limit_l_min                  ? 
_reflns.observed_criterion_F_max     ? 
_reflns.observed_criterion_F_min     ? 
_reflns.pdbx_chi_squared             ? 
_reflns.pdbx_scaling_rejects         ? 
_reflns.pdbx_ordinal                 1 
_reflns.pdbx_diffrn_id               1 
# 
_reflns_shell.d_res_high             1.8 
_reflns_shell.d_res_low              ? 
_reflns_shell.percent_possible_all   99.1 
_reflns_shell.Rmerge_I_obs           ? 
_reflns_shell.pdbx_Rsym_value        ? 
_reflns_shell.meanI_over_sigI_obs    ? 
_reflns_shell.pdbx_redundancy        ? 
_reflns_shell.percent_possible_obs   ? 
_reflns_shell.number_unique_all      ? 
_reflns_shell.number_measured_all    ? 
_reflns_shell.number_measured_obs    ? 
_reflns_shell.number_unique_obs      ? 
_reflns_shell.pdbx_chi_squared       ? 
_reflns_shell.pdbx_ordinal           1 
_reflns_shell.pdbx_diffrn_id         1 
# 
_refine.entry_id                                 2EXT 
_refine.ls_number_reflns_obs                     20398 
_refine.ls_number_reflns_all                     20398 
_refine.pdbx_ls_sigma_I                          0 
_refine.pdbx_ls_sigma_F                          0 
_refine.pdbx_data_cutoff_high_absF               ? 
_refine.pdbx_data_cutoff_low_absF                ? 
_refine.pdbx_data_cutoff_high_rms_absF           ? 
_refine.ls_d_res_low                             34.71 
_refine.ls_d_res_high                            1.80 
_refine.ls_percent_reflns_obs                    100.00 
_refine.ls_R_factor_obs                          0.19228 
_refine.ls_R_factor_all                          ? 
_refine.ls_R_factor_R_work                       0.19093 
_refine.ls_R_factor_R_free                       0.21802 
_refine.ls_R_factor_R_free_error                 ? 
_refine.ls_R_factor_R_free_error_details         ? 
_refine.ls_percent_reflns_R_free                 5.1 
_refine.ls_number_reflns_R_free                  1103 
_refine.ls_number_parameters                     ? 
_refine.ls_number_restraints                     ? 
_refine.occupancy_min                            ? 
_refine.occupancy_max                            ? 
_refine.correlation_coeff_Fo_to_Fc               0.945 
_refine.correlation_coeff_Fo_to_Fc_free          0.936 
_refine.B_iso_mean                               19.477 
_refine.aniso_B[1][1]                            -0.46 
_refine.aniso_B[2][2]                            -0.46 
_refine.aniso_B[3][3]                            0.92 
_refine.aniso_B[1][2]                            0.00 
_refine.aniso_B[1][3]                            0.00 
_refine.aniso_B[2][3]                            0.00 
_refine.solvent_model_details                    'BABINET MODEL WITH MASK' 
_refine.solvent_model_param_ksol                 ? 
_refine.solvent_model_param_bsol                 ? 
_refine.pdbx_solvent_vdw_probe_radii             1.40 
_refine.pdbx_solvent_ion_probe_radii             0.80 
_refine.pdbx_solvent_shrinkage_radii             0.80 
_refine.pdbx_ls_cross_valid_method               THROUGHOUT 
_refine.details                                  ? 
_refine.pdbx_starting_model                      ? 
_refine.pdbx_method_to_determine_struct          'MOLECULAR REPLACEMENT' 
_refine.pdbx_isotropic_thermal_model             ? 
_refine.pdbx_stereochemistry_target_values       'MAXIMUM LIKELIHOOD' 
_refine.pdbx_stereochem_target_val_spec_case     ? 
_refine.pdbx_R_Free_selection_details            RANDOM 
_refine.pdbx_overall_ESU_R                       0.120 
_refine.pdbx_overall_ESU_R_Free                  0.113 
_refine.overall_SU_ML                            0.067 
_refine.overall_SU_B                             2.120 
_refine.ls_redundancy_reflns_obs                 ? 
_refine.B_iso_min                                ? 
_refine.B_iso_max                                ? 
_refine.overall_SU_R_Cruickshank_DPI             ? 
_refine.overall_SU_R_free                        ? 
_refine.ls_wR_factor_R_free                      ? 
_refine.ls_wR_factor_R_work                      ? 
_refine.overall_FOM_free_R_set                   ? 
_refine.overall_FOM_work_R_set                   ? 
_refine.pdbx_refine_id                           'X-RAY DIFFRACTION' 
_refine.pdbx_diffrn_id                           1 
_refine.pdbx_TLS_residual_ADP_flag               ? 
_refine.pdbx_overall_phase_error                 ? 
_refine.pdbx_overall_SU_R_free_Cruickshank_DPI   ? 
_refine.pdbx_overall_SU_R_Blow_DPI               ? 
_refine.pdbx_overall_SU_R_free_Blow_DPI          ? 
# 
_refine_hist.pdbx_refine_id                   'X-RAY DIFFRACTION' 
_refine_hist.cycle_id                         LAST 
_refine_hist.pdbx_number_atoms_protein        1519 
_refine_hist.pdbx_number_atoms_nucleic_acid   0 
_refine_hist.pdbx_number_atoms_ligand         45 
_refine_hist.number_atoms_solvent             65 
_refine_hist.number_atoms_total               1629 
_refine_hist.d_res_high                       1.80 
_refine_hist.d_res_low                        34.71 
# 
loop_
_refine_ls_restr.type 
_refine_ls_restr.dev_ideal 
_refine_ls_restr.dev_ideal_target 
_refine_ls_restr.weight 
_refine_ls_restr.number 
_refine_ls_restr.pdbx_refine_id 
_refine_ls_restr.pdbx_restraint_function 
r_bond_refined_d             0.014 0.021 ? 1588 'X-RAY DIFFRACTION' ? 
r_bond_other_d               ?     ?     ? ?    'X-RAY DIFFRACTION' ? 
r_angle_refined_deg          1.414 1.918 ? 2132 'X-RAY DIFFRACTION' ? 
r_angle_other_deg            ?     ?     ? ?    'X-RAY DIFFRACTION' ? 
r_dihedral_angle_1_deg       6.976 5.000 ? 192  'X-RAY DIFFRACTION' ? 
r_dihedral_angle_2_deg       ?     ?     ? ?    'X-RAY DIFFRACTION' ? 
r_dihedral_angle_3_deg       ?     ?     ? ?    'X-RAY DIFFRACTION' ? 
r_dihedral_angle_4_deg       ?     ?     ? ?    'X-RAY DIFFRACTION' ? 
r_chiral_restr               0.121 0.200 ? 245  'X-RAY DIFFRACTION' ? 
r_gen_planes_refined         0.006 0.020 ? 1169 'X-RAY DIFFRACTION' ? 
r_gen_planes_other           ?     ?     ? ?    'X-RAY DIFFRACTION' ? 
r_nbd_refined                0.187 0.200 ? 507  'X-RAY DIFFRACTION' ? 
r_nbd_other                  ?     ?     ? ?    'X-RAY DIFFRACTION' ? 
r_nbtor_refined              ?     ?     ? ?    'X-RAY DIFFRACTION' ? 
r_nbtor_other                ?     ?     ? ?    'X-RAY DIFFRACTION' ? 
r_xyhbond_nbd_refined        0.123 0.200 ? 88   'X-RAY DIFFRACTION' ? 
r_xyhbond_nbd_other          ?     ?     ? ?    'X-RAY DIFFRACTION' ? 
r_metal_ion_refined          ?     ?     ? ?    'X-RAY DIFFRACTION' ? 
r_metal_ion_other            ?     ?     ? ?    'X-RAY DIFFRACTION' ? 
r_symmetry_vdw_refined       0.149 0.200 ? 47   'X-RAY DIFFRACTION' ? 
r_symmetry_vdw_other         ?     ?     ? ?    'X-RAY DIFFRACTION' ? 
r_symmetry_hbond_refined     0.085 0.200 ? 18   'X-RAY DIFFRACTION' ? 
r_symmetry_hbond_other       ?     ?     ? ?    'X-RAY DIFFRACTION' ? 
r_symmetry_metal_ion_refined ?     ?     ? ?    'X-RAY DIFFRACTION' ? 
r_symmetry_metal_ion_other   ?     ?     ? ?    'X-RAY DIFFRACTION' ? 
r_mcbond_it                  0.945 1.500 ? 969  'X-RAY DIFFRACTION' ? 
r_mcbond_other               ?     ?     ? ?    'X-RAY DIFFRACTION' ? 
r_mcangle_it                 1.765 2.000 ? 1553 'X-RAY DIFFRACTION' ? 
r_scbond_it                  2.945 3.000 ? 619  'X-RAY DIFFRACTION' ? 
r_scangle_it                 5.126 4.500 ? 579  'X-RAY DIFFRACTION' ? 
r_rigid_bond_restr           ?     ?     ? ?    'X-RAY DIFFRACTION' ? 
r_sphericity_free            ?     ?     ? ?    'X-RAY DIFFRACTION' ? 
r_sphericity_bonded          ?     ?     ? ?    'X-RAY DIFFRACTION' ? 
# 
_refine_ls_shell.pdbx_total_number_of_bins_used   20 
_refine_ls_shell.d_res_high                       1.800 
_refine_ls_shell.d_res_low                        1.847 
_refine_ls_shell.number_reflns_R_work             1492 
_refine_ls_shell.R_factor_R_work                  0.195 
_refine_ls_shell.percent_reflns_obs               ? 
_refine_ls_shell.R_factor_R_free                  0.271 
_refine_ls_shell.R_factor_R_free_error            ? 
_refine_ls_shell.percent_reflns_R_free            ? 
_refine_ls_shell.number_reflns_R_free             81 
_refine_ls_shell.number_reflns_all                ? 
_refine_ls_shell.R_factor_all                     ? 
_refine_ls_shell.number_reflns_obs                ? 
_refine_ls_shell.redundancy_reflns_obs            ? 
_refine_ls_shell.pdbx_refine_id                   'X-RAY DIFFRACTION' 
# 
_struct.entry_id                  2EXT 
_struct.title                     'TRAP4 (engineered TRAP)' 
_struct.pdbx_model_details        ? 
_struct.pdbx_CASP_flag            ? 
_struct.pdbx_model_type_details   ? 
# 
_struct_keywords.entry_id        2EXT 
_struct_keywords.pdbx_keywords   'RNA BINDING PROTEIN' 
_struct_keywords.text            'ARTIFICIAL, ENGINEERED, RING PROTEIN, 12-mer, RNA BINDING PROTEIN' 
# 
loop_
_struct_asym.id 
_struct_asym.pdbx_blank_PDB_chainid_flag 
_struct_asym.pdbx_modified 
_struct_asym.entity_id 
_struct_asym.details 
A N N 1 ? 
B N N 1 ? 
C N N 1 ? 
D N N 2 ? 
E N N 2 ? 
F N N 2 ? 
G N N 3 ? 
H N N 3 ? 
I N N 3 ? 
# 
_struct_ref.id                         1 
_struct_ref.db_name                    UNP 
_struct_ref.db_code                    MTRB_BACST 
_struct_ref.pdbx_db_accession          Q9X6J6 
_struct_ref.entity_id                  1 
_struct_ref.pdbx_align_begin           2 
_struct_ref.pdbx_db_isoform            ? 
_struct_ref.pdbx_seq_one_letter_code   ? 
# 
loop_
_struct_ref_seq.align_id 
_struct_ref_seq.ref_id 
_struct_ref_seq.pdbx_PDB_id_code 
_struct_ref_seq.pdbx_strand_id 
_struct_ref_seq.seq_align_beg 
_struct_ref_seq.pdbx_seq_align_beg_ins_code 
_struct_ref_seq.seq_align_end 
_struct_ref_seq.pdbx_seq_align_end_ins_code 
_struct_ref_seq.pdbx_db_accession 
_struct_ref_seq.db_align_beg 
_struct_ref_seq.pdbx_db_align_beg_ins_code 
_struct_ref_seq.db_align_end 
_struct_ref_seq.pdbx_db_align_end_ins_code 
_struct_ref_seq.pdbx_auth_seq_align_beg 
_struct_ref_seq.pdbx_auth_seq_align_end 
1 1 2EXT A 1 ? 73 ? Q9X6J6 2 ? 74 ? 4 76 
2 1 2EXT B 1 ? 73 ? Q9X6J6 2 ? 74 ? 4 76 
3 1 2EXT C 1 ? 73 ? Q9X6J6 2 ? 74 ? 4 76 
# 
loop_
_struct_ref_seq_dif.align_id 
_struct_ref_seq_dif.pdbx_pdb_id_code 
_struct_ref_seq_dif.mon_id 
_struct_ref_seq_dif.pdbx_pdb_strand_id 
_struct_ref_seq_dif.seq_num 
_struct_ref_seq_dif.pdbx_pdb_ins_code 
_struct_ref_seq_dif.pdbx_seq_db_name 
_struct_ref_seq_dif.pdbx_seq_db_accession_code 
_struct_ref_seq_dif.db_mon_id 
_struct_ref_seq_dif.pdbx_seq_db_seq_num 
_struct_ref_seq_dif.details 
_struct_ref_seq_dif.pdbx_auth_seq_num 
_struct_ref_seq_dif.pdbx_ordinal 
1 2EXT ALA A 74 ? UNP Q9X6J6 ? ? linker 77 1  
1 2EXT ALA A 75 ? UNP Q9X6J6 ? ? linker 78 2  
1 2EXT ALA A 76 ? UNP Q9X6J6 ? ? linker 79 3  
1 2EXT MET A 77 ? UNP Q9X6J6 ? ? linker 80 4  
2 2EXT ALA B 74 ? UNP Q9X6J6 ? ? linker 77 5  
2 2EXT ALA B 75 ? UNP Q9X6J6 ? ? linker 78 6  
2 2EXT ALA B 76 ? UNP Q9X6J6 ? ? linker 79 7  
2 2EXT MET B 77 ? UNP Q9X6J6 ? ? linker 80 8  
3 2EXT ALA C 74 ? UNP Q9X6J6 ? ? linker 77 9  
3 2EXT ALA C 75 ? UNP Q9X6J6 ? ? linker 78 10 
3 2EXT ALA C 76 ? UNP Q9X6J6 ? ? linker 79 11 
3 2EXT MET C 77 ? UNP Q9X6J6 ? ? linker 80 12 
# 
_pdbx_struct_assembly.id                   1 
_pdbx_struct_assembly.details              author_and_software_defined_assembly 
_pdbx_struct_assembly.method_details       PISA,PQS 
_pdbx_struct_assembly.oligomeric_details   dodecameric 
_pdbx_struct_assembly.oligomeric_count     12 
# 
loop_
_pdbx_struct_assembly_prop.biol_id 
_pdbx_struct_assembly_prop.type 
_pdbx_struct_assembly_prop.value 
_pdbx_struct_assembly_prop.details 
1 'ABSA (A^2)' 26520 ? 
1 MORE         -92   ? 
1 'SSA (A^2)'  29950 ? 
# 
_pdbx_struct_assembly_gen.assembly_id       1 
_pdbx_struct_assembly_gen.oper_expression   1,2,3,4 
_pdbx_struct_assembly_gen.asym_id_list      A,B,C,D,E,F,G,H,I 
# 
loop_
_pdbx_struct_oper_list.id 
_pdbx_struct_oper_list.type 
_pdbx_struct_oper_list.name 
_pdbx_struct_oper_list.symmetry_operation 
_pdbx_struct_oper_list.matrix[1][1] 
_pdbx_struct_oper_list.matrix[1][2] 
_pdbx_struct_oper_list.matrix[1][3] 
_pdbx_struct_oper_list.vector[1] 
_pdbx_struct_oper_list.matrix[2][1] 
_pdbx_struct_oper_list.matrix[2][2] 
_pdbx_struct_oper_list.matrix[2][3] 
_pdbx_struct_oper_list.vector[2] 
_pdbx_struct_oper_list.matrix[3][1] 
_pdbx_struct_oper_list.matrix[3][2] 
_pdbx_struct_oper_list.matrix[3][3] 
_pdbx_struct_oper_list.vector[3] 
1 'identity operation'         1_555 x,y,z          1.0000000000  0.0000000000  0.0000000000 0.0000000000   0.0000000000  1.0000000000  0.0000000000  0.0000000000   0.0000000000 0.0000000000  1.0000000000 0.0000000000  
2 'crystal symmetry operation' 2_675 -x+1,-y+2,z    -0.2387934711 -0.1745332613 0.9552569387 -41.0764435316 -0.1745332613 -0.9599821360 -0.2190261152 0.9114639588   0.9552569387 -0.2190261152 0.1987756071 32.8987275643 
3 'crystal symmetry operation' 3_655 -y+3/2,x+1/2,z 0.3806032645  0.6869347666  0.6190814013 -23.2178608379 -0.8614680280 0.0200089320  0.5074174607  -25.5931025340 0.3361755373 -0.7264435760 0.5993878036 13.8253270612 
4 'crystal symmetry operation' 4_465 y-1/2,-x+3/2,z 0.3806032645  -0.8614680280 0.3361755373 -17.8585826937 0.6869347666  0.0200089320  -0.7264435760 26.5045664928  0.6190814013 0.5074174607  0.5993878036 19.0734005031 
# 
_struct_biol.id   1 
# 
loop_
_struct_sheet.id 
_struct_sheet.type 
_struct_sheet.number_strands 
_struct_sheet.details 
A ? 3 ? 
B ? 7 ? 
C ? 7 ? 
D ? 3 ? 
# 
loop_
_struct_sheet_order.sheet_id 
_struct_sheet_order.range_id_1 
_struct_sheet_order.range_id_2 
_struct_sheet_order.offset 
_struct_sheet_order.sense 
A 1 2 ? anti-parallel 
A 2 3 ? anti-parallel 
B 1 2 ? anti-parallel 
B 2 3 ? anti-parallel 
B 3 4 ? anti-parallel 
B 4 5 ? anti-parallel 
B 5 6 ? anti-parallel 
B 6 7 ? anti-parallel 
C 1 2 ? anti-parallel 
C 2 3 ? anti-parallel 
C 3 4 ? anti-parallel 
C 4 5 ? anti-parallel 
C 5 6 ? anti-parallel 
C 6 7 ? anti-parallel 
D 1 2 ? anti-parallel 
D 2 3 ? anti-parallel 
# 
loop_
_struct_sheet_range.sheet_id 
_struct_sheet_range.id 
_struct_sheet_range.beg_label_comp_id 
_struct_sheet_range.beg_label_asym_id 
_struct_sheet_range.beg_label_seq_id 
_struct_sheet_range.pdbx_beg_PDB_ins_code 
_struct_sheet_range.end_label_comp_id 
_struct_sheet_range.end_label_asym_id 
_struct_sheet_range.end_label_seq_id 
_struct_sheet_range.pdbx_end_PDB_ins_code 
_struct_sheet_range.beg_auth_comp_id 
_struct_sheet_range.beg_auth_asym_id 
_struct_sheet_range.beg_auth_seq_id 
_struct_sheet_range.end_auth_comp_id 
_struct_sheet_range.end_auth_asym_id 
_struct_sheet_range.end_auth_seq_id 
A 1 VAL A 40 ? GLN A 44 ? VAL A 43 GLN A 47 
A 2 PHE A 6  ? ALA A 11 ? PHE A 9  ALA A 14 
A 3 ALA A 58 ? GLN A 61 ? ALA A 61 GLN A 64 
B 1 PHE A 29 ? LEU A 35 ? PHE A 32 LEU A 38 
B 2 VAL A 16 ? THR A 22 ? VAL A 19 THR A 25 
B 3 THR A 49 ? ARG A 55 ? THR A 52 ARG A 58 
B 4 VAL B 40 ? GLN B 44 ? VAL B 43 GLN B 47 
B 5 PHE B 6  ? ALA B 11 ? PHE B 9  ALA B 14 
B 6 ALA B 58 ? THR B 62 ? ALA B 61 THR B 65 
B 7 GLY B 65 ? GLU B 68 ? GLY B 68 GLU B 71 
C 1 PHE B 29 ? LEU B 35 ? PHE B 32 LEU B 38 
C 2 VAL B 16 ? THR B 22 ? VAL B 19 THR B 25 
C 3 THR B 49 ? ARG B 55 ? THR B 52 ARG B 58 
C 4 VAL C 40 ? GLN C 44 ? VAL C 43 GLN C 47 
C 5 PHE C 6  ? ALA C 11 ? PHE C 9  ALA C 14 
C 6 ALA C 58 ? THR C 62 ? ALA C 61 THR C 65 
C 7 GLY C 65 ? GLU C 68 ? GLY C 68 GLU C 71 
D 1 PHE C 29 ? LEU C 35 ? PHE C 32 LEU C 38 
D 2 VAL C 16 ? THR C 22 ? VAL C 19 THR C 25 
D 3 THR C 49 ? ARG C 55 ? THR C 52 ARG C 58 
# 
loop_
_pdbx_struct_sheet_hbond.sheet_id 
_pdbx_struct_sheet_hbond.range_id_1 
_pdbx_struct_sheet_hbond.range_id_2 
_pdbx_struct_sheet_hbond.range_1_label_atom_id 
_pdbx_struct_sheet_hbond.range_1_label_comp_id 
_pdbx_struct_sheet_hbond.range_1_label_asym_id 
_pdbx_struct_sheet_hbond.range_1_label_seq_id 
_pdbx_struct_sheet_hbond.range_1_PDB_ins_code 
_pdbx_struct_sheet_hbond.range_1_auth_atom_id 
_pdbx_struct_sheet_hbond.range_1_auth_comp_id 
_pdbx_struct_sheet_hbond.range_1_auth_asym_id 
_pdbx_struct_sheet_hbond.range_1_auth_seq_id 
_pdbx_struct_sheet_hbond.range_2_label_atom_id 
_pdbx_struct_sheet_hbond.range_2_label_comp_id 
_pdbx_struct_sheet_hbond.range_2_label_asym_id 
_pdbx_struct_sheet_hbond.range_2_label_seq_id 
_pdbx_struct_sheet_hbond.range_2_PDB_ins_code 
_pdbx_struct_sheet_hbond.range_2_auth_atom_id 
_pdbx_struct_sheet_hbond.range_2_auth_comp_id 
_pdbx_struct_sheet_hbond.range_2_auth_asym_id 
_pdbx_struct_sheet_hbond.range_2_auth_seq_id 
A 1 2 O LEU A 41 ? O LEU A 44 N ILE A 9  ? N ILE A 12 
A 2 3 N LYS A 10 ? N LYS A 13 O TYR A 59 ? O TYR A 62 
B 1 2 O HIS A 31 ? O HIS A 34 N GLY A 20 ? N GLY A 23 
B 2 3 N ILE A 19 ? N ILE A 22 O LYS A 53 ? O LYS A 56 
B 3 4 N ILE A 52 ? N ILE A 55 O ILE B 42 ? O ILE B 45 
B 4 5 O LEU B 41 ? O LEU B 44 N ILE B 9  ? N ILE B 12 
B 5 6 N LYS B 10 ? N LYS B 13 O TYR B 59 ? O TYR B 62 
B 6 7 N ILE B 60 ? N ILE B 63 O ILE B 67 ? O ILE B 70 
C 1 2 O GLU B 33 ? O GLU B 36 N VAL B 18 ? N VAL B 21 
C 2 3 N ILE B 19 ? N ILE B 22 O LYS B 53 ? O LYS B 56 
C 3 4 N ILE B 52 ? N ILE B 55 O ILE C 42 ? O ILE C 45 
C 4 5 O LEU C 41 ? O LEU C 44 N ILE C 9  ? N ILE C 12 
C 5 6 N LYS C 10 ? N LYS C 13 O TYR C 59 ? O TYR C 62 
C 6 7 N ILE C 60 ? N ILE C 63 O ILE C 67 ? O ILE C 70 
D 1 2 O GLU C 33 ? O GLU C 36 N VAL C 18 ? N VAL C 21 
D 2 3 N ILE C 19 ? N ILE C 22 O LYS C 53 ? O LYS C 56 
# 
loop_
_struct_site.id 
_struct_site.pdbx_evidence_code 
_struct_site.pdbx_auth_asym_id 
_struct_site.pdbx_auth_comp_id 
_struct_site.pdbx_auth_seq_id 
_struct_site.pdbx_auth_ins_code 
_struct_site.pdbx_num_residues 
_struct_site.details 
AC1 Software B TRP 100  ? 11 'BINDING SITE FOR RESIDUE TRP B 100'  
AC2 Software B TRP 1100 ? 11 'BINDING SITE FOR RESIDUE TRP B 1100' 
AC3 Software B TRP 2100 ? 11 'BINDING SITE FOR RESIDUE TRP B 2100' 
# 
loop_
_struct_site_gen.id 
_struct_site_gen.site_id 
_struct_site_gen.pdbx_num_res 
_struct_site_gen.label_comp_id 
_struct_site_gen.label_asym_id 
_struct_site_gen.label_seq_id 
_struct_site_gen.pdbx_auth_ins_code 
_struct_site_gen.auth_comp_id 
_struct_site_gen.auth_asym_id 
_struct_site_gen.auth_seq_id 
_struct_site_gen.label_atom_id 
_struct_site_gen.label_alt_id 
_struct_site_gen.symmetry 
_struct_site_gen.details 
1  AC1 11 GLY A 20 ? GLY A 23   . ? 1_555 ? 
2  AC1 11 GLN A 44 ? GLN A 47   . ? 1_555 ? 
3  AC1 11 THR A 46 ? THR A 49   . ? 1_555 ? 
4  AC1 11 THR A 49 ? THR A 52   . ? 1_555 ? 
5  AC1 11 HOH G .  ? HOH A 82   . ? 1_555 ? 
6  AC1 11 THR C 22 ? THR C 25   . ? 4_465 ? 
7  AC1 11 ARG C 23 ? ARG C 26   . ? 4_465 ? 
8  AC1 11 GLY C 24 ? GLY C 27   . ? 4_465 ? 
9  AC1 11 ASP C 26 ? ASP C 29   . ? 4_465 ? 
10 AC1 11 THR C 27 ? THR C 30   . ? 4_465 ? 
11 AC1 11 SER C 50 ? SER C 53   . ? 4_465 ? 
12 AC2 11 THR A 22 ? THR A 25   . ? 1_555 ? 
13 AC2 11 ARG A 23 ? ARG A 26   . ? 1_555 ? 
14 AC2 11 GLY A 24 ? GLY A 27   . ? 1_555 ? 
15 AC2 11 ASP A 26 ? ASP A 29   . ? 1_555 ? 
16 AC2 11 THR A 27 ? THR A 30   . ? 1_555 ? 
17 AC2 11 SER A 50 ? SER A 53   . ? 1_555 ? 
18 AC2 11 GLY B 20 ? GLY B 23   . ? 1_555 ? 
19 AC2 11 GLN B 44 ? GLN B 47   . ? 1_555 ? 
20 AC2 11 THR B 46 ? THR B 49   . ? 1_555 ? 
21 AC2 11 THR B 49 ? THR B 52   . ? 1_555 ? 
22 AC2 11 HOH H .  ? HOH B 2103 . ? 1_555 ? 
23 AC3 11 THR B 22 ? THR B 25   . ? 1_555 ? 
24 AC3 11 ARG B 23 ? ARG B 26   . ? 1_555 ? 
25 AC3 11 GLY B 24 ? GLY B 27   . ? 1_555 ? 
26 AC3 11 ASP B 26 ? ASP B 29   . ? 1_555 ? 
27 AC3 11 THR B 27 ? THR B 30   . ? 1_555 ? 
28 AC3 11 SER B 50 ? SER B 53   . ? 1_555 ? 
29 AC3 11 GLY C 20 ? GLY C 23   . ? 1_555 ? 
30 AC3 11 GLN C 44 ? GLN C 47   . ? 1_555 ? 
31 AC3 11 THR C 46 ? THR C 49   . ? 1_555 ? 
32 AC3 11 THR C 49 ? THR C 52   . ? 1_555 ? 
33 AC3 11 HOH I .  ? HOH C 81   . ? 1_555 ? 
# 
_pdbx_database_remark.id     300 
_pdbx_database_remark.text   
;BIOMOLECULE: 1 
THIS ENTRY CONTAINS THE CRYSTALLOGRAPHIC ASYMMETRIC UNIT 
WHICH CONSISTS OF 3 CHAIN(S). SEE REMARK 350 FOR 
INFORMATION ON GENERATING THE BIOLOGICAL MOLECULE(S).
THE POLYPEPTIDE CHAIN CONTAINS FOUR (4) COPIES OF THE 
TRAP PROTEIN LINKED IN TANDEM, WHICH ARRANGE THEMSELVES 
TO MAKE A 12-MER RING IN SOLUTION. THIS RING IS ALIGNED 
WITH THE CRYSTALLOGRAPHIC FOUR-FOLD AXIS, SO THAT ONLY 
THREE COPIES OF TRAP ARE PRESENT IN THE ASYMMETRIC UNIT. 
EACH COPY REPRESENTS A SYMMETRY AVERAGE. THE LINKER 
PEPTIDES ARE NOT VISIBLE IN THE ELECTRON DENSITY. 
;
# 
loop_
_pdbx_unobs_or_zero_occ_residues.id 
_pdbx_unobs_or_zero_occ_residues.PDB_model_num 
_pdbx_unobs_or_zero_occ_residues.polymer_flag 
_pdbx_unobs_or_zero_occ_residues.occupancy_flag 
_pdbx_unobs_or_zero_occ_residues.auth_asym_id 
_pdbx_unobs_or_zero_occ_residues.auth_comp_id 
_pdbx_unobs_or_zero_occ_residues.auth_seq_id 
_pdbx_unobs_or_zero_occ_residues.PDB_ins_code 
_pdbx_unobs_or_zero_occ_residues.label_asym_id 
_pdbx_unobs_or_zero_occ_residues.label_comp_id 
_pdbx_unobs_or_zero_occ_residues.label_seq_id 
1  1 Y 1 A TYR 4  ? A TYR 1  
2  1 Y 1 A THR 5  ? A THR 2  
3  1 Y 1 A ASN 6  ? A ASN 3  
4  1 Y 1 A ILE 70 ? A ILE 67 
5  1 Y 1 A GLU 71 ? A GLU 68 
6  1 Y 1 A SER 72 ? A SER 69 
7  1 Y 1 A GLU 73 ? A GLU 70 
8  1 Y 1 A GLY 74 ? A GLY 71 
9  1 Y 1 A LYS 75 ? A LYS 72 
10 1 Y 1 A LYS 76 ? A LYS 73 
11 1 Y 1 A ALA 77 ? A ALA 74 
12 1 Y 1 A ALA 78 ? A ALA 75 
13 1 Y 1 A ALA 79 ? A ALA 76 
14 1 Y 1 A MET 80 ? A MET 77 
15 1 Y 1 B TYR 4  ? B TYR 1  
16 1 Y 1 B THR 5  ? B THR 2  
17 1 Y 1 B ASN 6  ? B ASN 3  
18 1 Y 1 B GLU 73 ? B GLU 70 
19 1 Y 1 B GLY 74 ? B GLY 71 
20 1 Y 1 B LYS 75 ? B LYS 72 
21 1 Y 1 B LYS 76 ? B LYS 73 
22 1 Y 1 B ALA 77 ? B ALA 74 
23 1 Y 1 B ALA 78 ? B ALA 75 
24 1 Y 1 B ALA 79 ? B ALA 76 
25 1 Y 1 B MET 80 ? B MET 77 
26 1 Y 1 C TYR 4  ? C TYR 1  
27 1 Y 1 C THR 5  ? C THR 2  
28 1 Y 1 C ASN 6  ? C ASN 3  
29 1 Y 1 C GLU 73 ? C GLU 70 
30 1 Y 1 C GLY 74 ? C GLY 71 
31 1 Y 1 C LYS 75 ? C LYS 72 
32 1 Y 1 C LYS 76 ? C LYS 73 
33 1 Y 1 C ALA 77 ? C ALA 74 
34 1 Y 1 C ALA 78 ? C ALA 75 
35 1 Y 1 C ALA 79 ? C ALA 76 
36 1 Y 1 C MET 80 ? C MET 77 
# 
loop_
_chem_comp_atom.comp_id 
_chem_comp_atom.atom_id 
_chem_comp_atom.type_symbol 
_chem_comp_atom.pdbx_aromatic_flag 
_chem_comp_atom.pdbx_stereo_config 
_chem_comp_atom.pdbx_ordinal 
ALA N    N N N 1   
ALA CA   C N S 2   
ALA C    C N N 3   
ALA O    O N N 4   
ALA CB   C N N 5   
ALA OXT  O N N 6   
ALA H    H N N 7   
ALA H2   H N N 8   
ALA HA   H N N 9   
ALA HB1  H N N 10  
ALA HB2  H N N 11  
ALA HB3  H N N 12  
ALA HXT  H N N 13  
ARG N    N N N 14  
ARG CA   C N S 15  
ARG C    C N N 16  
ARG O    O N N 17  
ARG CB   C N N 18  
ARG CG   C N N 19  
ARG CD   C N N 20  
ARG NE   N N N 21  
ARG CZ   C N N 22  
ARG NH1  N N N 23  
ARG NH2  N N N 24  
ARG OXT  O N N 25  
ARG H    H N N 26  
ARG H2   H N N 27  
ARG HA   H N N 28  
ARG HB2  H N N 29  
ARG HB3  H N N 30  
ARG HG2  H N N 31  
ARG HG3  H N N 32  
ARG HD2  H N N 33  
ARG HD3  H N N 34  
ARG HE   H N N 35  
ARG HH11 H N N 36  
ARG HH12 H N N 37  
ARG HH21 H N N 38  
ARG HH22 H N N 39  
ARG HXT  H N N 40  
ASN N    N N N 41  
ASN CA   C N S 42  
ASN C    C N N 43  
ASN O    O N N 44  
ASN CB   C N N 45  
ASN CG   C N N 46  
ASN OD1  O N N 47  
ASN ND2  N N N 48  
ASN OXT  O N N 49  
ASN H    H N N 50  
ASN H2   H N N 51  
ASN HA   H N N 52  
ASN HB2  H N N 53  
ASN HB3  H N N 54  
ASN HD21 H N N 55  
ASN HD22 H N N 56  
ASN HXT  H N N 57  
ASP N    N N N 58  
ASP CA   C N S 59  
ASP C    C N N 60  
ASP O    O N N 61  
ASP CB   C N N 62  
ASP CG   C N N 63  
ASP OD1  O N N 64  
ASP OD2  O N N 65  
ASP OXT  O N N 66  
ASP H    H N N 67  
ASP H2   H N N 68  
ASP HA   H N N 69  
ASP HB2  H N N 70  
ASP HB3  H N N 71  
ASP HD2  H N N 72  
ASP HXT  H N N 73  
GLN N    N N N 74  
GLN CA   C N S 75  
GLN C    C N N 76  
GLN O    O N N 77  
GLN CB   C N N 78  
GLN CG   C N N 79  
GLN CD   C N N 80  
GLN OE1  O N N 81  
GLN NE2  N N N 82  
GLN OXT  O N N 83  
GLN H    H N N 84  
GLN H2   H N N 85  
GLN HA   H N N 86  
GLN HB2  H N N 87  
GLN HB3  H N N 88  
GLN HG2  H N N 89  
GLN HG3  H N N 90  
GLN HE21 H N N 91  
GLN HE22 H N N 92  
GLN HXT  H N N 93  
GLU N    N N N 94  
GLU CA   C N S 95  
GLU C    C N N 96  
GLU O    O N N 97  
GLU CB   C N N 98  
GLU CG   C N N 99  
GLU CD   C N N 100 
GLU OE1  O N N 101 
GLU OE2  O N N 102 
GLU OXT  O N N 103 
GLU H    H N N 104 
GLU H2   H N N 105 
GLU HA   H N N 106 
GLU HB2  H N N 107 
GLU HB3  H N N 108 
GLU HG2  H N N 109 
GLU HG3  H N N 110 
GLU HE2  H N N 111 
GLU HXT  H N N 112 
GLY N    N N N 113 
GLY CA   C N N 114 
GLY C    C N N 115 
GLY O    O N N 116 
GLY OXT  O N N 117 
GLY H    H N N 118 
GLY H2   H N N 119 
GLY HA2  H N N 120 
GLY HA3  H N N 121 
GLY HXT  H N N 122 
HIS N    N N N 123 
HIS CA   C N S 124 
HIS C    C N N 125 
HIS O    O N N 126 
HIS CB   C N N 127 
HIS CG   C Y N 128 
HIS ND1  N Y N 129 
HIS CD2  C Y N 130 
HIS CE1  C Y N 131 
HIS NE2  N Y N 132 
HIS OXT  O N N 133 
HIS H    H N N 134 
HIS H2   H N N 135 
HIS HA   H N N 136 
HIS HB2  H N N 137 
HIS HB3  H N N 138 
HIS HD1  H N N 139 
HIS HD2  H N N 140 
HIS HE1  H N N 141 
HIS HE2  H N N 142 
HIS HXT  H N N 143 
HOH O    O N N 144 
HOH H1   H N N 145 
HOH H2   H N N 146 
ILE N    N N N 147 
ILE CA   C N S 148 
ILE C    C N N 149 
ILE O    O N N 150 
ILE CB   C N S 151 
ILE CG1  C N N 152 
ILE CG2  C N N 153 
ILE CD1  C N N 154 
ILE OXT  O N N 155 
ILE H    H N N 156 
ILE H2   H N N 157 
ILE HA   H N N 158 
ILE HB   H N N 159 
ILE HG12 H N N 160 
ILE HG13 H N N 161 
ILE HG21 H N N 162 
ILE HG22 H N N 163 
ILE HG23 H N N 164 
ILE HD11 H N N 165 
ILE HD12 H N N 166 
ILE HD13 H N N 167 
ILE HXT  H N N 168 
LEU N    N N N 169 
LEU CA   C N S 170 
LEU C    C N N 171 
LEU O    O N N 172 
LEU CB   C N N 173 
LEU CG   C N N 174 
LEU CD1  C N N 175 
LEU CD2  C N N 176 
LEU OXT  O N N 177 
LEU H    H N N 178 
LEU H2   H N N 179 
LEU HA   H N N 180 
LEU HB2  H N N 181 
LEU HB3  H N N 182 
LEU HG   H N N 183 
LEU HD11 H N N 184 
LEU HD12 H N N 185 
LEU HD13 H N N 186 
LEU HD21 H N N 187 
LEU HD22 H N N 188 
LEU HD23 H N N 189 
LEU HXT  H N N 190 
LYS N    N N N 191 
LYS CA   C N S 192 
LYS C    C N N 193 
LYS O    O N N 194 
LYS CB   C N N 195 
LYS CG   C N N 196 
LYS CD   C N N 197 
LYS CE   C N N 198 
LYS NZ   N N N 199 
LYS OXT  O N N 200 
LYS H    H N N 201 
LYS H2   H N N 202 
LYS HA   H N N 203 
LYS HB2  H N N 204 
LYS HB3  H N N 205 
LYS HG2  H N N 206 
LYS HG3  H N N 207 
LYS HD2  H N N 208 
LYS HD3  H N N 209 
LYS HE2  H N N 210 
LYS HE3  H N N 211 
LYS HZ1  H N N 212 
LYS HZ2  H N N 213 
LYS HZ3  H N N 214 
LYS HXT  H N N 215 
MET N    N N N 216 
MET CA   C N S 217 
MET C    C N N 218 
MET O    O N N 219 
MET CB   C N N 220 
MET CG   C N N 221 
MET SD   S N N 222 
MET CE   C N N 223 
MET OXT  O N N 224 
MET H    H N N 225 
MET H2   H N N 226 
MET HA   H N N 227 
MET HB2  H N N 228 
MET HB3  H N N 229 
MET HG2  H N N 230 
MET HG3  H N N 231 
MET HE1  H N N 232 
MET HE2  H N N 233 
MET HE3  H N N 234 
MET HXT  H N N 235 
PHE N    N N N 236 
PHE CA   C N S 237 
PHE C    C N N 238 
PHE O    O N N 239 
PHE CB   C N N 240 
PHE CG   C Y N 241 
PHE CD1  C Y N 242 
PHE CD2  C Y N 243 
PHE CE1  C Y N 244 
PHE CE2  C Y N 245 
PHE CZ   C Y N 246 
PHE OXT  O N N 247 
PHE H    H N N 248 
PHE H2   H N N 249 
PHE HA   H N N 250 
PHE HB2  H N N 251 
PHE HB3  H N N 252 
PHE HD1  H N N 253 
PHE HD2  H N N 254 
PHE HE1  H N N 255 
PHE HE2  H N N 256 
PHE HZ   H N N 257 
PHE HXT  H N N 258 
SER N    N N N 259 
SER CA   C N S 260 
SER C    C N N 261 
SER O    O N N 262 
SER CB   C N N 263 
SER OG   O N N 264 
SER OXT  O N N 265 
SER H    H N N 266 
SER H2   H N N 267 
SER HA   H N N 268 
SER HB2  H N N 269 
SER HB3  H N N 270 
SER HG   H N N 271 
SER HXT  H N N 272 
THR N    N N N 273 
THR CA   C N S 274 
THR C    C N N 275 
THR O    O N N 276 
THR CB   C N R 277 
THR OG1  O N N 278 
THR CG2  C N N 279 
THR OXT  O N N 280 
THR H    H N N 281 
THR H2   H N N 282 
THR HA   H N N 283 
THR HB   H N N 284 
THR HG1  H N N 285 
THR HG21 H N N 286 
THR HG22 H N N 287 
THR HG23 H N N 288 
THR HXT  H N N 289 
TRP N    N N N 290 
TRP CA   C N S 291 
TRP C    C N N 292 
TRP O    O N N 293 
TRP CB   C N N 294 
TRP CG   C Y N 295 
TRP CD1  C Y N 296 
TRP CD2  C Y N 297 
TRP NE1  N Y N 298 
TRP CE2  C Y N 299 
TRP CE3  C Y N 300 
TRP CZ2  C Y N 301 
TRP CZ3  C Y N 302 
TRP CH2  C Y N 303 
TRP OXT  O N N 304 
TRP H    H N N 305 
TRP H2   H N N 306 
TRP HA   H N N 307 
TRP HB2  H N N 308 
TRP HB3  H N N 309 
TRP HD1  H N N 310 
TRP HE1  H N N 311 
TRP HE3  H N N 312 
TRP HZ2  H N N 313 
TRP HZ3  H N N 314 
TRP HH2  H N N 315 
TRP HXT  H N N 316 
TYR N    N N N 317 
TYR CA   C N S 318 
TYR C    C N N 319 
TYR O    O N N 320 
TYR CB   C N N 321 
TYR CG   C Y N 322 
TYR CD1  C Y N 323 
TYR CD2  C Y N 324 
TYR CE1  C Y N 325 
TYR CE2  C Y N 326 
TYR CZ   C Y N 327 
TYR OH   O N N 328 
TYR OXT  O N N 329 
TYR H    H N N 330 
TYR H2   H N N 331 
TYR HA   H N N 332 
TYR HB2  H N N 333 
TYR HB3  H N N 334 
TYR HD1  H N N 335 
TYR HD2  H N N 336 
TYR HE1  H N N 337 
TYR HE2  H N N 338 
TYR HH   H N N 339 
TYR HXT  H N N 340 
VAL N    N N N 341 
VAL CA   C N S 342 
VAL C    C N N 343 
VAL O    O N N 344 
VAL CB   C N N 345 
VAL CG1  C N N 346 
VAL CG2  C N N 347 
VAL OXT  O N N 348 
VAL H    H N N 349 
VAL H2   H N N 350 
VAL HA   H N N 351 
VAL HB   H N N 352 
VAL HG11 H N N 353 
VAL HG12 H N N 354 
VAL HG13 H N N 355 
VAL HG21 H N N 356 
VAL HG22 H N N 357 
VAL HG23 H N N 358 
VAL HXT  H N N 359 
# 
loop_
_chem_comp_bond.comp_id 
_chem_comp_bond.atom_id_1 
_chem_comp_bond.atom_id_2 
_chem_comp_bond.value_order 
_chem_comp_bond.pdbx_aromatic_flag 
_chem_comp_bond.pdbx_stereo_config 
_chem_comp_bond.pdbx_ordinal 
ALA N   CA   sing N N 1   
ALA N   H    sing N N 2   
ALA N   H2   sing N N 3   
ALA CA  C    sing N N 4   
ALA CA  CB   sing N N 5   
ALA CA  HA   sing N N 6   
ALA C   O    doub N N 7   
ALA C   OXT  sing N N 8   
ALA CB  HB1  sing N N 9   
ALA CB  HB2  sing N N 10  
ALA CB  HB3  sing N N 11  
ALA OXT HXT  sing N N 12  
ARG N   CA   sing N N 13  
ARG N   H    sing N N 14  
ARG N   H2   sing N N 15  
ARG CA  C    sing N N 16  
ARG CA  CB   sing N N 17  
ARG CA  HA   sing N N 18  
ARG C   O    doub N N 19  
ARG C   OXT  sing N N 20  
ARG CB  CG   sing N N 21  
ARG CB  HB2  sing N N 22  
ARG CB  HB3  sing N N 23  
ARG CG  CD   sing N N 24  
ARG CG  HG2  sing N N 25  
ARG CG  HG3  sing N N 26  
ARG CD  NE   sing N N 27  
ARG CD  HD2  sing N N 28  
ARG CD  HD3  sing N N 29  
ARG NE  CZ   sing N N 30  
ARG NE  HE   sing N N 31  
ARG CZ  NH1  sing N N 32  
ARG CZ  NH2  doub N N 33  
ARG NH1 HH11 sing N N 34  
ARG NH1 HH12 sing N N 35  
ARG NH2 HH21 sing N N 36  
ARG NH2 HH22 sing N N 37  
ARG OXT HXT  sing N N 38  
ASN N   CA   sing N N 39  
ASN N   H    sing N N 40  
ASN N   H2   sing N N 41  
ASN CA  C    sing N N 42  
ASN CA  CB   sing N N 43  
ASN CA  HA   sing N N 44  
ASN C   O    doub N N 45  
ASN C   OXT  sing N N 46  
ASN CB  CG   sing N N 47  
ASN CB  HB2  sing N N 48  
ASN CB  HB3  sing N N 49  
ASN CG  OD1  doub N N 50  
ASN CG  ND2  sing N N 51  
ASN ND2 HD21 sing N N 52  
ASN ND2 HD22 sing N N 53  
ASN OXT HXT  sing N N 54  
ASP N   CA   sing N N 55  
ASP N   H    sing N N 56  
ASP N   H2   sing N N 57  
ASP CA  C    sing N N 58  
ASP CA  CB   sing N N 59  
ASP CA  HA   sing N N 60  
ASP C   O    doub N N 61  
ASP C   OXT  sing N N 62  
ASP CB  CG   sing N N 63  
ASP CB  HB2  sing N N 64  
ASP CB  HB3  sing N N 65  
ASP CG  OD1  doub N N 66  
ASP CG  OD2  sing N N 67  
ASP OD2 HD2  sing N N 68  
ASP OXT HXT  sing N N 69  
GLN N   CA   sing N N 70  
GLN N   H    sing N N 71  
GLN N   H2   sing N N 72  
GLN CA  C    sing N N 73  
GLN CA  CB   sing N N 74  
GLN CA  HA   sing N N 75  
GLN C   O    doub N N 76  
GLN C   OXT  sing N N 77  
GLN CB  CG   sing N N 78  
GLN CB  HB2  sing N N 79  
GLN CB  HB3  sing N N 80  
GLN CG  CD   sing N N 81  
GLN CG  HG2  sing N N 82  
GLN CG  HG3  sing N N 83  
GLN CD  OE1  doub N N 84  
GLN CD  NE2  sing N N 85  
GLN NE2 HE21 sing N N 86  
GLN NE2 HE22 sing N N 87  
GLN OXT HXT  sing N N 88  
GLU N   CA   sing N N 89  
GLU N   H    sing N N 90  
GLU N   H2   sing N N 91  
GLU CA  C    sing N N 92  
GLU CA  CB   sing N N 93  
GLU CA  HA   sing N N 94  
GLU C   O    doub N N 95  
GLU C   OXT  sing N N 96  
GLU CB  CG   sing N N 97  
GLU CB  HB2  sing N N 98  
GLU CB  HB3  sing N N 99  
GLU CG  CD   sing N N 100 
GLU CG  HG2  sing N N 101 
GLU CG  HG3  sing N N 102 
GLU CD  OE1  doub N N 103 
GLU CD  OE2  sing N N 104 
GLU OE2 HE2  sing N N 105 
GLU OXT HXT  sing N N 106 
GLY N   CA   sing N N 107 
GLY N   H    sing N N 108 
GLY N   H2   sing N N 109 
GLY CA  C    sing N N 110 
GLY CA  HA2  sing N N 111 
GLY CA  HA3  sing N N 112 
GLY C   O    doub N N 113 
GLY C   OXT  sing N N 114 
GLY OXT HXT  sing N N 115 
HIS N   CA   sing N N 116 
HIS N   H    sing N N 117 
HIS N   H2   sing N N 118 
HIS CA  C    sing N N 119 
HIS CA  CB   sing N N 120 
HIS CA  HA   sing N N 121 
HIS C   O    doub N N 122 
HIS C   OXT  sing N N 123 
HIS CB  CG   sing N N 124 
HIS CB  HB2  sing N N 125 
HIS CB  HB3  sing N N 126 
HIS CG  ND1  sing Y N 127 
HIS CG  CD2  doub Y N 128 
HIS ND1 CE1  doub Y N 129 
HIS ND1 HD1  sing N N 130 
HIS CD2 NE2  sing Y N 131 
HIS CD2 HD2  sing N N 132 
HIS CE1 NE2  sing Y N 133 
HIS CE1 HE1  sing N N 134 
HIS NE2 HE2  sing N N 135 
HIS OXT HXT  sing N N 136 
HOH O   H1   sing N N 137 
HOH O   H2   sing N N 138 
ILE N   CA   sing N N 139 
ILE N   H    sing N N 140 
ILE N   H2   sing N N 141 
ILE CA  C    sing N N 142 
ILE CA  CB   sing N N 143 
ILE CA  HA   sing N N 144 
ILE C   O    doub N N 145 
ILE C   OXT  sing N N 146 
ILE CB  CG1  sing N N 147 
ILE CB  CG2  sing N N 148 
ILE CB  HB   sing N N 149 
ILE CG1 CD1  sing N N 150 
ILE CG1 HG12 sing N N 151 
ILE CG1 HG13 sing N N 152 
ILE CG2 HG21 sing N N 153 
ILE CG2 HG22 sing N N 154 
ILE CG2 HG23 sing N N 155 
ILE CD1 HD11 sing N N 156 
ILE CD1 HD12 sing N N 157 
ILE CD1 HD13 sing N N 158 
ILE OXT HXT  sing N N 159 
LEU N   CA   sing N N 160 
LEU N   H    sing N N 161 
LEU N   H2   sing N N 162 
LEU CA  C    sing N N 163 
LEU CA  CB   sing N N 164 
LEU CA  HA   sing N N 165 
LEU C   O    doub N N 166 
LEU C   OXT  sing N N 167 
LEU CB  CG   sing N N 168 
LEU CB  HB2  sing N N 169 
LEU CB  HB3  sing N N 170 
LEU CG  CD1  sing N N 171 
LEU CG  CD2  sing N N 172 
LEU CG  HG   sing N N 173 
LEU CD1 HD11 sing N N 174 
LEU CD1 HD12 sing N N 175 
LEU CD1 HD13 sing N N 176 
LEU CD2 HD21 sing N N 177 
LEU CD2 HD22 sing N N 178 
LEU CD2 HD23 sing N N 179 
LEU OXT HXT  sing N N 180 
LYS N   CA   sing N N 181 
LYS N   H    sing N N 182 
LYS N   H2   sing N N 183 
LYS CA  C    sing N N 184 
LYS CA  CB   sing N N 185 
LYS CA  HA   sing N N 186 
LYS C   O    doub N N 187 
LYS C   OXT  sing N N 188 
LYS CB  CG   sing N N 189 
LYS CB  HB2  sing N N 190 
LYS CB  HB3  sing N N 191 
LYS CG  CD   sing N N 192 
LYS CG  HG2  sing N N 193 
LYS CG  HG3  sing N N 194 
LYS CD  CE   sing N N 195 
LYS CD  HD2  sing N N 196 
LYS CD  HD3  sing N N 197 
LYS CE  NZ   sing N N 198 
LYS CE  HE2  sing N N 199 
LYS CE  HE3  sing N N 200 
LYS NZ  HZ1  sing N N 201 
LYS NZ  HZ2  sing N N 202 
LYS NZ  HZ3  sing N N 203 
LYS OXT HXT  sing N N 204 
MET N   CA   sing N N 205 
MET N   H    sing N N 206 
MET N   H2   sing N N 207 
MET CA  C    sing N N 208 
MET CA  CB   sing N N 209 
MET CA  HA   sing N N 210 
MET C   O    doub N N 211 
MET C   OXT  sing N N 212 
MET CB  CG   sing N N 213 
MET CB  HB2  sing N N 214 
MET CB  HB3  sing N N 215 
MET CG  SD   sing N N 216 
MET CG  HG2  sing N N 217 
MET CG  HG3  sing N N 218 
MET SD  CE   sing N N 219 
MET CE  HE1  sing N N 220 
MET CE  HE2  sing N N 221 
MET CE  HE3  sing N N 222 
MET OXT HXT  sing N N 223 
PHE N   CA   sing N N 224 
PHE N   H    sing N N 225 
PHE N   H2   sing N N 226 
PHE CA  C    sing N N 227 
PHE CA  CB   sing N N 228 
PHE CA  HA   sing N N 229 
PHE C   O    doub N N 230 
PHE C   OXT  sing N N 231 
PHE CB  CG   sing N N 232 
PHE CB  HB2  sing N N 233 
PHE CB  HB3  sing N N 234 
PHE CG  CD1  doub Y N 235 
PHE CG  CD2  sing Y N 236 
PHE CD1 CE1  sing Y N 237 
PHE CD1 HD1  sing N N 238 
PHE CD2 CE2  doub Y N 239 
PHE CD2 HD2  sing N N 240 
PHE CE1 CZ   doub Y N 241 
PHE CE1 HE1  sing N N 242 
PHE CE2 CZ   sing Y N 243 
PHE CE2 HE2  sing N N 244 
PHE CZ  HZ   sing N N 245 
PHE OXT HXT  sing N N 246 
SER N   CA   sing N N 247 
SER N   H    sing N N 248 
SER N   H2   sing N N 249 
SER CA  C    sing N N 250 
SER CA  CB   sing N N 251 
SER CA  HA   sing N N 252 
SER C   O    doub N N 253 
SER C   OXT  sing N N 254 
SER CB  OG   sing N N 255 
SER CB  HB2  sing N N 256 
SER CB  HB3  sing N N 257 
SER OG  HG   sing N N 258 
SER OXT HXT  sing N N 259 
THR N   CA   sing N N 260 
THR N   H    sing N N 261 
THR N   H2   sing N N 262 
THR CA  C    sing N N 263 
THR CA  CB   sing N N 264 
THR CA  HA   sing N N 265 
THR C   O    doub N N 266 
THR C   OXT  sing N N 267 
THR CB  OG1  sing N N 268 
THR CB  CG2  sing N N 269 
THR CB  HB   sing N N 270 
THR OG1 HG1  sing N N 271 
THR CG2 HG21 sing N N 272 
THR CG2 HG22 sing N N 273 
THR CG2 HG23 sing N N 274 
THR OXT HXT  sing N N 275 
TRP N   CA   sing N N 276 
TRP N   H    sing N N 277 
TRP N   H2   sing N N 278 
TRP CA  C    sing N N 279 
TRP CA  CB   sing N N 280 
TRP CA  HA   sing N N 281 
TRP C   O    doub N N 282 
TRP C   OXT  sing N N 283 
TRP CB  CG   sing N N 284 
TRP CB  HB2  sing N N 285 
TRP CB  HB3  sing N N 286 
TRP CG  CD1  doub Y N 287 
TRP CG  CD2  sing Y N 288 
TRP CD1 NE1  sing Y N 289 
TRP CD1 HD1  sing N N 290 
TRP CD2 CE2  doub Y N 291 
TRP CD2 CE3  sing Y N 292 
TRP NE1 CE2  sing Y N 293 
TRP NE1 HE1  sing N N 294 
TRP CE2 CZ2  sing Y N 295 
TRP CE3 CZ3  doub Y N 296 
TRP CE3 HE3  sing N N 297 
TRP CZ2 CH2  doub Y N 298 
TRP CZ2 HZ2  sing N N 299 
TRP CZ3 CH2  sing Y N 300 
TRP CZ3 HZ3  sing N N 301 
TRP CH2 HH2  sing N N 302 
TRP OXT HXT  sing N N 303 
TYR N   CA   sing N N 304 
TYR N   H    sing N N 305 
TYR N   H2   sing N N 306 
TYR CA  C    sing N N 307 
TYR CA  CB   sing N N 308 
TYR CA  HA   sing N N 309 
TYR C   O    doub N N 310 
TYR C   OXT  sing N N 311 
TYR CB  CG   sing N N 312 
TYR CB  HB2  sing N N 313 
TYR CB  HB3  sing N N 314 
TYR CG  CD1  doub Y N 315 
TYR CG  CD2  sing Y N 316 
TYR CD1 CE1  sing Y N 317 
TYR CD1 HD1  sing N N 318 
TYR CD2 CE2  doub Y N 319 
TYR CD2 HD2  sing N N 320 
TYR CE1 CZ   doub Y N 321 
TYR CE1 HE1  sing N N 322 
TYR CE2 CZ   sing Y N 323 
TYR CE2 HE2  sing N N 324 
TYR CZ  OH   sing N N 325 
TYR OH  HH   sing N N 326 
TYR OXT HXT  sing N N 327 
VAL N   CA   sing N N 328 
VAL N   H    sing N N 329 
VAL N   H2   sing N N 330 
VAL CA  C    sing N N 331 
VAL CA  CB   sing N N 332 
VAL CA  HA   sing N N 333 
VAL C   O    doub N N 334 
VAL C   OXT  sing N N 335 
VAL CB  CG1  sing N N 336 
VAL CB  CG2  sing N N 337 
VAL CB  HB   sing N N 338 
VAL CG1 HG11 sing N N 339 
VAL CG1 HG12 sing N N 340 
VAL CG1 HG13 sing N N 341 
VAL CG2 HG21 sing N N 342 
VAL CG2 HG22 sing N N 343 
VAL CG2 HG23 sing N N 344 
VAL OXT HXT  sing N N 345 
# 
_atom_sites.entry_id                    2EXT 
_atom_sites.fract_transf_matrix[1][1]   -0.00275219 
_atom_sites.fract_transf_matrix[1][2]   -0.00866072 
_atom_sites.fract_transf_matrix[1][3]   0.00061073 
_atom_sites.fract_transf_matrix[2][1]   -0.00661875 
_atom_sites.fract_transf_matrix[2][2]   0.00250753 
_atom_sites.fract_transf_matrix[2][3]   0.00573237 
_atom_sites.fract_transf_matrix[3][1]   -0.01673239 
_atom_sites.fract_transf_matrix[3][2]   0.00383649 
_atom_sites.fract_transf_matrix[3][3]   -0.02099789 
_atom_sites.fract_transf_vector[1]      0.437355 
_atom_sites.fract_transf_vector[2]      0.768584 
_atom_sites.fract_transf_vector[3]      0.353186 
# 
loop_
_atom_type.symbol 
C 
N 
O 
# 
loop_
_atom_site.group_PDB 
_atom_site.id 
_atom_site.type_symbol 
_atom_site.label_atom_id 
_atom_site.label_alt_id 
_atom_site.label_comp_id 
_atom_site.label_asym_id 
_atom_site.label_entity_id 
_atom_site.label_seq_id 
_atom_site.pdbx_PDB_ins_code 
_atom_site.Cartn_x 
_atom_site.Cartn_y 
_atom_site.Cartn_z 
_atom_site.occupancy 
_atom_site.B_iso_or_equiv 
_atom_site.pdbx_formal_charge 
_atom_site.auth_seq_id 
_atom_site.auth_comp_id 
_atom_site.auth_asym_id 
_atom_site.auth_atom_id 
_atom_site.pdbx_PDB_model_num 
ATOM   1    N N   . SER A 1 4  ? -14.391 11.387  6.005   1.00 32.72 ? 7    SER A N   1 
ATOM   2    C CA  . SER A 1 4  ? -13.359 10.575  5.298   1.00 32.64 ? 7    SER A CA  1 
ATOM   3    C C   . SER A 1 4  ? -12.001 10.614  6.013   1.00 32.10 ? 7    SER A C   1 
ATOM   4    O O   . SER A 1 4  ? -11.699 11.592  6.731   1.00 33.17 ? 7    SER A O   1 
ATOM   5    C CB  . SER A 1 4  ? -13.218 11.055  3.844   1.00 33.38 ? 7    SER A CB  1 
ATOM   6    O OG  . SER A 1 4  ? -12.034 10.531  3.249   1.00 34.29 ? 7    SER A OG  1 
ATOM   7    N N   . ASP A 1 5  ? -11.201 9.558   5.781   1.00 29.53 ? 8    ASP A N   1 
ATOM   8    C CA  . ASP A 1 5  ? -9.856  9.380   6.337   1.00 27.50 ? 8    ASP A CA  1 
ATOM   9    C C   . ASP A 1 5  ? -8.971  10.561  5.972   1.00 24.80 ? 8    ASP A C   1 
ATOM   10   O O   . ASP A 1 5  ? -9.150  11.160  4.893   1.00 22.07 ? 8    ASP A O   1 
ATOM   11   C CB  . ASP A 1 5  ? -9.214  8.129   5.740   1.00 28.29 ? 8    ASP A CB  1 
ATOM   12   C CG  . ASP A 1 5  ? -9.442  6.880   6.583   1.00 31.93 ? 8    ASP A CG  1 
ATOM   13   O OD1 . ASP A 1 5  ? -9.191  6.912   7.818   1.00 38.03 ? 8    ASP A OD1 1 
ATOM   14   O OD2 . ASP A 1 5  ? -9.847  5.806   6.076   1.00 31.91 ? 8    ASP A OD2 1 
ATOM   15   N N   . PHE A 1 6  ? -8.028  10.882  6.864   1.00 21.86 ? 9    PHE A N   1 
ATOM   16   C CA  . PHE A 1 6  ? -7.152  12.034  6.656   1.00 19.06 ? 9    PHE A CA  1 
ATOM   17   C C   . PHE A 1 6  ? -5.776  11.811  7.305   1.00 17.93 ? 9    PHE A C   1 
ATOM   18   O O   . PHE A 1 6  ? -5.600  10.895  8.141   1.00 17.60 ? 9    PHE A O   1 
ATOM   19   C CB  . PHE A 1 6  ? -7.800  13.350  7.149   1.00 18.57 ? 9    PHE A CB  1 
ATOM   20   C CG  . PHE A 1 6  ? -7.974  13.440  8.652   1.00 19.34 ? 9    PHE A CG  1 
ATOM   21   C CD1 . PHE A 1 6  ? -6.981  14.000  9.449   1.00 16.41 ? 9    PHE A CD1 1 
ATOM   22   C CD2 . PHE A 1 6  ? -9.132  12.944  9.272   1.00 23.27 ? 9    PHE A CD2 1 
ATOM   23   C CE1 . PHE A 1 6  ? -7.115  14.084  10.847  1.00 19.73 ? 9    PHE A CE1 1 
ATOM   24   C CE2 . PHE A 1 6  ? -9.294  13.020  10.670  1.00 25.62 ? 9    PHE A CE2 1 
ATOM   25   C CZ  . PHE A 1 6  ? -8.285  13.595  11.462  1.00 24.32 ? 9    PHE A CZ  1 
ATOM   26   N N   . VAL A 1 7  ? -4.818  12.638  6.897   1.00 15.34 ? 10   VAL A N   1 
ATOM   27   C CA  . VAL A 1 7  ? -3.436  12.532  7.358   1.00 15.07 ? 10   VAL A CA  1 
ATOM   28   C C   . VAL A 1 7  ? -3.068  13.906  7.918   1.00 14.50 ? 10   VAL A C   1 
ATOM   29   O O   . VAL A 1 7  ? -3.521  14.940  7.393   1.00 14.17 ? 10   VAL A O   1 
ATOM   30   C CB  . VAL A 1 7  ? -2.514  12.165  6.137   1.00 15.58 ? 10   VAL A CB  1 
ATOM   31   C CG1 . VAL A 1 7  ? -1.046  11.968  6.549   1.00 18.38 ? 10   VAL A CG1 1 
ATOM   32   C CG2 . VAL A 1 7  ? -3.032  10.900  5.454   1.00 16.89 ? 10   VAL A CG2 1 
ATOM   33   N N   . VAL A 1 8  ? -2.270  13.909  8.983   1.00 12.88 ? 11   VAL A N   1 
ATOM   34   C CA  . VAL A 1 8  ? -1.707  15.138  9.554   1.00 13.20 ? 11   VAL A CA  1 
ATOM   35   C C   . VAL A 1 8  ? -0.223  15.099  9.259   1.00 12.74 ? 11   VAL A C   1 
ATOM   36   O O   . VAL A 1 8  ? 0.453   14.108  9.607   1.00 12.69 ? 11   VAL A O   1 
ATOM   37   C CB  . VAL A 1 8  ? -1.927  15.178  11.090  1.00 12.74 ? 11   VAL A CB  1 
ATOM   38   C CG1 . VAL A 1 8  ? -1.350  16.460  11.709  1.00 12.99 ? 11   VAL A CG1 1 
ATOM   39   C CG2 . VAL A 1 8  ? -3.405  15.100  11.415  1.00 13.76 ? 11   VAL A CG2 1 
ATOM   40   N N   . ILE A 1 9  ? 0.277   16.148  8.607   1.00 11.69 ? 12   ILE A N   1 
ATOM   41   C CA  . ILE A 1 9  ? 1.693   16.269  8.308   1.00 12.12 ? 12   ILE A CA  1 
ATOM   42   C C   . ILE A 1 9  ? 2.265   17.535  8.916   1.00 12.36 ? 12   ILE A C   1 
ATOM   43   O O   . ILE A 1 9  ? 1.805   18.633  8.608   1.00 12.01 ? 12   ILE A O   1 
ATOM   44   C CB  . ILE A 1 9  ? 1.932   16.265  6.779   1.00 12.41 ? 12   ILE A CB  1 
ATOM   45   C CG1 . ILE A 1 9  ? 1.343   14.991  6.169   1.00 13.71 ? 12   ILE A CG1 1 
ATOM   46   C CG2 . ILE A 1 9  ? 3.460   16.386  6.493   1.00 12.64 ? 12   ILE A CG2 1 
ATOM   47   C CD1 . ILE A 1 9  ? 0.234   15.312  5.202   1.00 14.90 ? 12   ILE A CD1 1 
ATOM   48   N N   . LYS A 1 10 ? 3.267   17.384  9.782   1.00 12.88 ? 13   LYS A N   1 
ATOM   49   C CA  . LYS A 1 10 ? 3.986   18.550  10.321  1.00 13.17 ? 13   LYS A CA  1 
ATOM   50   C C   . LYS A 1 10 ? 5.416   18.573  9.764   1.00 13.32 ? 13   LYS A C   1 
ATOM   51   O O   . LYS A 1 10 ? 6.152   17.605  9.925   1.00 13.51 ? 13   LYS A O   1 
ATOM   52   C CB  . LYS A 1 10 ? 4.058   18.494  11.857  1.00 14.33 ? 13   LYS A CB  1 
ATOM   53   C CG  . LYS A 1 10 ? 4.783   19.750  12.479  1.00 18.21 ? 13   LYS A CG  1 
ATOM   54   C CD  . LYS A 1 10 ? 4.898   19.602  13.993  1.00 24.69 ? 13   LYS A CD  1 
ATOM   55   C CE  . LYS A 1 10 ? 5.809   20.645  14.615  1.00 27.74 ? 13   LYS A CE  1 
ATOM   56   N NZ  . LYS A 1 10 ? 6.190   20.264  16.023  1.00 32.30 ? 13   LYS A NZ  1 
ATOM   57   N N   . ALA A 1 11 ? 5.801   19.656  9.086   1.00 13.09 ? 14   ALA A N   1 
ATOM   58   C CA  . ALA A 1 11 ? 7.115   19.707  8.442   1.00 13.81 ? 14   ALA A CA  1 
ATOM   59   C C   . ALA A 1 11 ? 8.171   19.908  9.525   1.00 13.10 ? 14   ALA A C   1 
ATOM   60   O O   . ALA A 1 11 ? 7.996   20.746  10.409  1.00 14.49 ? 14   ALA A O   1 
ATOM   61   C CB  . ALA A 1 11 ? 7.185   20.844  7.430   1.00 13.74 ? 14   ALA A CB  1 
ATOM   62   N N   . LEU A 1 12 ? 9.259   19.156  9.426   1.00 13.59 ? 15   LEU A N   1 
ATOM   63   C CA  . LEU A 1 12 ? 10.384  19.305  10.360  1.00 14.73 ? 15   LEU A CA  1 
ATOM   64   C C   . LEU A 1 12 ? 11.590  19.952  9.687   1.00 15.63 ? 15   LEU A C   1 
ATOM   65   O O   . LEU A 1 12 ? 12.670  20.119  10.321  1.00 15.03 ? 15   LEU A O   1 
ATOM   66   C CB  . LEU A 1 12 ? 10.777  17.938  10.912  1.00 15.19 ? 15   LEU A CB  1 
ATOM   67   C CG  . LEU A 1 12 ? 9.643   17.183  11.601  1.00 16.29 ? 15   LEU A CG  1 
ATOM   68   C CD1 . LEU A 1 12 ? 10.050  15.736  11.927  1.00 20.27 ? 15   LEU A CD1 1 
ATOM   69   C CD2 . LEU A 1 12 ? 9.166   17.928  12.816  1.00 19.35 ? 15   LEU A CD2 1 
ATOM   70   N N   . GLU A 1 13 ? 11.420  20.308  8.413   1.00 15.54 ? 16   GLU A N   1 
ATOM   71   C CA  . GLU A 1 13 ? 12.426  21.069  7.652   1.00 15.85 ? 16   GLU A CA  1 
ATOM   72   C C   . GLU A 1 13 ? 11.668  21.956  6.667   1.00 15.98 ? 16   GLU A C   1 
ATOM   73   O O   . GLU A 1 13 ? 10.476  21.741  6.451   1.00 15.39 ? 16   GLU A O   1 
ATOM   74   C CB  . GLU A 1 13 ? 13.393  20.133  6.869   1.00 16.60 ? 16   GLU A CB  1 
ATOM   75   C CG  . GLU A 1 13 ? 12.746  19.291  5.758   1.00 17.44 ? 16   GLU A CG  1 
ATOM   76   C CD  . GLU A 1 13 ? 13.719  18.474  4.886   1.00 22.56 ? 16   GLU A CD  1 
ATOM   77   O OE1 . GLU A 1 13 ? 14.601  19.063  4.217   1.00 28.53 ? 16   GLU A OE1 1 
ATOM   78   O OE2 . GLU A 1 13 ? 13.584  17.245  4.818   1.00 20.70 ? 16   GLU A OE2 1 
ATOM   79   N N   . ASP A 1 14 ? 12.350  22.904  6.028   1.00 14.59 ? 17   ASP A N   1 
ATOM   80   C CA  . ASP A 1 14 ? 11.679  23.687  4.988   1.00 14.68 ? 17   ASP A CA  1 
ATOM   81   C C   . ASP A 1 14 ? 11.499  22.868  3.739   1.00 14.45 ? 17   ASP A C   1 
ATOM   82   O O   . ASP A 1 14 ? 12.324  21.995  3.432   1.00 14.45 ? 17   ASP A O   1 
ATOM   83   C CB  . ASP A 1 14 ? 12.488  24.952  4.633   1.00 15.00 ? 17   ASP A CB  1 
ATOM   84   C CG  . ASP A 1 14 ? 12.462  25.997  5.733   1.00 16.11 ? 17   ASP A CG  1 
ATOM   85   O OD1 . ASP A 1 14 ? 11.522  26.024  6.579   1.00 15.75 ? 17   ASP A OD1 1 
ATOM   86   O OD2 . ASP A 1 14 ? 13.351  26.864  5.840   1.00 16.70 ? 17   ASP A OD2 1 
ATOM   87   N N   . GLY A 1 15 ? 10.442  23.151  2.967   1.00 14.18 ? 18   GLY A N   1 
ATOM   88   C CA  . GLY A 1 15 ? 10.375  22.569  1.647   1.00 14.13 ? 18   GLY A CA  1 
ATOM   89   C C   . GLY A 1 15 ? 9.829   21.148  1.618   1.00 13.89 ? 18   GLY A C   1 
ATOM   90   O O   . GLY A 1 15 ? 10.051  20.424  0.643   1.00 14.77 ? 18   GLY A O   1 
ATOM   91   N N   . VAL A 1 16 ? 9.115   20.739  2.670   1.00 13.94 ? 19   VAL A N   1 
ATOM   92   C CA  . VAL A 1 16 ? 8.430   19.437  2.665   1.00 13.75 ? 19   VAL A CA  1 
ATOM   93   C C   . VAL A 1 16 ? 7.331   19.489  1.604   1.00 14.14 ? 19   VAL A C   1 
ATOM   94   O O   . VAL A 1 16 ? 6.620   20.494  1.523   1.00 14.68 ? 19   VAL A O   1 
ATOM   95   C CB  . VAL A 1 16 ? 7.872   19.110  4.054   1.00 13.54 ? 19   VAL A CB  1 
ATOM   96   C CG1 . VAL A 1 16 ? 6.944   17.839  4.014   1.00 13.17 ? 19   VAL A CG1 1 
ATOM   97   C CG2 . VAL A 1 16 ? 9.049   18.925  5.049   1.00 13.12 ? 19   VAL A CG2 1 
ATOM   98   N N   . ASN A 1 17 ? 7.198   18.430  0.794   1.00 14.36 ? 20   ASN A N   1 
ATOM   99   C CA  . ASN A 1 17 ? 6.207   18.464  -0.282  1.00 13.86 ? 20   ASN A CA  1 
ATOM   100  C C   . ASN A 1 17 ? 5.180   17.392  0.059   1.00 12.61 ? 20   ASN A C   1 
ATOM   101  O O   . ASN A 1 17 ? 5.565   16.227  0.239   1.00 12.70 ? 20   ASN A O   1 
ATOM   102  C CB  . ASN A 1 17 ? 6.834   18.104  -1.631  1.00 15.95 ? 20   ASN A CB  1 
ATOM   103  C CG  . ASN A 1 17 ? 7.377   19.289  -2.360  1.00 19.15 ? 20   ASN A CG  1 
ATOM   104  O OD1 . ASN A 1 17 ? 8.591   19.346  -2.638  1.00 24.09 ? 20   ASN A OD1 1 
ATOM   105  N ND2 . ASN A 1 17 ? 6.521   20.253  -2.661  1.00 20.30 ? 20   ASN A ND2 1 
ATOM   106  N N   . VAL A 1 18 ? 3.905   17.779  0.143   1.00 11.16 ? 21   VAL A N   1 
ATOM   107  C CA  . VAL A 1 18 ? 2.811   16.822  0.375   1.00 10.39 ? 21   VAL A CA  1 
ATOM   108  C C   . VAL A 1 18 ? 2.117   16.687  -0.979  1.00 11.74 ? 21   VAL A C   1 
ATOM   109  O O   . VAL A 1 18 ? 1.563   17.648  -1.503  1.00 12.45 ? 21   VAL A O   1 
ATOM   110  C CB  . VAL A 1 18 ? 1.808   17.313  1.426   1.00 10.58 ? 21   VAL A CB  1 
ATOM   111  C CG1 . VAL A 1 18 ? 0.667   16.280  1.566   1.00 10.62 ? 21   VAL A CG1 1 
ATOM   112  C CG2 . VAL A 1 18 ? 2.522   17.500  2.793   1.00 10.37 ? 21   VAL A CG2 1 
ATOM   113  N N   . ILE A 1 19 ? 2.189   15.495  -1.541  1.00 11.56 ? 22   ILE A N   1 
ATOM   114  C CA  . ILE A 1 19 ? 1.907   15.291  -2.957  1.00 12.72 ? 22   ILE A CA  1 
ATOM   115  C C   . ILE A 1 19 ? 0.619   14.485  -3.087  1.00 13.22 ? 22   ILE A C   1 
ATOM   116  O O   . ILE A 1 19 ? 0.541   13.370  -2.572  1.00 13.59 ? 22   ILE A O   1 
ATOM   117  C CB  . ILE A 1 19 ? 3.090   14.522  -3.600  1.00 13.65 ? 22   ILE A CB  1 
ATOM   118  C CG1 . ILE A 1 19 ? 4.399   15.320  -3.449  1.00 14.55 ? 22   ILE A CG1 1 
ATOM   119  C CG2 . ILE A 1 19 ? 2.789   14.236  -5.081  1.00 12.88 ? 22   ILE A CG2 1 
ATOM   120  C CD1 . ILE A 1 19 ? 5.657   14.422  -3.557  1.00 17.45 ? 22   ILE A CD1 1 
ATOM   121  N N   . GLY A 1 20 ? -0.383  15.020  -3.780  1.00 12.71 ? 23   GLY A N   1 
ATOM   122  C CA  . GLY A 1 20 ? -1.637  14.283  -3.936  1.00 13.32 ? 23   GLY A CA  1 
ATOM   123  C C   . GLY A 1 20 ? -1.647  13.587  -5.282  1.00 12.79 ? 23   GLY A C   1 
ATOM   124  O O   . GLY A 1 20 ? -1.337  14.203  -6.318  1.00 12.50 ? 23   GLY A O   1 
ATOM   125  N N   . LEU A 1 21 ? -1.940  12.284  -5.263  1.00 12.29 ? 24   LEU A N   1 
ATOM   126  C CA  . LEU A 1 21 ? -1.974  11.468  -6.486  1.00 12.17 ? 24   LEU A CA  1 
ATOM   127  C C   . LEU A 1 21 ? -3.413  11.236  -6.925  1.00 11.56 ? 24   LEU A C   1 
ATOM   128  O O   . LEU A 1 21 ? -4.316  11.035  -6.084  1.00 11.59 ? 24   LEU A O   1 
ATOM   129  C CB  . LEU A 1 21 ? -1.266  10.116  -6.274  1.00 11.17 ? 24   LEU A CB  1 
ATOM   130  C CG  . LEU A 1 21 ? 0.188   10.167  -5.746  1.00 14.40 ? 24   LEU A CG  1 
ATOM   131  C CD1 . LEU A 1 21 ? 0.751   8.767   -5.610  1.00 13.96 ? 24   LEU A CD1 1 
ATOM   132  C CD2 . LEU A 1 21 ? 1.093   11.015  -6.660  1.00 17.00 ? 24   LEU A CD2 1 
ATOM   133  N N   . THR A 1 22 ? -3.635  11.289  -8.244  1.00 11.26 ? 25   THR A N   1 
ATOM   134  C CA  . THR A 1 22 ? -4.996  11.207  -8.765  1.00 12.07 ? 25   THR A CA  1 
ATOM   135  C C   . THR A 1 22 ? -5.690  9.879   -8.496  1.00 12.19 ? 25   THR A C   1 
ATOM   136  O O   . THR A 1 22 ? -5.137  8.812   -8.769  1.00 12.12 ? 25   THR A O   1 
ATOM   137  C CB  . THR A 1 22 ? -5.011  11.423  -10.274 1.00 11.77 ? 25   THR A CB  1 
ATOM   138  O OG1 . THR A 1 22 ? -4.084  10.515  -10.917 1.00 11.48 ? 25   THR A OG1 1 
ATOM   139  C CG2 . THR A 1 22 ? -4.503  12.807  -10.598 1.00 13.41 ? 25   THR A CG2 1 
ATOM   140  N N   . ARG A 1 23 ? -6.940  9.957   -8.032  1.00 12.48 ? 26   ARG A N   1 
ATOM   141  C CA  . ARG A 1 23 ? -7.797  8.771   -7.988  1.00 12.25 ? 26   ARG A CA  1 
ATOM   142  C C   . ARG A 1 23 ? -8.209  8.421   -9.436  1.00 13.53 ? 26   ARG A C   1 
ATOM   143  O O   . ARG A 1 23 ? -8.572  9.310   -10.223 1.00 14.54 ? 26   ARG A O   1 
ATOM   144  C CB  . ARG A 1 23 ? -9.074  9.076   -7.168  1.00 12.00 ? 26   ARG A CB  1 
ATOM   145  C CG  . ARG A 1 23 ? -10.040 7.834   -7.086  1.00 10.31 ? 26   ARG A CG  1 
ATOM   146  C CD  . ARG A 1 23 ? -11.308 8.131   -6.223  1.00 11.43 ? 26   ARG A CD  1 
ATOM   147  N NE  . ARG A 1 23 ? -10.933 8.593   -4.870  1.00 10.85 ? 26   ARG A NE  1 
ATOM   148  C CZ  . ARG A 1 23 ? -10.610 7.767   -3.879  1.00 12.36 ? 26   ARG A CZ  1 
ATOM   149  N NH1 . ARG A 1 23 ? -10.620 6.437   -4.097  1.00 11.20 ? 26   ARG A NH1 1 
ATOM   150  N NH2 . ARG A 1 23 ? -10.229 8.261   -2.685  1.00 9.06  ? 26   ARG A NH2 1 
ATOM   151  N N   . GLY A 1 24 ? -8.160  7.143   -9.791  1.00 13.69 ? 27   GLY A N   1 
ATOM   152  C CA  . GLY A 1 24 ? -8.677  6.710   -11.087 1.00 14.68 ? 27   GLY A CA  1 
ATOM   153  C C   . GLY A 1 24 ? -7.767  5.655   -11.703 1.00 15.62 ? 27   GLY A C   1 
ATOM   154  O O   . GLY A 1 24 ? -6.847  5.154   -11.045 1.00 14.34 ? 27   GLY A O   1 
ATOM   155  N N   . ALA A 1 25 ? -8.007  5.313   -12.972 1.00 15.23 ? 28   ALA A N   1 
ATOM   156  C CA  . ALA A 1 25 ? -7.143  4.336   -13.654 1.00 15.61 ? 28   ALA A CA  1 
ATOM   157  C C   . ALA A 1 25 ? -5.710  4.841   -13.782 1.00 16.72 ? 28   ALA A C   1 
ATOM   158  O O   . ALA A 1 25 ? -4.756  4.056   -13.741 1.00 17.26 ? 28   ALA A O   1 
ATOM   159  C CB  . ALA A 1 25 ? -7.741  3.983   -15.063 1.00 16.31 ? 28   ALA A CB  1 
ATOM   160  N N   . ASP A 1 26 ? -5.554  6.163   -13.892 1.00 16.02 ? 29   ASP A N   1 
ATOM   161  C CA  . ASP A 1 26 ? -4.249  6.761   -14.086 1.00 17.55 ? 29   ASP A CA  1 
ATOM   162  C C   . ASP A 1 26 ? -3.730  7.323   -12.778 1.00 15.51 ? 29   ASP A C   1 
ATOM   163  O O   . ASP A 1 26 ? -4.526  7.747   -11.963 1.00 15.26 ? 29   ASP A O   1 
ATOM   164  C CB  . ASP A 1 26 ? -4.354  7.840   -15.143 1.00 19.51 ? 29   ASP A CB  1 
ATOM   165  C CG  . ASP A 1 26 ? -4.865  7.281   -16.467 1.00 25.05 ? 29   ASP A CG  1 
ATOM   166  O OD1 . ASP A 1 26 ? -4.341  6.233   -16.926 1.00 32.00 ? 29   ASP A OD1 1 
ATOM   167  O OD2 . ASP A 1 26 ? -5.812  7.804   -17.099 1.00 34.26 ? 29   ASP A OD2 1 
ATOM   168  N N   . THR A 1 27 ? -2.419  7.281   -12.593 1.00 14.65 ? 30   THR A N   1 
ATOM   169  C CA  . THR A 1 27 ? -1.786  7.828   -11.390 1.00 14.84 ? 30   THR A CA  1 
ATOM   170  C C   . THR A 1 27 ? -0.734  8.894   -11.741 1.00 15.33 ? 30   THR A C   1 
ATOM   171  O O   . THR A 1 27 ? 0.341   8.585   -12.302 1.00 15.47 ? 30   THR A O   1 
ATOM   172  C CB  . THR A 1 27 ? -1.167  6.672   -10.593 1.00 13.69 ? 30   THR A CB  1 
ATOM   173  O OG1 . THR A 1 27 ? -2.209  5.716   -10.307 1.00 13.53 ? 30   THR A OG1 1 
ATOM   174  C CG2 . THR A 1 27 ? -0.676  7.134   -9.205  1.00 14.41 ? 30   THR A CG2 1 
ATOM   175  N N   . ARG A 1 28 ? -1.054  10.149  -11.446 1.00 15.12 ? 31   ARG A N   1 
ATOM   176  C CA  . ARG A 1 28 ? -0.077  11.228  -11.592 1.00 16.67 ? 31   ARG A CA  1 
ATOM   177  C C   . ARG A 1 28 ? -0.279  12.157  -10.408 1.00 16.19 ? 31   ARG A C   1 
ATOM   178  O O   . ARG A 1 28 ? -1.325  12.108  -9.764  1.00 14.20 ? 31   ARG A O   1 
ATOM   179  C CB  . ARG A 1 28 ? -0.332  12.023  -12.869 1.00 17.69 ? 31   ARG A CB  1 
ATOM   180  C CG  . ARG A 1 28 ? -1.747  12.515  -12.999 1.00 22.06 ? 31   ARG A CG  1 
ATOM   181  C CD  . ARG A 1 28 ? -2.069  13.354  -14.281 1.00 32.19 ? 31   ARG A CD  1 
ATOM   182  N NE  . ARG A 1 28 ? -3.394  13.983  -14.186 1.00 36.65 ? 31   ARG A NE  1 
ATOM   183  C CZ  . ARG A 1 28 ? -3.645  15.179  -13.628 1.00 39.85 ? 31   ARG A CZ  1 
ATOM   184  N NH1 . ARG A 1 28 ? -2.669  15.926  -13.100 1.00 37.20 ? 31   ARG A NH1 1 
ATOM   185  N NH2 . ARG A 1 28 ? -4.892  15.634  -13.609 1.00 41.67 ? 31   ARG A NH2 1 
ATOM   186  N N   . PHE A 1 29 ? 0.694   13.010  -10.108 1.00 15.95 ? 32   PHE A N   1 
ATOM   187  C CA  . PHE A 1 29 ? 0.412   13.996  -9.092  1.00 15.76 ? 32   PHE A CA  1 
ATOM   188  C C   . PHE A 1 29 ? -0.377  15.159  -9.699  1.00 15.58 ? 32   PHE A C   1 
ATOM   189  O O   . PHE A 1 29 ? -0.102  15.593  -10.826 1.00 16.39 ? 32   PHE A O   1 
ATOM   190  C CB  . PHE A 1 29 ? 1.647   14.368  -8.258  1.00 16.61 ? 32   PHE A CB  1 
ATOM   191  C CG  . PHE A 1 29 ? 2.425   15.571  -8.745  1.00 19.12 ? 32   PHE A CG  1 
ATOM   192  C CD1 . PHE A 1 29 ? 3.643   15.396  -9.389  1.00 22.37 ? 32   PHE A CD1 1 
ATOM   193  C CD2 . PHE A 1 29 ? 1.962   16.863  -8.499  1.00 23.67 ? 32   PHE A CD2 1 
ATOM   194  C CE1 . PHE A 1 29 ? 4.395   16.509  -9.823  1.00 25.82 ? 32   PHE A CE1 1 
ATOM   195  C CE2 . PHE A 1 29 ? 2.681   17.988  -8.922  1.00 24.73 ? 32   PHE A CE2 1 
ATOM   196  C CZ  . PHE A 1 29 ? 3.915   17.794  -9.593  1.00 26.63 ? 32   PHE A CZ  1 
ATOM   197  N N   . HIS A 1 30 ? -1.379  15.626  -8.967  1.00 14.39 ? 33   HIS A N   1 
ATOM   198  C CA  . HIS A 1 30 ? -2.179  16.746  -9.438  1.00 13.77 ? 33   HIS A CA  1 
ATOM   199  C C   . HIS A 1 30 ? -1.882  17.974  -8.604  1.00 13.01 ? 33   HIS A C   1 
ATOM   200  O O   . HIS A 1 30 ? -2.205  19.081  -9.001  1.00 12.68 ? 33   HIS A O   1 
ATOM   201  C CB  . HIS A 1 30 ? -3.680  16.418  -9.388  1.00 13.77 ? 33   HIS A CB  1 
ATOM   202  C CG  . HIS A 1 30 ? -4.197  16.096  -8.014  1.00 14.26 ? 33   HIS A CG  1 
ATOM   203  N ND1 . HIS A 1 30 ? -4.498  17.070  -7.088  1.00 15.85 ? 33   HIS A ND1 1 
ATOM   204  C CD2 . HIS A 1 30 ? -4.471  14.908  -7.413  1.00 14.10 ? 33   HIS A CD2 1 
ATOM   205  C CE1 . HIS A 1 30 ? -4.942  16.499  -5.975  1.00 15.62 ? 33   HIS A CE1 1 
ATOM   206  N NE2 . HIS A 1 30 ? -4.938  15.187  -6.147  1.00 14.55 ? 33   HIS A NE2 1 
ATOM   207  N N   . HIS A 1 31 ? -1.259  17.777  -7.440  1.00 13.07 ? 34   HIS A N   1 
ATOM   208  C CA  . HIS A 1 31 ? -0.963  18.907  -6.575  1.00 12.65 ? 34   HIS A CA  1 
ATOM   209  C C   . HIS A 1 31 ? 0.170   18.550  -5.633  1.00 12.16 ? 34   HIS A C   1 
ATOM   210  O O   . HIS A 1 31 ? 0.192   17.461  -5.075  1.00 12.78 ? 34   HIS A O   1 
ATOM   211  C CB  . HIS A 1 31 ? -2.167  19.320  -5.719  1.00 13.41 ? 34   HIS A CB  1 
ATOM   212  C CG  . HIS A 1 31 ? -1.927  20.564  -4.926  1.00 12.65 ? 34   HIS A CG  1 
ATOM   213  N ND1 . HIS A 1 31 ? -1.959  21.817  -5.497  1.00 14.42 ? 34   HIS A ND1 1 
ATOM   214  C CD2 . HIS A 1 31 ? -1.618  20.754  -3.620  1.00 13.28 ? 34   HIS A CD2 1 
ATOM   215  C CE1 . HIS A 1 31 ? -1.691  22.731  -4.580  1.00 15.26 ? 34   HIS A CE1 1 
ATOM   216  N NE2 . HIS A 1 31 ? -1.489  22.115  -3.428  1.00 13.55 ? 34   HIS A NE2 1 
ATOM   217  N N   . SER A 1 32 ? 1.070   19.497  -5.408  1.00 12.05 ? 35   SER A N   1 
ATOM   218  C CA  . SER A 1 32 ? 2.042   19.336  -4.341  1.00 13.04 ? 35   SER A CA  1 
ATOM   219  C C   . SER A 1 32 ? 1.970   20.575  -3.449  1.00 13.82 ? 35   SER A C   1 
ATOM   220  O O   . SER A 1 32 ? 2.131   21.711  -3.940  1.00 12.39 ? 35   SER A O   1 
ATOM   221  C CB  . SER A 1 32 ? 3.455   19.200  -4.950  1.00 14.89 ? 35   SER A CB  1 
ATOM   222  O OG  . SER A 1 32 ? 4.399   19.047  -3.905  1.00 19.34 ? 35   SER A OG  1 
ATOM   223  N N   . GLU A 1 33 ? 1.657   20.376  -2.163  1.00 12.94 ? 36   GLU A N   1 
ATOM   224  C CA  . GLU A 1 33 ? 1.542   21.483  -1.231  1.00 13.43 ? 36   GLU A CA  1 
ATOM   225  C C   . GLU A 1 33 ? 2.846   21.553  -0.466  1.00 13.38 ? 36   GLU A C   1 
ATOM   226  O O   . GLU A 1 33 ? 3.226   20.589  0.231   1.00 13.73 ? 36   GLU A O   1 
ATOM   227  C CB  . GLU A 1 33 ? 0.392   21.272  -0.244  1.00 13.44 ? 36   GLU A CB  1 
ATOM   228  C CG  . GLU A 1 33 ? 0.108   22.504  0.634   1.00 14.20 ? 36   GLU A CG  1 
ATOM   229  C CD  . GLU A 1 33 ? -0.312  23.752  -0.143  1.00 16.61 ? 36   GLU A CD  1 
ATOM   230  O OE1 . GLU A 1 33 ? -0.987  23.679  -1.202  1.00 13.07 ? 36   GLU A OE1 1 
ATOM   231  O OE2 . GLU A 1 33 ? 0.038   24.849  0.310   1.00 17.64 ? 36   GLU A OE2 1 
ATOM   232  N N   . LYS A 1 34 ? 3.522   22.694  -0.568  1.00 12.59 ? 37   LYS A N   1 
ATOM   233  C CA  . LYS A 1 34 ? 4.788   22.852  0.152   1.00 13.99 ? 37   LYS A CA  1 
ATOM   234  C C   . LYS A 1 34 ? 4.571   23.334  1.575   1.00 13.88 ? 37   LYS A C   1 
ATOM   235  O O   . LYS A 1 34 ? 3.758   24.248  1.808   1.00 15.29 ? 37   LYS A O   1 
ATOM   236  C CB  . LYS A 1 34 ? 5.662   23.854  -0.586  1.00 15.02 ? 37   LYS A CB  1 
ATOM   237  C CG  . LYS A 1 34 ? 7.090   23.832  -0.152  1.00 19.28 ? 37   LYS A CG  1 
ATOM   238  C CD  . LYS A 1 34 ? 7.925   24.151  -1.353  1.00 21.72 ? 37   LYS A CD  1 
ATOM   239  C CE  . LYS A 1 34 ? 8.633   22.928  -1.964  1.00 20.21 ? 37   LYS A CE  1 
ATOM   240  N NZ  . LYS A 1 34 ? 9.662   23.534  -2.850  1.00 17.93 ? 37   LYS A NZ  1 
ATOM   241  N N   . LEU A 1 35 ? 5.300   22.754  2.528   1.00 12.59 ? 38   LEU A N   1 
ATOM   242  C CA  . LEU A 1 35 ? 5.259   23.182  3.921   1.00 12.85 ? 38   LEU A CA  1 
ATOM   243  C C   . LEU A 1 35 ? 6.640   23.617  4.366   1.00 13.86 ? 38   LEU A C   1 
ATOM   244  O O   . LEU A 1 35 ? 7.622   22.897  4.143   1.00 13.77 ? 38   LEU A O   1 
ATOM   245  C CB  . LEU A 1 35 ? 4.839   22.011  4.836   1.00 13.83 ? 38   LEU A CB  1 
ATOM   246  C CG  . LEU A 1 35 ? 3.439   21.455  4.676   1.00 14.75 ? 38   LEU A CG  1 
ATOM   247  C CD1 . LEU A 1 35 ? 3.278   20.112  5.498   1.00 15.12 ? 38   LEU A CD1 1 
ATOM   248  C CD2 . LEU A 1 35 ? 2.470   22.517  5.258   1.00 17.02 ? 38   LEU A CD2 1 
ATOM   249  N N   . ASP A 1 36 ? 6.717   24.779  4.998   1.00 13.41 ? 39   ASP A N   1 
ATOM   250  C CA  . ASP A 1 36 ? 7.963   25.153  5.637   1.00 14.55 ? 39   ASP A CA  1 
ATOM   251  C C   . ASP A 1 36 ? 7.997   24.615  7.053   1.00 14.59 ? 39   ASP A C   1 
ATOM   252  O O   . ASP A 1 36 ? 6.974   24.223  7.615   1.00 13.67 ? 39   ASP A O   1 
ATOM   253  C CB  . ASP A 1 36 ? 8.168   26.656  5.599   1.00 15.33 ? 39   ASP A CB  1 
ATOM   254  C CG  . ASP A 1 36 ? 8.744   27.123  4.254   1.00 19.36 ? 39   ASP A CG  1 
ATOM   255  O OD1 . ASP A 1 36 ? 9.389   26.295  3.555   1.00 19.60 ? 39   ASP A OD1 1 
ATOM   256  O OD2 . ASP A 1 36 ? 8.581   28.276  3.827   1.00 21.78 ? 39   ASP A OD2 1 
ATOM   257  N N   . LYS A 1 37 ? 9.181   24.608  7.650   1.00 14.50 ? 40   LYS A N   1 
ATOM   258  C CA  . LYS A 1 37 ? 9.355   23.973  8.935   1.00 14.93 ? 40   LYS A CA  1 
ATOM   259  C C   . LYS A 1 37 ? 8.350   24.477  9.979   1.00 14.83 ? 40   LYS A C   1 
ATOM   260  O O   . LYS A 1 37 ? 8.164   25.672  10.152  1.00 14.53 ? 40   LYS A O   1 
ATOM   261  C CB  . LYS A 1 37 ? 10.807  24.138  9.402   1.00 15.90 ? 40   LYS A CB  1 
ATOM   262  C CG  . LYS A 1 37 ? 11.147  23.251  10.606  1.00 18.69 ? 40   LYS A CG  1 
ATOM   263  C CD  . LYS A 1 37 ? 11.093  24.002  11.884  1.00 21.69 ? 40   LYS A CD  1 
ATOM   264  C CE  . LYS A 1 37 ? 11.986  23.306  12.925  1.00 22.35 ? 40   LYS A CE  1 
ATOM   265  N NZ  . LYS A 1 37 ? 11.548  23.735  14.245  1.00 22.23 ? 40   LYS A NZ  1 
ATOM   266  N N   . GLY A 1 38 ? 7.713   23.545  10.684  1.00 14.05 ? 41   GLY A N   1 
ATOM   267  C CA  . GLY A 1 38 ? 6.708   23.875  11.682  1.00 14.13 ? 41   GLY A CA  1 
ATOM   268  C C   . GLY A 1 38 ? 5.273   24.004  11.168  1.00 14.34 ? 41   GLY A C   1 
ATOM   269  O O   . GLY A 1 38 ? 4.326   23.986  11.966  1.00 14.12 ? 41   GLY A O   1 
ATOM   270  N N   . GLU A 1 39 ? 5.094   24.126  9.848   1.00 13.23 ? 42   GLU A N   1 
ATOM   271  C CA  . GLU A 1 39 ? 3.752   24.242  9.304   1.00 13.51 ? 42   GLU A CA  1 
ATOM   272  C C   . GLU A 1 39 ? 3.088   22.867  9.288   1.00 12.88 ? 42   GLU A C   1 
ATOM   273  O O   . GLU A 1 39 ? 3.778   21.833  9.215   1.00 12.92 ? 42   GLU A O   1 
ATOM   274  C CB  . GLU A 1 39 ? 3.767   24.875  7.909   1.00 13.55 ? 42   GLU A CB  1 
ATOM   275  C CG  . GLU A 1 39 ? 4.464   26.242  7.904   1.00 15.56 ? 42   GLU A CG  1 
ATOM   276  C CD  . GLU A 1 39 ? 4.384   26.944  6.560   1.00 17.89 ? 42   GLU A CD  1 
ATOM   277  O OE1 . GLU A 1 39 ? 4.265   26.263  5.520   1.00 16.32 ? 42   GLU A OE1 1 
ATOM   278  O OE2 . GLU A 1 39 ? 4.454   28.201  6.567   1.00 20.88 ? 42   GLU A OE2 1 
ATOM   279  N N   . VAL A 1 40 ? 1.754   22.871  9.345   1.00 12.04 ? 43   VAL A N   1 
ATOM   280  C CA  . VAL A 1 40 ? 0.982   21.638  9.443   1.00 11.34 ? 43   VAL A CA  1 
ATOM   281  C C   . VAL A 1 40 ? -0.037  21.594  8.319   1.00 11.57 ? 43   VAL A C   1 
ATOM   282  O O   . VAL A 1 40 ? -0.648  22.607  8.002   1.00 12.25 ? 43   VAL A O   1 
ATOM   283  C CB  . VAL A 1 40 ? 0.289   21.492  10.824  1.00 11.58 ? 43   VAL A CB  1 
ATOM   284  C CG1 . VAL A 1 40 ? -0.596  20.228  10.853  1.00 9.93  ? 43   VAL A CG1 1 
ATOM   285  C CG2 . VAL A 1 40 ? 1.343   21.384  11.931  1.00 12.79 ? 43   VAL A CG2 1 
ATOM   286  N N   . LEU A 1 41 ? -0.157  20.446  7.667   1.00 12.22 ? 44   LEU A N   1 
ATOM   287  C CA  . LEU A 1 41 ? -1.273  20.246  6.735   1.00 11.33 ? 44   LEU A CA  1 
ATOM   288  C C   . LEU A 1 41 ? -2.075  19.077  7.265   1.00 11.20 ? 44   LEU A C   1 
ATOM   289  O O   . LEU A 1 41 ? -1.515  18.024  7.664   1.00 12.10 ? 44   LEU A O   1 
ATOM   290  C CB  . LEU A 1 41 ? -0.776  19.925  5.314   1.00 10.89 ? 44   LEU A CB  1 
ATOM   291  C CG  . LEU A 1 41 ? -1.839  19.877  4.203   1.00 12.55 ? 44   LEU A CG  1 
ATOM   292  C CD1 . LEU A 1 41 ? -2.345  21.308  3.921   1.00 11.26 ? 44   LEU A CD1 1 
ATOM   293  C CD2 . LEU A 1 41 ? -1.190  19.256  2.906   1.00 15.08 ? 44   LEU A CD2 1 
ATOM   294  N N   . ILE A 1 42 ? -3.398  19.243  7.254   1.00 9.29  ? 45   ILE A N   1 
ATOM   295  C CA  . ILE A 1 42 ? -4.294  18.159  7.586   1.00 9.67  ? 45   ILE A CA  1 
ATOM   296  C C   . ILE A 1 42 ? -5.077  17.937  6.314   1.00 10.53 ? 45   ILE A C   1 
ATOM   297  O O   . ILE A 1 42 ? -5.809  18.820  5.880   1.00 10.31 ? 45   ILE A O   1 
ATOM   298  C CB  . ILE A 1 42 ? -5.258  18.567  8.738   1.00 9.81  ? 45   ILE A CB  1 
ATOM   299  C CG1 . ILE A 1 42 ? -4.442  19.056  9.946   1.00 11.24 ? 45   ILE A CG1 1 
ATOM   300  C CG2 . ILE A 1 42 ? -6.075  17.358  9.150   1.00 9.49  ? 45   ILE A CG2 1 
ATOM   301  C CD1 . ILE A 1 42 ? -4.449  20.541  10.157  1.00 12.76 ? 45   ILE A CD1 1 
ATOM   302  N N   . ALA A 1 43 ? -4.894  16.776  5.694   1.00 10.74 ? 46   ALA A N   1 
ATOM   303  C CA  . ALA A 1 43 ? -5.388  16.580  4.325   1.00 10.95 ? 46   ALA A CA  1 
ATOM   304  C C   . ALA A 1 43 ? -6.213  15.294  4.259   1.00 11.11 ? 46   ALA A C   1 
ATOM   305  O O   . ALA A 1 43 ? -5.789  14.251  4.727   1.00 12.00 ? 46   ALA A O   1 
ATOM   306  C CB  . ALA A 1 43 ? -4.184  16.499  3.382   1.00 11.65 ? 46   ALA A CB  1 
ATOM   307  N N   . GLN A 1 44 ? -7.395  15.363  3.662   1.00 10.32 ? 47   GLN A N   1 
ATOM   308  C CA  . GLN A 1 44 ? -8.232  14.188  3.510   1.00 9.58  ? 47   GLN A CA  1 
ATOM   309  C C   . GLN A 1 44 ? -7.921  13.413  2.239   1.00 10.83 ? 47   GLN A C   1 
ATOM   310  O O   . GLN A 1 44 ? -7.316  13.937  1.296   1.00 10.56 ? 47   GLN A O   1 
ATOM   311  C CB  . GLN A 1 44 ? -9.722  14.598  3.409   1.00 10.09 ? 47   GLN A CB  1 
ATOM   312  C CG  . GLN A 1 44 ? -10.292 15.234  4.688   1.00 11.10 ? 47   GLN A CG  1 
ATOM   313  C CD  . GLN A 1 44 ? -11.761 15.556  4.487   1.00 12.54 ? 47   GLN A CD  1 
ATOM   314  O OE1 . GLN A 1 44 ? -12.119 16.256  3.529   1.00 13.72 ? 47   GLN A OE1 1 
ATOM   315  N NE2 . GLN A 1 44 ? -12.611 15.010  5.343   1.00 13.69 ? 47   GLN A NE2 1 
ATOM   316  N N   . PHE A 1 45 ? -8.356  12.146  2.219   1.00 10.76 ? 48   PHE A N   1 
ATOM   317  C CA  . PHE A 1 45 ? -8.512  11.452  0.953   1.00 11.14 ? 48   PHE A CA  1 
ATOM   318  C C   . PHE A 1 45 ? -9.872  11.878  0.430   1.00 10.32 ? 48   PHE A C   1 
ATOM   319  O O   . PHE A 1 45 ? -10.798 12.105  1.223   1.00 11.04 ? 48   PHE A O   1 
ATOM   320  C CB  . PHE A 1 45 ? -8.455  9.930   1.148   1.00 11.13 ? 48   PHE A CB  1 
ATOM   321  C CG  . PHE A 1 45 ? -7.057  9.438   1.441   1.00 12.59 ? 48   PHE A CG  1 
ATOM   322  C CD1 . PHE A 1 45 ? -6.115  9.377   0.418   1.00 10.66 ? 48   PHE A CD1 1 
ATOM   323  C CD2 . PHE A 1 45 ? -6.671  9.112   2.729   1.00 14.54 ? 48   PHE A CD2 1 
ATOM   324  C CE1 . PHE A 1 45 ? -4.825  8.972   0.655   1.00 11.89 ? 48   PHE A CE1 1 
ATOM   325  C CE2 . PHE A 1 45 ? -5.359  8.689   2.990   1.00 15.27 ? 48   PHE A CE2 1 
ATOM   326  C CZ  . PHE A 1 45 ? -4.442  8.607   1.938   1.00 14.69 ? 48   PHE A CZ  1 
ATOM   327  N N   . THR A 1 46 ? -10.016 11.939  -0.891  1.00 11.36 ? 49   THR A N   1 
ATOM   328  C CA  . THR A 1 46 ? -11.164 12.627  -1.496  1.00 10.40 ? 49   THR A CA  1 
ATOM   329  C C   . THR A 1 46 ? -11.533 11.982  -2.810  1.00 11.69 ? 49   THR A C   1 
ATOM   330  O O   . THR A 1 46 ? -10.893 11.043  -3.241  1.00 11.99 ? 49   THR A O   1 
ATOM   331  C CB  . THR A 1 46 ? -10.789 14.102  -1.853  1.00 11.25 ? 49   THR A CB  1 
ATOM   332  O OG1 . THR A 1 46 ? -9.768  14.088  -2.877  1.00 9.48  ? 49   THR A OG1 1 
ATOM   333  C CG2 . THR A 1 46 ? -10.200 14.880  -0.625  1.00 9.64  ? 49   THR A CG2 1 
ATOM   334  N N   . GLU A 1 47 ? -12.526 12.561  -3.492  1.00 11.65 ? 50   GLU A N   1 
ATOM   335  C CA  . GLU A 1 47 ? -12.901 12.085  -4.826  1.00 13.43 ? 50   GLU A CA  1 
ATOM   336  C C   . GLU A 1 47 ? -11.726 12.158  -5.787  1.00 13.13 ? 50   GLU A C   1 
ATOM   337  O O   . GLU A 1 47 ? -11.619 11.341  -6.708  1.00 12.87 ? 50   GLU A O   1 
ATOM   338  C CB  . GLU A 1 47 ? -14.074 12.916  -5.363  1.00 13.92 ? 50   GLU A CB  1 
ATOM   339  C CG  . GLU A 1 47 ? -14.624 12.446  -6.711  1.00 19.68 ? 50   GLU A CG  1 
ATOM   340  C CD  . GLU A 1 47 ? -15.682 13.402  -7.273  1.00 26.89 ? 50   GLU A CD  1 
ATOM   341  O OE1 . GLU A 1 47 ? -16.159 14.298  -6.512  1.00 27.38 ? 50   GLU A OE1 1 
ATOM   342  O OE2 . GLU A 1 47 ? -16.024 13.278  -8.481  1.00 29.22 ? 50   GLU A OE2 1 
ATOM   343  N N   . HIS A 1 48 ? -10.831 13.127  -5.565  1.00 11.85 ? 51   HIS A N   1 
ATOM   344  C CA  . HIS A 1 48 ? -9.728  13.365  -6.497  1.00 11.71 ? 51   HIS A CA  1 
ATOM   345  C C   . HIS A 1 48 ? -8.370  12.820  -6.042  1.00 11.03 ? 51   HIS A C   1 
ATOM   346  O O   . HIS A 1 48 ? -7.457  12.714  -6.845  1.00 12.26 ? 51   HIS A O   1 
ATOM   347  C CB  . HIS A 1 48 ? -9.658  14.862  -6.851  1.00 11.81 ? 51   HIS A CB  1 
ATOM   348  C CG  . HIS A 1 48 ? -10.855 15.293  -7.640  1.00 11.71 ? 51   HIS A CG  1 
ATOM   349  N ND1 . HIS A 1 48 ? -12.012 15.719  -7.036  1.00 13.08 ? 51   HIS A ND1 1 
ATOM   350  C CD2 . HIS A 1 48 ? -11.120 15.232  -8.969  1.00 17.76 ? 51   HIS A CD2 1 
ATOM   351  C CE1 . HIS A 1 48 ? -12.936 15.950  -7.961  1.00 15.36 ? 51   HIS A CE1 1 
ATOM   352  N NE2 . HIS A 1 48 ? -12.417 15.669  -9.146  1.00 15.16 ? 51   HIS A NE2 1 
ATOM   353  N N   . THR A 1 49 ? -8.245  12.486  -4.766  1.00 10.43 ? 52   THR A N   1 
ATOM   354  C CA  . THR A 1 49 ? -6.943  12.116  -4.195  1.00 9.74  ? 52   THR A CA  1 
ATOM   355  C C   . THR A 1 49 ? -7.073  10.795  -3.462  1.00 9.88  ? 52   THR A C   1 
ATOM   356  O O   . THR A 1 49 ? -7.761  10.723  -2.439  1.00 9.17  ? 52   THR A O   1 
ATOM   357  C CB  . THR A 1 49 ? -6.485  13.189  -3.197  1.00 10.58 ? 52   THR A CB  1 
ATOM   358  O OG1 . THR A 1 49 ? -6.267  14.437  -3.871  1.00 11.22 ? 52   THR A OG1 1 
ATOM   359  C CG2 . THR A 1 49 ? -5.138  12.832  -2.588  1.00 11.85 ? 52   THR A CG2 1 
ATOM   360  N N   . SER A 1 50 ? -6.404  9.757   -3.976  1.00 9.43  ? 53   SER A N   1 
ATOM   361  C CA  . SER A 1 50 ? -6.467  8.429   -3.352  1.00 10.40 ? 53   SER A CA  1 
ATOM   362  C C   . SER A 1 50 ? -5.123  7.918   -2.811  1.00 10.13 ? 53   SER A C   1 
ATOM   363  O O   . SER A 1 50 ? -5.038  6.805   -2.339  1.00 11.06 ? 53   SER A O   1 
ATOM   364  C CB  . SER A 1 50 ? -7.030  7.400   -4.337  1.00 10.02 ? 53   SER A CB  1 
ATOM   365  O OG  . SER A 1 50 ? -6.184  7.295   -5.488  1.00 10.72 ? 53   SER A OG  1 
ATOM   366  N N   . ALA A 1 51 ? -4.067  8.708   -2.955  1.00 10.08 ? 54   ALA A N   1 
ATOM   367  C CA  . ALA A 1 51 ? -2.777  8.375   -2.373  1.00 10.79 ? 54   ALA A CA  1 
ATOM   368  C C   . ALA A 1 51 ? -2.057  9.680   -2.132  1.00 10.63 ? 54   ALA A C   1 
ATOM   369  O O   . ALA A 1 51 ? -2.233  10.654  -2.877  1.00 11.01 ? 54   ALA A O   1 
ATOM   370  C CB  . ALA A 1 51 ? -1.954  7.469   -3.296  1.00 11.35 ? 54   ALA A CB  1 
ATOM   371  N N   . ILE A 1 52 ? -1.318  9.729   -1.034  1.00 10.37 ? 55   ILE A N   1 
ATOM   372  C CA  . ILE A 1 52 ? -0.553  10.932  -0.694  1.00 10.77 ? 55   ILE A CA  1 
ATOM   373  C C   . ILE A 1 52 ? 0.891   10.532  -0.435  1.00 11.97 ? 55   ILE A C   1 
ATOM   374  O O   . ILE A 1 52 ? 1.137   9.588   0.307   1.00 11.68 ? 55   ILE A O   1 
ATOM   375  C CB  . ILE A 1 52 ? -1.153  11.582  0.575   1.00 10.35 ? 55   ILE A CB  1 
ATOM   376  C CG1 . ILE A 1 52 ? -2.571  12.106  0.278   1.00 10.52 ? 55   ILE A CG1 1 
ATOM   377  C CG2 . ILE A 1 52 ? -0.239  12.732  1.102   1.00 10.94 ? 55   ILE A CG2 1 
ATOM   378  C CD1 . ILE A 1 52 ? -3.405  12.399  1.523   1.00 11.08 ? 55   ILE A CD1 1 
ATOM   379  N N   . LYS A 1 53 ? 1.829   11.265  -1.047  1.00 12.31 ? 56   LYS A N   1 
ATOM   380  C CA  . LYS A 1 53 ? 3.261   10.999  -0.830  1.00 12.62 ? 56   LYS A CA  1 
ATOM   381  C C   . LYS A 1 53 ? 3.873   12.186  -0.104  1.00 12.99 ? 56   LYS A C   1 
ATOM   382  O O   . LYS A 1 53 ? 3.561   13.341  -0.418  1.00 13.03 ? 56   LYS A O   1 
ATOM   383  C CB  . LYS A 1 53 ? 3.944   10.785  -2.177  1.00 14.01 ? 56   LYS A CB  1 
ATOM   384  C CG  . LYS A 1 53 ? 5.469   10.509  -2.123  1.00 14.59 ? 56   LYS A CG  1 
ATOM   385  C CD  . LYS A 1 53 ? 6.000   10.510  -3.579  1.00 20.13 ? 56   LYS A CD  1 
ATOM   386  C CE  . LYS A 1 53 ? 7.275   9.724   -3.699  1.00 23.52 ? 56   LYS A CE  1 
ATOM   387  N NZ  . LYS A 1 53 ? 7.666   9.458   -5.157  1.00 22.53 ? 56   LYS A NZ  1 
ATOM   388  N N   . VAL A 1 54 ? 4.700   11.916  0.911   1.00 12.48 ? 57   VAL A N   1 
ATOM   389  C CA  . VAL A 1 54 ? 5.312   13.025  1.631   1.00 13.39 ? 57   VAL A CA  1 
ATOM   390  C C   . VAL A 1 54 ? 6.805   12.886  1.414   1.00 15.32 ? 57   VAL A C   1 
ATOM   391  O O   . VAL A 1 54 ? 7.383   11.822  1.716   1.00 15.13 ? 57   VAL A O   1 
ATOM   392  C CB  . VAL A 1 54 ? 4.975   12.995  3.140   1.00 13.42 ? 57   VAL A CB  1 
ATOM   393  C CG1 . VAL A 1 54 ? 5.602   14.179  3.868   1.00 14.55 ? 57   VAL A CG1 1 
ATOM   394  C CG2 . VAL A 1 54 ? 3.453   13.008  3.389   1.00 12.59 ? 57   VAL A CG2 1 
ATOM   395  N N   . ARG A 1 55 ? 7.412   13.941  0.868   1.00 15.74 ? 58   ARG A N   1 
ATOM   396  C CA  . ARG A 1 55 ? 8.850   13.991  0.601   1.00 17.24 ? 58   ARG A CA  1 
ATOM   397  C C   . ARG A 1 55 ? 9.474   15.099  1.427   1.00 17.68 ? 58   ARG A C   1 
ATOM   398  O O   . ARG A 1 55 ? 9.099   16.254  1.272   1.00 18.85 ? 58   ARG A O   1 
ATOM   399  C CB  . ARG A 1 55 ? 9.111   14.211  -0.905  1.00 17.67 ? 58   ARG A CB  1 
ATOM   400  C CG  . ARG A 1 55 ? 10.614  14.360  -1.298  1.00 22.30 ? 58   ARG A CG  1 
ATOM   401  C CD  . ARG A 1 55 ? 10.914  14.284  -2.836  1.00 30.43 ? 58   ARG A CD  1 
ATOM   402  N NE  . ARG A 1 55 ? 9.848   13.652  -3.621  1.00 36.23 ? 58   ARG A NE  1 
ATOM   403  C CZ  . ARG A 1 55 ? 10.024  12.904  -4.717  1.00 40.23 ? 58   ARG A CZ  1 
ATOM   404  N NH1 . ARG A 1 55 ? 11.238  12.653  -5.193  1.00 42.61 ? 58   ARG A NH1 1 
ATOM   405  N NH2 . ARG A 1 55 ? 8.970   12.385  -5.341  1.00 43.17 ? 58   ARG A NH2 1 
ATOM   406  N N   . GLY A 1 56 ? 10.404  14.748  2.312   1.00 17.29 ? 59   GLY A N   1 
ATOM   407  C CA  . GLY A 1 56 ? 11.002  15.700  3.227   1.00 17.15 ? 59   GLY A CA  1 
ATOM   408  C C   . GLY A 1 56 ? 10.701  15.265  4.647   1.00 18.30 ? 59   GLY A C   1 
ATOM   409  O O   . GLY A 1 56 ? 9.674   14.588  4.883   1.00 19.86 ? 59   GLY A O   1 
ATOM   410  N N   . LYS A 1 57 ? 11.552  15.653  5.594   1.00 17.61 ? 60   LYS A N   1 
ATOM   411  C CA  . LYS A 1 57 ? 11.399  15.226  6.995   1.00 18.47 ? 60   LYS A CA  1 
ATOM   412  C C   . LYS A 1 57 ? 10.132  15.789  7.633   1.00 17.39 ? 60   LYS A C   1 
ATOM   413  O O   . LYS A 1 57 ? 9.933   17.011  7.647   1.00 16.05 ? 60   LYS A O   1 
ATOM   414  C CB  . LYS A 1 57 ? 12.593  15.699  7.807   1.00 19.42 ? 60   LYS A CB  1 
ATOM   415  C CG  . LYS A 1 57 ? 12.810  14.986  9.166   1.00 24.60 ? 60   LYS A CG  1 
ATOM   416  C CD  . LYS A 1 57 ? 14.280  14.502  9.213   1.00 32.41 ? 60   LYS A CD  1 
ATOM   417  C CE  . LYS A 1 57 ? 14.623  13.764  10.510  1.00 36.69 ? 60   LYS A CE  1 
ATOM   418  N NZ  . LYS A 1 57 ? 16.003  13.174  10.430  1.00 42.45 ? 60   LYS A NZ  1 
ATOM   419  N N   . ALA A 1 58 ? 9.307   14.900  8.192   1.00 16.62 ? 61   ALA A N   1 
ATOM   420  C CA  . ALA A 1 58 ? 7.957   15.254  8.618   1.00 15.37 ? 61   ALA A CA  1 
ATOM   421  C C   . ALA A 1 58 ? 7.537   14.337  9.744   1.00 15.59 ? 61   ALA A C   1 
ATOM   422  O O   . ALA A 1 58 ? 7.941   13.171  9.781   1.00 16.63 ? 61   ALA A O   1 
ATOM   423  C CB  . ALA A 1 58 ? 6.972   15.111  7.426   1.00 15.56 ? 61   ALA A CB  1 
ATOM   424  N N   . TYR A 1 59 ? 6.735   14.851  10.651  1.00 14.57 ? 62   TYR A N   1 
ATOM   425  C CA  . TYR A 1 59 ? 6.034   14.018  11.618  1.00 15.54 ? 62   TYR A CA  1 
ATOM   426  C C   . TYR A 1 59 ? 4.627   13.812  11.049  1.00 15.64 ? 62   TYR A C   1 
ATOM   427  O O   . TYR A 1 59 ? 3.938   14.796  10.746  1.00 15.56 ? 62   TYR A O   1 
ATOM   428  C CB  . TYR A 1 59 ? 5.978   14.747  12.950  1.00 16.42 ? 62   TYR A CB  1 
ATOM   429  C CG  . TYR A 1 59 ? 5.203   14.067  14.044  1.00 20.82 ? 62   TYR A CG  1 
ATOM   430  C CD1 . TYR A 1 59 ? 5.817   13.192  14.941  1.00 27.40 ? 62   TYR A CD1 1 
ATOM   431  C CD2 . TYR A 1 59 ? 3.855   14.342  14.209  1.00 25.82 ? 62   TYR A CD2 1 
ATOM   432  C CE1 . TYR A 1 59 ? 5.056   12.582  15.982  1.00 30.86 ? 62   TYR A CE1 1 
ATOM   433  C CE2 . TYR A 1 59 ? 3.110   13.764  15.211  1.00 28.88 ? 62   TYR A CE2 1 
ATOM   434  C CZ  . TYR A 1 59 ? 3.690   12.881  16.088  1.00 31.49 ? 62   TYR A CZ  1 
ATOM   435  O OH  . TYR A 1 59 ? 2.865   12.340  17.072  1.00 33.85 ? 62   TYR A OH  1 
ATOM   436  N N   . ILE A 1 60 ? 4.227   12.555  10.881  1.00 14.78 ? 63   ILE A N   1 
ATOM   437  C CA  . ILE A 1 60 ? 2.984   12.223  10.190  1.00 14.94 ? 63   ILE A CA  1 
ATOM   438  C C   . ILE A 1 60 ? 2.059   11.402  11.110  1.00 15.99 ? 63   ILE A C   1 
ATOM   439  O O   . ILE A 1 60 ? 2.506   10.418  11.697  1.00 16.14 ? 63   ILE A O   1 
ATOM   440  C CB  . ILE A 1 60 ? 3.300   11.431  8.913   1.00 14.88 ? 63   ILE A CB  1 
ATOM   441  C CG1 . ILE A 1 60 ? 4.138   12.286  7.932   1.00 14.92 ? 63   ILE A CG1 1 
ATOM   442  C CG2 . ILE A 1 60 ? 1.995   10.905  8.265   1.00 14.95 ? 63   ILE A CG2 1 
ATOM   443  C CD1 . ILE A 1 60 ? 4.711   11.523  6.724   1.00 16.97 ? 63   ILE A CD1 1 
ATOM   444  N N   . GLN A 1 61 ? 0.784   11.783  11.202  1.00 15.37 ? 64   GLN A N   1 
ATOM   445  C CA  . GLN A 1 61 ? -0.194  10.976  11.946  1.00 17.47 ? 64   GLN A CA  1 
ATOM   446  C C   . GLN A 1 61 ? -1.281  10.525  10.991  1.00 18.41 ? 64   GLN A C   1 
ATOM   447  O O   . GLN A 1 61 ? -1.755  11.315  10.151  1.00 16.92 ? 64   GLN A O   1 
ATOM   448  C CB  . GLN A 1 61 ? -0.867  11.757  13.091  1.00 17.09 ? 64   GLN A CB  1 
ATOM   449  C CG  . GLN A 1 61 ? 0.042   12.250  14.206  1.00 20.66 ? 64   GLN A CG  1 
ATOM   450  C CD  . GLN A 1 61 ? -0.647  13.274  15.123  1.00 24.44 ? 64   GLN A CD  1 
ATOM   451  O OE1 . GLN A 1 61 ? -1.404  14.100  14.651  1.00 27.06 ? 64   GLN A OE1 1 
ATOM   452  N NE2 . GLN A 1 61 ? -0.358  13.227  16.413  1.00 22.00 ? 64   GLN A NE2 1 
ATOM   453  N N   . THR A 1 62 ? -1.668  9.256   11.109  1.00 19.47 ? 65   THR A N   1 
ATOM   454  C CA  . THR A 1 62 ? -2.857  8.761   10.434  1.00 22.79 ? 65   THR A CA  1 
ATOM   455  C C   . THR A 1 62 ? -3.693  7.977   11.475  1.00 25.55 ? 65   THR A C   1 
ATOM   456  O O   . THR A 1 62 ? -3.267  7.799   12.616  1.00 25.95 ? 65   THR A O   1 
ATOM   457  C CB  . THR A 1 62 ? -2.508  7.821   9.224   1.00 23.22 ? 65   THR A CB  1 
ATOM   458  O OG1 . THR A 1 62 ? -2.026  6.563   9.719   1.00 22.17 ? 65   THR A OG1 1 
ATOM   459  C CG2 . THR A 1 62 ? -1.356  8.359   8.358   1.00 21.73 ? 65   THR A CG2 1 
ATOM   460  N N   . ARG A 1 63 ? -4.829  7.450   11.039  1.00 29.07 ? 66   ARG A N   1 
ATOM   461  C CA  . ARG A 1 63 ? -5.621  6.468   11.825  1.00 32.70 ? 66   ARG A CA  1 
ATOM   462  C C   . ARG A 1 63 ? -4.824  5.300   12.450  1.00 33.86 ? 66   ARG A C   1 
ATOM   463  O O   . ARG A 1 63 ? -5.228  4.759   13.492  1.00 34.57 ? 66   ARG A O   1 
ATOM   464  C CB  . ARG A 1 63 ? -6.739  5.897   10.937  1.00 33.59 ? 66   ARG A CB  1 
ATOM   465  C CG  . ARG A 1 63 ? -7.955  5.364   11.704  1.00 38.31 ? 66   ARG A CG  1 
ATOM   466  C CD  . ARG A 1 63 ? -8.723  4.232   10.981  1.00 44.50 ? 66   ARG A CD  1 
ATOM   467  N NE  . ARG A 1 63 ? -8.930  4.474   9.547   1.00 47.76 ? 66   ARG A NE  1 
ATOM   468  C CZ  . ARG A 1 63 ? -9.102  3.511   8.635   1.00 50.40 ? 66   ARG A CZ  1 
ATOM   469  N NH1 . ARG A 1 63 ? -9.097  2.229   8.997   1.00 51.83 ? 66   ARG A NH1 1 
ATOM   470  N NH2 . ARG A 1 63 ? -9.281  3.819   7.353   1.00 51.03 ? 66   ARG A NH2 1 
ATOM   471  N N   . HIS A 1 64 ? -3.721  4.903   11.805  1.00 35.07 ? 67   HIS A N   1 
ATOM   472  C CA  . HIS A 1 64 ? -2.886  3.773   12.249  1.00 36.71 ? 67   HIS A CA  1 
ATOM   473  C C   . HIS A 1 64 ? -1.838  4.142   13.317  1.00 37.57 ? 67   HIS A C   1 
ATOM   474  O O   . HIS A 1 64 ? -1.243  3.248   13.933  1.00 37.96 ? 67   HIS A O   1 
ATOM   475  C CB  . HIS A 1 64 ? -2.183  3.111   11.048  1.00 36.68 ? 67   HIS A CB  1 
ATOM   476  C CG  . HIS A 1 64 ? -3.115  2.641   9.967   1.00 37.95 ? 67   HIS A CG  1 
ATOM   477  N ND1 . HIS A 1 64 ? -4.454  2.379   10.186  1.00 38.49 ? 67   HIS A ND1 1 
ATOM   478  C CD2 . HIS A 1 64 ? -2.898  2.392   8.653   1.00 38.77 ? 67   HIS A CD2 1 
ATOM   479  C CE1 . HIS A 1 64 ? -5.020  1.998   9.054   1.00 38.91 ? 67   HIS A CE1 1 
ATOM   480  N NE2 . HIS A 1 64 ? -4.094  1.990   8.109   1.00 40.45 ? 67   HIS A NE2 1 
ATOM   481  N N   . GLY A 1 65 ? -1.606  5.440   13.522  1.00 37.82 ? 68   GLY A N   1 
ATOM   482  C CA  . GLY A 1 65 ? -0.564  5.913   14.426  1.00 38.64 ? 68   GLY A CA  1 
ATOM   483  C C   . GLY A 1 65 ? 0.337   6.976   13.797  1.00 39.31 ? 68   GLY A C   1 
ATOM   484  O O   . GLY A 1 65 ? -0.051  7.637   12.822  1.00 38.56 ? 68   GLY A O   1 
ATOM   485  N N   . VAL A 1 66 ? 1.537   7.130   14.367  1.00 39.93 ? 69   VAL A N   1 
ATOM   486  C CA  . VAL A 1 66 ? 2.530   8.105   13.898  1.00 40.51 ? 69   VAL A CA  1 
ATOM   487  C C   . VAL A 1 66 ? 3.507   7.501   12.878  1.00 40.90 ? 69   VAL A C   1 
ATOM   488  O O   . VAL A 1 66 ? 3.973   6.366   13.038  1.00 41.68 ? 69   VAL A O   1 
ATOM   489  C CB  . VAL A 1 66 ? 3.306   8.800   15.080  1.00 40.38 ? 69   VAL A CB  1 
ATOM   490  C CG1 . VAL A 1 66 ? 3.871   7.787   16.053  1.00 40.93 ? 69   VAL A CG1 1 
ATOM   491  C CG2 . VAL A 1 66 ? 4.440   9.680   14.549  1.00 41.10 ? 69   VAL A CG2 1 
ATOM   492  N N   . SER B 1 4  ? -12.299 4.314   3.545   1.00 35.63 ? 7    SER B N   1 
ATOM   493  C CA  . SER B 1 4  ? -11.650 3.180   2.836   1.00 35.07 ? 7    SER B CA  1 
ATOM   494  C C   . SER B 1 4  ? -10.329 2.818   3.486   1.00 33.62 ? 7    SER B C   1 
ATOM   495  O O   . SER B 1 4  ? -9.620  3.697   3.985   1.00 35.45 ? 7    SER B O   1 
ATOM   496  C CB  . SER B 1 4  ? -11.409 3.505   1.364   1.00 35.29 ? 7    SER B CB  1 
ATOM   497  O OG  . SER B 1 4  ? -11.051 2.309   0.684   1.00 38.15 ? 7    SER B OG  1 
ATOM   498  N N   . ASP B 1 5  ? -9.999  1.531   3.440   1.00 30.89 ? 8    ASP B N   1 
ATOM   499  C CA  . ASP B 1 5  ? -8.762  0.999   4.002   1.00 29.07 ? 8    ASP B CA  1 
ATOM   500  C C   . ASP B 1 5  ? -7.538  1.546   3.255   1.00 26.51 ? 8    ASP B C   1 
ATOM   501  O O   . ASP B 1 5  ? -7.611  1.816   2.045   1.00 24.02 ? 8    ASP B O   1 
ATOM   502  C CB  . ASP B 1 5  ? -8.766  -0.529  3.930   1.00 30.26 ? 8    ASP B CB  1 
ATOM   503  C CG  . ASP B 1 5  ? -9.424  -1.186  5.165   1.00 34.36 ? 8    ASP B CG  1 
ATOM   504  O OD1 . ASP B 1 5  ? -9.238  -0.682  6.304   1.00 39.63 ? 8    ASP B OD1 1 
ATOM   505  O OD2 . ASP B 1 5  ? -10.140 -2.213  5.086   1.00 35.72 ? 8    ASP B OD2 1 
ATOM   506  N N   . PHE B 1 6  ? -6.432  1.718   3.985   1.00 23.12 ? 9    PHE B N   1 
ATOM   507  C CA  . PHE B 1 6  ? -5.228  2.299   3.412   1.00 20.37 ? 9    PHE B CA  1 
ATOM   508  C C   . PHE B 1 6  ? -3.979  1.768   4.118   1.00 19.39 ? 9    PHE B C   1 
ATOM   509  O O   . PHE B 1 6  ? -4.063  1.238   5.232   1.00 19.36 ? 9    PHE B O   1 
ATOM   510  C CB  . PHE B 1 6  ? -5.262  3.840   3.447   1.00 20.13 ? 9    PHE B CB  1 
ATOM   511  C CG  . PHE B 1 6  ? -5.196  4.417   4.821   1.00 20.71 ? 9    PHE B CG  1 
ATOM   512  C CD1 . PHE B 1 6  ? -3.961  4.685   5.426   1.00 18.95 ? 9    PHE B CD1 1 
ATOM   513  C CD2 . PHE B 1 6  ? -6.368  4.684   5.538   1.00 23.32 ? 9    PHE B CD2 1 
ATOM   514  C CE1 . PHE B 1 6  ? -3.885  5.201   6.708   1.00 20.24 ? 9    PHE B CE1 1 
ATOM   515  C CE2 . PHE B 1 6  ? -6.296  5.228   6.834   1.00 25.31 ? 9    PHE B CE2 1 
ATOM   516  C CZ  . PHE B 1 6  ? -5.045  5.482   7.415   1.00 23.84 ? 9    PHE B CZ  1 
ATOM   517  N N   . VAL B 1 7  ? -2.846  1.905   3.441   1.00 16.91 ? 10   VAL B N   1 
ATOM   518  C CA  . VAL B 1 7  ? -1.577  1.366   3.874   1.00 16.17 ? 10   VAL B CA  1 
ATOM   519  C C   . VAL B 1 7  ? -0.609  2.550   3.954   1.00 15.57 ? 10   VAL B C   1 
ATOM   520  O O   . VAL B 1 7  ? -0.660  3.456   3.122   1.00 15.17 ? 10   VAL B O   1 
ATOM   521  C CB  . VAL B 1 7  ? -1.074  0.322   2.820   1.00 16.48 ? 10   VAL B CB  1 
ATOM   522  C CG1 . VAL B 1 7  ? 0.302   -0.289  3.182   1.00 17.17 ? 10   VAL B CG1 1 
ATOM   523  C CG2 . VAL B 1 7  ? -2.089  -0.814  2.692   1.00 17.41 ? 10   VAL B CG2 1 
ATOM   524  N N   . VAL B 1 8  ? 0.243   2.543   4.966   1.00 14.43 ? 11   VAL B N   1 
ATOM   525  C CA  . VAL B 1 8  ? 1.309   3.536   5.083   1.00 13.29 ? 11   VAL B CA  1 
ATOM   526  C C   . VAL B 1 8  ? 2.624   2.816   4.826   1.00 14.15 ? 11   VAL B C   1 
ATOM   527  O O   . VAL B 1 8  ? 2.910   1.788   5.467   1.00 14.50 ? 11   VAL B O   1 
ATOM   528  C CB  . VAL B 1 8  ? 1.324   4.129   6.512   1.00 13.72 ? 11   VAL B CB  1 
ATOM   529  C CG1 . VAL B 1 8  ? 2.500   5.127   6.713   1.00 13.02 ? 11   VAL B CG1 1 
ATOM   530  C CG2 . VAL B 1 8  ? -0.023  4.768   6.810   1.00 13.51 ? 11   VAL B CG2 1 
ATOM   531  N N   . ILE B 1 9  ? 3.426   3.356   3.909   1.00 13.12 ? 12   ILE B N   1 
ATOM   532  C CA  . ILE B 1 9  ? 4.723   2.769   3.575   1.00 13.50 ? 12   ILE B CA  1 
ATOM   533  C C   . ILE B 1 9  ? 5.790   3.818   3.737   1.00 13.86 ? 12   ILE B C   1 
ATOM   534  O O   . ILE B 1 9  ? 5.732   4.849   3.090   1.00 13.33 ? 12   ILE B O   1 
ATOM   535  C CB  . ILE B 1 9  ? 4.743   2.281   2.117   1.00 13.85 ? 12   ILE B CB  1 
ATOM   536  C CG1 . ILE B 1 9  ? 3.619   1.267   1.867   1.00 15.30 ? 12   ILE B CG1 1 
ATOM   537  C CG2 . ILE B 1 9  ? 6.108   1.596   1.833   1.00 13.51 ? 12   ILE B CG2 1 
ATOM   538  C CD1 . ILE B 1 9  ? 2.487   1.775   0.990   1.00 19.27 ? 12   ILE B CD1 1 
ATOM   539  N N   . LYS B 1 10 ? 6.758   3.574   4.621   1.00 13.24 ? 13   LYS B N   1 
ATOM   540  C CA  . LYS B 1 10 ? 7.914   4.431   4.725   1.00 14.63 ? 13   LYS B CA  1 
ATOM   541  C C   . LYS B 1 10 ? 9.163   3.664   4.263   1.00 13.96 ? 13   LYS B C   1 
ATOM   542  O O   . LYS B 1 10 ? 9.449   2.558   4.762   1.00 14.45 ? 13   LYS B O   1 
ATOM   543  C CB  . LYS B 1 10 ? 8.105   4.900   6.167   1.00 15.72 ? 13   LYS B CB  1 
ATOM   544  C CG  . LYS B 1 10 ? 9.353   5.778   6.317   1.00 18.46 ? 13   LYS B CG  1 
ATOM   545  C CD  . LYS B 1 10 ? 9.377   6.553   7.618   1.00 26.10 ? 13   LYS B CD  1 
ATOM   546  C CE  . LYS B 1 10 ? 10.824  6.835   8.042   1.00 30.79 ? 13   LYS B CE  1 
ATOM   547  N NZ  . LYS B 1 10 ? 10.994  6.975   9.540   1.00 33.71 ? 13   LYS B NZ  1 
ATOM   548  N N   . ALA B 1 11 ? 9.887   4.239   3.313   1.00 14.44 ? 14   ALA B N   1 
ATOM   549  C CA  . ALA B 1 11 ? 11.050  3.586   2.733   1.00 14.98 ? 14   ALA B CA  1 
ATOM   550  C C   . ALA B 1 11 ? 12.181  3.653   3.750   1.00 15.41 ? 14   ALA B C   1 
ATOM   551  O O   . ALA B 1 11 ? 12.442  4.719   4.314   1.00 16.37 ? 14   ALA B O   1 
ATOM   552  C CB  . ALA B 1 11 ? 11.471  4.294   1.476   1.00 15.35 ? 14   ALA B CB  1 
ATOM   553  N N   . LEU B 1 12 ? 12.846  2.525   3.963   1.00 16.48 ? 15   LEU B N   1 
ATOM   554  C CA  . LEU B 1 12 ? 13.995  2.478   4.877   1.00 17.63 ? 15   LEU B CA  1 
ATOM   555  C C   . LEU B 1 12 ? 15.315  2.460   4.102   1.00 19.00 ? 15   LEU B C   1 
ATOM   556  O O   . LEU B 1 12 ? 16.412  2.405   4.703   1.00 19.97 ? 15   LEU B O   1 
ATOM   557  C CB  . LEU B 1 12 ? 13.855  1.253   5.785   1.00 18.11 ? 15   LEU B CB  1 
ATOM   558  C CG  . LEU B 1 12 ? 12.572  1.216   6.634   1.00 17.56 ? 15   LEU B CG  1 
ATOM   559  C CD1 . LEU B 1 12 ? 12.514  -0.021  7.529   1.00 18.87 ? 15   LEU B CD1 1 
ATOM   560  C CD2 . LEU B 1 12 ? 12.478  2.438   7.504   1.00 19.60 ? 15   LEU B CD2 1 
ATOM   561  N N   . GLU B 1 13 ? 15.223  2.506   2.780   1.00 19.10 ? 16   GLU B N   1 
ATOM   562  C CA  . GLU B 1 13 ? 16.405  2.561   1.909   1.00 20.61 ? 16   GLU B CA  1 
ATOM   563  C C   . GLU B 1 13 ? 15.952  3.193   0.617   1.00 21.08 ? 16   GLU B C   1 
ATOM   564  O O   . GLU B 1 13 ? 14.743  3.353   0.398   1.00 20.71 ? 16   GLU B O   1 
ATOM   565  C CB  . GLU B 1 13 ? 16.954  1.153   1.630   1.00 21.35 ? 16   GLU B CB  1 
ATOM   566  C CG  . GLU B 1 13 ? 16.053  0.292   0.729   1.00 23.13 ? 16   GLU B CG  1 
ATOM   567  C CD  . GLU B 1 13 ? 16.529  -1.157  0.603   1.00 27.15 ? 16   GLU B CD  1 
ATOM   568  O OE1 . GLU B 1 13 ? 17.584  -1.515  1.194   1.00 28.83 ? 16   GLU B OE1 1 
ATOM   569  O OE2 . GLU B 1 13 ? 15.823  -1.954  -0.054  1.00 24.99 ? 16   GLU B OE2 1 
ATOM   570  N N   . ASP B 1 14 ? 16.899  3.544   -0.247  1.00 20.73 ? 17   ASP B N   1 
ATOM   571  C CA  . ASP B 1 14 ? 16.554  4.059   -1.559  1.00 21.85 ? 17   ASP B CA  1 
ATOM   572  C C   . ASP B 1 14 ? 16.047  2.950   -2.464  1.00 21.52 ? 17   ASP B C   1 
ATOM   573  O O   . ASP B 1 14 ? 16.419  1.796   -2.288  1.00 22.62 ? 17   ASP B O   1 
ATOM   574  C CB  . ASP B 1 14 ? 17.768  4.706   -2.225  1.00 21.83 ? 17   ASP B CB  1 
ATOM   575  C CG  . ASP B 1 14 ? 18.159  6.023   -1.578  1.00 25.02 ? 17   ASP B CG  1 
ATOM   576  O OD1 . ASP B 1 14 ? 17.335  6.635   -0.838  1.00 21.82 ? 17   ASP B OD1 1 
ATOM   577  O OD2 . ASP B 1 14 ? 19.281  6.531   -1.786  1.00 28.05 ? 17   ASP B OD2 1 
ATOM   578  N N   . GLY B 1 15 ? 15.207  3.308   -3.433  1.00 20.30 ? 18   GLY B N   1 
ATOM   579  C CA  . GLY B 1 15 ? 14.784  2.350   -4.435  1.00 21.17 ? 18   GLY B CA  1 
ATOM   580  C C   . GLY B 1 15 ? 13.564  1.503   -4.096  1.00 20.54 ? 18   GLY B C   1 
ATOM   581  O O   . GLY B 1 15 ? 13.285  0.540   -4.802  1.00 21.10 ? 18   GLY B O   1 
ATOM   582  N N   . VAL B 1 16 ? 12.844  1.854   -3.032  1.00 18.86 ? 19   VAL B N   1 
ATOM   583  C CA  . VAL B 1 16 ? 11.634  1.112   -2.639  1.00 17.65 ? 19   VAL B CA  1 
ATOM   584  C C   . VAL B 1 16 ? 10.592  1.327   -3.719  1.00 17.11 ? 19   VAL B C   1 
ATOM   585  O O   . VAL B 1 16 ? 10.455  2.438   -4.219  1.00 17.00 ? 19   VAL B O   1 
ATOM   586  C CB  . VAL B 1 16 ? 11.143  1.563   -1.249  1.00 17.48 ? 19   VAL B CB  1 
ATOM   587  C CG1 . VAL B 1 16 ? 9.729   1.017   -0.912  1.00 18.75 ? 19   VAL B CG1 1 
ATOM   588  C CG2 . VAL B 1 16 ? 12.139  1.101   -0.185  1.00 16.19 ? 19   VAL B CG2 1 
ATOM   589  N N   . ASN B 1 17 ? 9.869   0.274   -4.101  1.00 17.27 ? 20   ASN B N   1 
ATOM   590  C CA  . ASN B 1 17 ? 8.788   0.446   -5.085  1.00 18.09 ? 20   ASN B CA  1 
ATOM   591  C C   . ASN B 1 17 ? 7.454   0.018   -4.471  1.00 16.81 ? 20   ASN B C   1 
ATOM   592  O O   . ASN B 1 17 ? 7.366   -1.064  -3.888  1.00 16.79 ? 20   ASN B O   1 
ATOM   593  C CB  . ASN B 1 17 ? 9.037   -0.415  -6.343  1.00 20.09 ? 20   ASN B CB  1 
ATOM   594  C CG  . ASN B 1 17 ? 10.059  0.177   -7.303  1.00 26.26 ? 20   ASN B CG  1 
ATOM   595  O OD1 . ASN B 1 17 ? 10.713  -0.574  -8.033  1.00 34.47 ? 20   ASN B OD1 1 
ATOM   596  N ND2 . ASN B 1 17 ? 10.164  1.513   -7.365  1.00 32.69 ? 20   ASN B ND2 1 
ATOM   597  N N   . VAL B 1 18 ? 6.424   0.845   -4.631  1.00 15.81 ? 21   VAL B N   1 
ATOM   598  C CA  . VAL B 1 18 ? 5.080   0.458   -4.193  1.00 14.20 ? 21   VAL B CA  1 
ATOM   599  C C   . VAL B 1 18 ? 4.253   0.322   -5.465  1.00 14.79 ? 21   VAL B C   1 
ATOM   600  O O   . VAL B 1 18 ? 4.148   1.258   -6.232  1.00 15.35 ? 21   VAL B O   1 
ATOM   601  C CB  . VAL B 1 18 ? 4.473   1.498   -3.257  1.00 14.21 ? 21   VAL B CB  1 
ATOM   602  C CG1 . VAL B 1 18 ? 3.061   1.062   -2.861  1.00 14.32 ? 21   VAL B CG1 1 
ATOM   603  C CG2 . VAL B 1 18 ? 5.363   1.613   -2.004  1.00 14.43 ? 21   VAL B CG2 1 
ATOM   604  N N   . ILE B 1 19 ? 3.673   -0.848  -5.678  1.00 12.59 ? 22   ILE B N   1 
ATOM   605  C CA  . ILE B 1 19 ? 3.074   -1.170  -6.974  1.00 13.36 ? 22   ILE B CA  1 
ATOM   606  C C   . ILE B 1 19 ? 1.598   -1.442  -6.773  1.00 13.34 ? 22   ILE B C   1 
ATOM   607  O O   . ILE B 1 19 ? 1.239   -2.225  -5.888  1.00 13.80 ? 22   ILE B O   1 
ATOM   608  C CB  . ILE B 1 19 ? 3.750   -2.446  -7.565  1.00 14.38 ? 22   ILE B CB  1 
ATOM   609  C CG1 . ILE B 1 19 ? 5.257   -2.239  -7.695  1.00 14.81 ? 22   ILE B CG1 1 
ATOM   610  C CG2 . ILE B 1 19 ? 3.138   -2.808  -8.932  1.00 14.92 ? 22   ILE B CG2 1 
ATOM   611  C CD1 . ILE B 1 19 ? 6.013   -3.580  -7.590  1.00 21.29 ? 22   ILE B CD1 1 
ATOM   612  N N   . GLY B 1 20 ? 0.760   -0.808  -7.587  1.00 13.29 ? 23   GLY B N   1 
ATOM   613  C CA  . GLY B 1 20 ? -0.673  -1.059  -7.554  1.00 13.81 ? 23   GLY B CA  1 
ATOM   614  C C   . GLY B 1 20 ? -1.043  -2.111  -8.577  1.00 14.18 ? 23   GLY B C   1 
ATOM   615  O O   . GLY B 1 20 ? -0.579  -2.062  -9.732  1.00 13.56 ? 23   GLY B O   1 
ATOM   616  N N   . LEU B 1 21 ? -1.880  -3.066  -8.145  1.00 13.11 ? 24   LEU B N   1 
ATOM   617  C CA  . LEU B 1 21 ? -2.359  -4.158  -8.986  1.00 12.97 ? 24   LEU B CA  1 
ATOM   618  C C   . LEU B 1 21 ? -3.823  -3.882  -9.294  1.00 12.53 ? 24   LEU B C   1 
ATOM   619  O O   . LEU B 1 21 ? -4.566  -3.469  -8.406  1.00 11.92 ? 24   LEU B O   1 
ATOM   620  C CB  . LEU B 1 21 ? -2.251  -5.490  -8.219  1.00 13.87 ? 24   LEU B CB  1 
ATOM   621  C CG  . LEU B 1 21 ? -0.854  -6.131  -8.219  1.00 15.79 ? 24   LEU B CG  1 
ATOM   622  C CD1 . LEU B 1 21 ? 0.144   -5.340  -7.400  1.00 17.12 ? 24   LEU B CD1 1 
ATOM   623  C CD2 . LEU B 1 21 ? -0.953  -7.557  -7.689  1.00 17.51 ? 24   LEU B CD2 1 
ATOM   624  N N   . THR B 1 22 ? -4.215  -4.067  -10.560 1.00 11.51 ? 25   THR B N   1 
ATOM   625  C CA  . THR B 1 22 ? -5.564  -3.708  -11.001 1.00 12.04 ? 25   THR B CA  1 
ATOM   626  C C   . THR B 1 22 ? -6.672  -4.538  -10.372 1.00 12.66 ? 25   THR B C   1 
ATOM   627  O O   . THR B 1 22 ? -6.561  -5.770  -10.246 1.00 11.88 ? 25   THR B O   1 
ATOM   628  C CB  . THR B 1 22 ? -5.687  -3.874  -12.525 1.00 12.51 ? 25   THR B CB  1 
ATOM   629  O OG1 . THR B 1 22 ? -5.320  -5.210  -12.888 1.00 14.05 ? 25   THR B OG1 1 
ATOM   630  C CG2 . THR B 1 22 ? -4.664  -3.034  -13.239 1.00 12.91 ? 25   THR B CG2 1 
ATOM   631  N N   . ARG B 1 23 ? -7.745  -3.852  -9.992  1.00 12.51 ? 26   ARG B N   1 
ATOM   632  C CA  . ARG B 1 23 ? -8.977  -4.499  -9.529  1.00 12.39 ? 26   ARG B CA  1 
ATOM   633  C C   . ARG B 1 23 ? -9.718  -5.078  -10.742 1.00 14.18 ? 26   ARG B C   1 
ATOM   634  O O   . ARG B 1 23 ? -9.756  -4.449  -11.805 1.00 14.82 ? 26   ARG B O   1 
ATOM   635  C CB  . ARG B 1 23 ? -9.889  -3.491  -8.811  1.00 12.03 ? 26   ARG B CB  1 
ATOM   636  C CG  . ARG B 1 23 ? -11.220 -4.140  -8.354  1.00 10.52 ? 26   ARG B CG  1 
ATOM   637  C CD  . ARG B 1 23 ? -12.175 -3.171  -7.612  1.00 11.09 ? 26   ARG B CD  1 
ATOM   638  N NE  . ARG B 1 23 ? -11.466 -2.561  -6.496  1.00 11.26 ? 26   ARG B NE  1 
ATOM   639  C CZ  . ARG B 1 23 ? -11.381 -3.096  -5.292  1.00 12.74 ? 26   ARG B CZ  1 
ATOM   640  N NH1 . ARG B 1 23 ? -11.983 -4.264  -5.041  1.00 12.82 ? 26   ARG B NH1 1 
ATOM   641  N NH2 . ARG B 1 23 ? -10.692 -2.482  -4.322  1.00 11.32 ? 26   ARG B NH2 1 
ATOM   642  N N   . GLY B 1 24 ? -10.248 -6.291  -10.607 1.00 14.43 ? 27   GLY B N   1 
ATOM   643  C CA  . GLY B 1 24 ? -11.034 -6.876  -11.687 1.00 14.94 ? 27   GLY B CA  1 
ATOM   644  C C   . GLY B 1 24 ? -10.669 -8.310  -11.975 1.00 15.62 ? 27   GLY B C   1 
ATOM   645  O O   . GLY B 1 24 ? -9.898  -8.944  -11.216 1.00 14.67 ? 27   GLY B O   1 
ATOM   646  N N   . ALA B 1 25 ? -11.172 -8.829  -13.099 1.00 15.71 ? 28   ALA B N   1 
ATOM   647  C CA  . ALA B 1 25 ? -10.898 -10.221 -13.482 1.00 17.45 ? 28   ALA B CA  1 
ATOM   648  C C   . ALA B 1 25 ? -9.423  -10.408 -13.784 1.00 18.88 ? 28   ALA B C   1 
ATOM   649  O O   . ALA B 1 25 ? -8.817  -11.459 -13.514 1.00 18.82 ? 28   ALA B O   1 
ATOM   650  C CB  . ALA B 1 25 ? -11.762 -10.609 -14.726 1.00 18.46 ? 28   ALA B CB  1 
ATOM   651  N N   . ASP B 1 26 ? -8.829  -9.372  -14.355 1.00 18.63 ? 29   ASP B N   1 
ATOM   652  C CA  . ASP B 1 26 ? -7.419  -9.422  -14.679 1.00 20.49 ? 29   ASP B CA  1 
ATOM   653  C C   . ASP B 1 26 ? -6.569  -8.725  -13.603 1.00 18.62 ? 29   ASP B C   1 
ATOM   654  O O   . ASP B 1 26 ? -7.025  -7.799  -12.918 1.00 18.80 ? 29   ASP B O   1 
ATOM   655  C CB  . ASP B 1 26 ? -7.192  -8.811  -16.058 1.00 21.71 ? 29   ASP B CB  1 
ATOM   656  C CG  . ASP B 1 26 ? -7.798  -9.655  -17.173 1.00 27.80 ? 29   ASP B CG  1 
ATOM   657  O OD1 . ASP B 1 26 ? -7.828  -10.911 -17.078 1.00 33.03 ? 29   ASP B OD1 1 
ATOM   658  O OD2 . ASP B 1 26 ? -8.263  -9.136  -18.207 1.00 35.78 ? 29   ASP B OD2 1 
ATOM   659  N N   . THR B 1 27 ? -5.347  -9.190  -13.471 1.00 16.97 ? 30   THR B N   1 
ATOM   660  C CA  . THR B 1 27 ? -4.401  -8.635  -12.508 1.00 15.89 ? 30   THR B CA  1 
ATOM   661  C C   . THR B 1 27 ? -3.116  -8.218  -13.210 1.00 17.42 ? 30   THR B C   1 
ATOM   662  O O   . THR B 1 27 ? -2.346  -9.071  -13.681 1.00 18.54 ? 30   THR B O   1 
ATOM   663  C CB  . THR B 1 27 ? -4.118  -9.683  -11.450 1.00 16.16 ? 30   THR B CB  1 
ATOM   664  O OG1 . THR B 1 27 ? -5.362  -10.105 -10.850 1.00 13.77 ? 30   THR B OG1 1 
ATOM   665  C CG2 . THR B 1 27 ? -3.280  -9.092  -10.274 1.00 14.43 ? 30   THR B CG2 1 
ATOM   666  N N   . ARG B 1 28 ? -2.880  -6.908  -13.321 1.00 17.37 ? 31   ARG B N   1 
ATOM   667  C CA  . ARG B 1 28 ? -1.596  -6.421  -13.831 1.00 18.19 ? 31   ARG B CA  1 
ATOM   668  C C   . ARG B 1 28 ? -1.130  -5.238  -12.984 1.00 17.33 ? 31   ARG B C   1 
ATOM   669  O O   . ARG B 1 28 ? -1.922  -4.643  -12.272 1.00 15.68 ? 31   ARG B O   1 
ATOM   670  C CB  . ARG B 1 28 ? -1.722  -5.969  -15.283 1.00 19.81 ? 31   ARG B CB  1 
ATOM   671  C CG  . ARG B 1 28 ? -2.880  -5.033  -15.539 1.00 22.89 ? 31   ARG B CG  1 
ATOM   672  C CD  . ARG B 1 28 ? -2.981  -4.425  -16.967 1.00 32.17 ? 31   ARG B CD  1 
ATOM   673  N NE  . ARG B 1 28 ? -3.705  -3.145  -16.901 1.00 36.30 ? 31   ARG B NE  1 
ATOM   674  C CZ  . ARG B 1 28 ? -3.138  -1.940  -16.961 1.00 38.84 ? 31   ARG B CZ  1 
ATOM   675  N NH1 . ARG B 1 28 ? -1.823  -1.805  -17.116 1.00 39.89 ? 31   ARG B NH1 1 
ATOM   676  N NH2 . ARG B 1 28 ? -3.895  -0.853  -16.867 1.00 41.84 ? 31   ARG B NH2 1 
ATOM   677  N N   . PHE B 1 29 ? 0.158   -4.931  -13.051 1.00 17.52 ? 32   PHE B N   1 
ATOM   678  C CA  . PHE B 1 29 ? 0.701   -3.748  -12.386 1.00 17.34 ? 32   PHE B CA  1 
ATOM   679  C C   . PHE B 1 29 ? 0.207   -2.561  -13.199 1.00 17.46 ? 32   PHE B C   1 
ATOM   680  O O   . PHE B 1 29 ? 0.387   -2.545  -14.421 1.00 18.22 ? 32   PHE B O   1 
ATOM   681  C CB  . PHE B 1 29 ? 2.236   -3.771  -12.408 1.00 18.03 ? 32   PHE B CB  1 
ATOM   682  C CG  . PHE B 1 29 ? 2.861   -4.879  -11.579 1.00 22.99 ? 32   PHE B CG  1 
ATOM   683  C CD1 . PHE B 1 29 ? 2.089   -5.725  -10.776 1.00 27.54 ? 32   PHE B CD1 1 
ATOM   684  C CD2 . PHE B 1 29 ? 4.243   -5.061  -11.591 1.00 27.79 ? 32   PHE B CD2 1 
ATOM   685  C CE1 . PHE B 1 29 ? 2.687   -6.743  -10.013 1.00 29.34 ? 32   PHE B CE1 1 
ATOM   686  C CE2 . PHE B 1 29 ? 4.854   -6.077  -10.820 1.00 30.19 ? 32   PHE B CE2 1 
ATOM   687  C CZ  . PHE B 1 29 ? 4.070   -6.917  -10.039 1.00 29.90 ? 32   PHE B CZ  1 
ATOM   688  N N   . HIS B 1 30 ? -0.414  -1.577  -12.551 1.00 15.91 ? 33   HIS B N   1 
ATOM   689  C CA  . HIS B 1 30 ? -0.851  -0.364  -13.254 1.00 15.24 ? 33   HIS B CA  1 
ATOM   690  C C   . HIS B 1 30 ? -0.016  0.879   -12.901 1.00 15.31 ? 33   HIS B C   1 
ATOM   691  O O   . HIS B 1 30 ? -0.026  1.857   -13.643 1.00 14.80 ? 33   HIS B O   1 
ATOM   692  C CB  . HIS B 1 30 ? -2.360  -0.100  -13.065 1.00 14.89 ? 33   HIS B CB  1 
ATOM   693  C CG  . HIS B 1 30 ? -2.756  0.265   -11.666 1.00 14.66 ? 33   HIS B CG  1 
ATOM   694  N ND1 . HIS B 1 30 ? -2.461  1.485   -11.095 1.00 13.73 ? 33   HIS B ND1 1 
ATOM   695  C CD2 . HIS B 1 30 ? -3.464  -0.424  -10.738 1.00 12.42 ? 33   HIS B CD2 1 
ATOM   696  C CE1 . HIS B 1 30 ? -2.944  1.516   -9.862  1.00 16.00 ? 33   HIS B CE1 1 
ATOM   697  N NE2 . HIS B 1 30 ? -3.573  0.375   -9.629  1.00 14.13 ? 33   HIS B NE2 1 
ATOM   698  N N   . HIS B 1 31 ? 0.719   0.821   -11.796 1.00 14.55 ? 34   HIS B N   1 
ATOM   699  C CA  . HIS B 1 31 ? 1.560   1.943   -11.386 1.00 14.60 ? 34   HIS B CA  1 
ATOM   700  C C   . HIS B 1 31 ? 2.594   1.467   -10.405 1.00 14.86 ? 34   HIS B C   1 
ATOM   701  O O   . HIS B 1 31 ? 2.307   0.646   -9.540  1.00 14.41 ? 34   HIS B O   1 
ATOM   702  C CB  . HIS B 1 31 ? 0.719   3.019   -10.687 1.00 14.74 ? 34   HIS B CB  1 
ATOM   703  C CG  . HIS B 1 31 ? 1.509   4.218   -10.290 1.00 16.07 ? 34   HIS B CG  1 
ATOM   704  N ND1 . HIS B 1 31 ? 1.968   5.127   -11.208 1.00 16.07 ? 34   HIS B ND1 1 
ATOM   705  C CD2 . HIS B 1 31 ? 1.943   4.644   -9.080  1.00 16.68 ? 34   HIS B CD2 1 
ATOM   706  C CE1 . HIS B 1 31 ? 2.660   6.069   -10.586 1.00 17.36 ? 34   HIS B CE1 1 
ATOM   707  N NE2 . HIS B 1 31 ? 2.665   5.794   -9.292  1.00 17.28 ? 34   HIS B NE2 1 
ATOM   708  N N   . SER B 1 32 ? 3.791   2.011   -10.533 1.00 15.14 ? 35   SER B N   1 
ATOM   709  C CA  . SER B 1 32 ? 4.832   1.815   -9.526  1.00 16.59 ? 35   SER B CA  1 
ATOM   710  C C   . SER B 1 32 ? 5.325   3.179   -9.074  1.00 17.19 ? 35   SER B C   1 
ATOM   711  O O   . SER B 1 32 ? 5.761   4.018   -9.890  1.00 16.42 ? 35   SER B O   1 
ATOM   712  C CB  . SER B 1 32 ? 5.980   0.993   -10.094 1.00 17.29 ? 35   SER B CB  1 
ATOM   713  O OG  . SER B 1 32 ? 6.969   0.803   -9.097  1.00 21.73 ? 35   SER B OG  1 
ATOM   714  N N   . GLU B 1 33 ? 5.226   3.413   -7.773  1.00 16.87 ? 36   GLU B N   1 
ATOM   715  C CA  . GLU B 1 33 ? 5.696   4.650   -7.179  1.00 17.67 ? 36   GLU B CA  1 
ATOM   716  C C   . GLU B 1 33 ? 7.008   4.324   -6.506  1.00 19.26 ? 36   GLU B C   1 
ATOM   717  O O   . GLU B 1 33 ? 7.088   3.377   -5.736  1.00 18.25 ? 36   GLU B O   1 
ATOM   718  C CB  . GLU B 1 33 ? 4.683   5.149   -6.166  1.00 18.23 ? 36   GLU B CB  1 
ATOM   719  C CG  . GLU B 1 33 ? 4.989   6.513   -5.557  1.00 20.63 ? 36   GLU B CG  1 
ATOM   720  C CD  . GLU B 1 33 ? 4.842   7.632   -6.565  1.00 25.39 ? 36   GLU B CD  1 
ATOM   721  O OE1 . GLU B 1 33 ? 3.996   7.525   -7.485  1.00 23.51 ? 36   GLU B OE1 1 
ATOM   722  O OE2 . GLU B 1 33 ? 5.584   8.627   -6.450  1.00 26.43 ? 36   GLU B OE2 1 
ATOM   723  N N   . LYS B 1 34 ? 8.047   5.088   -6.834  1.00 19.84 ? 37   LYS B N   1 
ATOM   724  C CA  . LYS B 1 34 ? 9.352   4.902   -6.196  1.00 21.88 ? 37   LYS B CA  1 
ATOM   725  C C   . LYS B 1 34 ? 9.485   5.767   -4.943  1.00 20.78 ? 37   LYS B C   1 
ATOM   726  O O   . LYS B 1 34 ? 9.035   6.910   -4.919  1.00 22.01 ? 37   LYS B O   1 
ATOM   727  C CB  . LYS B 1 34 ? 10.458  5.234   -7.204  1.00 23.64 ? 37   LYS B CB  1 
ATOM   728  C CG  . LYS B 1 34 ? 11.871  5.089   -6.663  1.00 28.03 ? 37   LYS B CG  1 
ATOM   729  C CD  . LYS B 1 34 ? 12.904  5.490   -7.740  1.00 34.82 ? 37   LYS B CD  1 
ATOM   730  C CE  . LYS B 1 34 ? 14.323  5.435   -7.186  1.00 35.62 ? 37   LYS B CE  1 
ATOM   731  N NZ  . LYS B 1 34 ? 15.032  4.169   -7.605  1.00 39.20 ? 37   LYS B NZ  1 
ATOM   732  N N   . LEU B 1 35 ? 10.125  5.237   -3.903  1.00 19.11 ? 38   LEU B N   1 
ATOM   733  C CA  . LEU B 1 35 ? 10.333  5.996   -2.680  1.00 18.75 ? 38   LEU B CA  1 
ATOM   734  C C   . LEU B 1 35 ? 11.809  5.940   -2.375  1.00 19.19 ? 38   LEU B C   1 
ATOM   735  O O   . LEU B 1 35 ? 12.409  4.863   -2.397  1.00 18.16 ? 38   LEU B O   1 
ATOM   736  C CB  . LEU B 1 35 ? 9.554   5.384   -1.511  1.00 18.58 ? 38   LEU B CB  1 
ATOM   737  C CG  . LEU B 1 35 ? 8.019   5.506   -1.524  1.00 19.92 ? 38   LEU B CG  1 
ATOM   738  C CD1 . LEU B 1 35 ? 7.443   4.801   -0.344  1.00 17.50 ? 38   LEU B CD1 1 
ATOM   739  C CD2 . LEU B 1 35 ? 7.542   6.956   -1.480  1.00 20.92 ? 38   LEU B CD2 1 
ATOM   740  N N   . ASP B 1 36 ? 12.399  7.096   -2.128  1.00 18.99 ? 39   ASP B N   1 
ATOM   741  C CA  . ASP B 1 36 ? 13.761  7.091   -1.609  1.00 19.33 ? 39   ASP B CA  1 
ATOM   742  C C   . ASP B 1 36 ? 13.720  7.021   -0.109  1.00 18.78 ? 39   ASP B C   1 
ATOM   743  O O   . ASP B 1 36 ? 12.658  7.238   0.499   1.00 16.47 ? 39   ASP B O   1 
ATOM   744  C CB  . ASP B 1 36 ? 14.525  8.302   -2.113  1.00 20.99 ? 39   ASP B CB  1 
ATOM   745  C CG  . ASP B 1 36 ? 14.939  8.126   -3.562  1.00 24.80 ? 39   ASP B CG  1 
ATOM   746  O OD1 . ASP B 1 36 ? 15.228  6.971   -3.974  1.00 31.39 ? 39   ASP B OD1 1 
ATOM   747  O OD2 . ASP B 1 36 ? 14.975  9.067   -4.358  1.00 33.62 ? 39   ASP B OD2 1 
ATOM   748  N N   . LYS B 1 37 ? 14.878  6.749   0.502   1.00 17.49 ? 40   LYS B N   1 
ATOM   749  C CA  . LYS B 1 37 ? 14.925  6.572   1.942   1.00 18.15 ? 40   LYS B CA  1 
ATOM   750  C C   . LYS B 1 37 ? 14.207  7.688   2.701   1.00 17.82 ? 40   LYS B C   1 
ATOM   751  O O   . LYS B 1 37 ? 14.513  8.873   2.514   1.00 18.31 ? 40   LYS B O   1 
ATOM   752  C CB  . LYS B 1 37 ? 16.380  6.501   2.417   1.00 18.35 ? 40   LYS B CB  1 
ATOM   753  C CG  . LYS B 1 37 ? 16.516  6.061   3.879   1.00 20.32 ? 40   LYS B CG  1 
ATOM   754  C CD  . LYS B 1 37 ? 17.964  6.231   4.380   1.00 21.21 ? 40   LYS B CD  1 
ATOM   755  C CE  . LYS B 1 37 ? 18.062  6.018   5.890   1.00 23.76 ? 40   LYS B CE  1 
ATOM   756  N NZ  . LYS B 1 37 ? 19.465  6.299   6.451   1.00 24.57 ? 40   LYS B NZ  1 
ATOM   757  N N   . GLY B 1 38 ? 13.267  7.303   3.555   1.00 17.74 ? 41   GLY B N   1 
ATOM   758  C CA  . GLY B 1 38 ? 12.572  8.230   4.434   1.00 17.78 ? 41   GLY B CA  1 
ATOM   759  C C   . GLY B 1 38 ? 11.306  8.846   3.831   1.00 17.46 ? 41   GLY B C   1 
ATOM   760  O O   . GLY B 1 38 ? 10.551  9.509   4.554   1.00 18.88 ? 41   GLY B O   1 
ATOM   761  N N   . GLU B 1 39 ? 11.058  8.628   2.539   1.00 16.50 ? 42   GLU B N   1 
ATOM   762  C CA  . GLU B 1 39 ? 9.809   9.095   1.926   1.00 15.96 ? 42   GLU B CA  1 
ATOM   763  C C   . GLU B 1 39 ? 8.635   8.209   2.364   1.00 14.92 ? 42   GLU B C   1 
ATOM   764  O O   . GLU B 1 39 ? 8.812   7.013   2.622   1.00 14.91 ? 42   GLU B O   1 
ATOM   765  C CB  . GLU B 1 39 ? 9.897   9.116   0.403   1.00 16.42 ? 42   GLU B CB  1 
ATOM   766  C CG  . GLU B 1 39 ? 10.941  10.112  -0.076  1.00 19.70 ? 42   GLU B CG  1 
ATOM   767  C CD  . GLU B 1 39 ? 11.034  10.194  -1.574  1.00 25.04 ? 42   GLU B CD  1 
ATOM   768  O OE1 . GLU B 1 39 ? 10.629  9.244   -2.261  1.00 21.82 ? 42   GLU B OE1 1 
ATOM   769  O OE2 . GLU B 1 39 ? 11.569  11.218  -2.050  1.00 33.28 ? 42   GLU B OE2 1 
ATOM   770  N N   . VAL B 1 40 ? 7.437   8.790   2.407   1.00 14.35 ? 43   VAL B N   1 
ATOM   771  C CA  . VAL B 1 40 ? 6.292   8.081   2.943   1.00 13.71 ? 43   VAL B CA  1 
ATOM   772  C C   . VAL B 1 40 ? 5.176   8.107   1.894   1.00 14.09 ? 43   VAL B C   1 
ATOM   773  O O   . VAL B 1 40 ? 4.939   9.146   1.288   1.00 14.01 ? 43   VAL B O   1 
ATOM   774  C CB  . VAL B 1 40 ? 5.806   8.706   4.257   1.00 14.17 ? 43   VAL B CB  1 
ATOM   775  C CG1 . VAL B 1 40 ? 4.512   8.015   4.734   1.00 14.42 ? 43   VAL B CG1 1 
ATOM   776  C CG2 . VAL B 1 40 ? 6.888   8.593   5.374   1.00 15.16 ? 43   VAL B CG2 1 
ATOM   777  N N   . LEU B 1 41 ? 4.548   6.957   1.646   1.00 12.83 ? 44   LEU B N   1 
ATOM   778  C CA  . LEU B 1 41 ? 3.359   6.909   0.790   1.00 12.37 ? 44   LEU B CA  1 
ATOM   779  C C   . LEU B 1 41 ? 2.180   6.422   1.614   1.00 12.35 ? 44   LEU B C   1 
ATOM   780  O O   . LEU B 1 41 ? 2.276   5.385   2.264   1.00 12.16 ? 44   LEU B O   1 
ATOM   781  C CB  . LEU B 1 41 ? 3.592   5.984   -0.425  1.00 12.01 ? 44   LEU B CB  1 
ATOM   782  C CG  . LEU B 1 41 ? 2.415   5.937   -1.434  1.00 13.05 ? 44   LEU B CG  1 
ATOM   783  C CD1 . LEU B 1 41 ? 2.219   7.306   -2.143  1.00 12.58 ? 44   LEU B CD1 1 
ATOM   784  C CD2 . LEU B 1 41 ? 2.630   4.810   -2.449  1.00 15.19 ? 44   LEU B CD2 1 
ATOM   785  N N   . ILE B 1 42 ? 1.063   7.159   1.586   1.00 11.33 ? 45   ILE B N   1 
ATOM   786  C CA  . ILE B 1 42 ? -0.170  6.702   2.233   1.00 11.25 ? 45   ILE B CA  1 
ATOM   787  C C   . ILE B 1 42 ? -1.129  6.425   1.101   1.00 11.76 ? 45   ILE B C   1 
ATOM   788  O O   . ILE B 1 42 ? -1.545  7.364   0.398   1.00 11.37 ? 45   ILE B O   1 
ATOM   789  C CB  . ILE B 1 42 ? -0.739  7.771   3.171   1.00 10.88 ? 45   ILE B CB  1 
ATOM   790  C CG1 . ILE B 1 42 ? 0.363   8.293   4.122   1.00 10.69 ? 45   ILE B CG1 1 
ATOM   791  C CG2 . ILE B 1 42 ? -1.802  7.122   4.055   1.00 12.08 ? 45   ILE B CG2 1 
ATOM   792  C CD1 . ILE B 1 42 ? 0.962   9.658   3.741   1.00 14.43 ? 45   ILE B CD1 1 
ATOM   793  N N   . ALA B 1 43 ? -1.432  5.142   0.893   1.00 11.78 ? 46   ALA B N   1 
ATOM   794  C CA  . ALA B 1 43 ? -2.193  4.706   -0.279  1.00 13.13 ? 46   ALA B CA  1 
ATOM   795  C C   . ALA B 1 43 ? -3.468  3.943   0.072   1.00 13.10 ? 46   ALA B C   1 
ATOM   796  O O   . ALA B 1 43 ? -3.441  3.012   0.868   1.00 13.96 ? 46   ALA B O   1 
ATOM   797  C CB  . ALA B 1 43 ? -1.291  3.863   -1.186  1.00 14.53 ? 46   ALA B CB  1 
ATOM   798  N N   . GLN B 1 44 ? -4.591  4.343   -0.526  1.00 11.44 ? 47   GLN B N   1 
ATOM   799  C CA  . GLN B 1 44 ? -5.835  3.637   -0.323  1.00 11.54 ? 47   GLN B CA  1 
ATOM   800  C C   . GLN B 1 44 ? -6.016  2.460   -1.282  1.00 11.91 ? 47   GLN B C   1 
ATOM   801  O O   . GLN B 1 44 ? -5.408  2.424   -2.357  1.00 10.97 ? 47   GLN B O   1 
ATOM   802  C CB  . GLN B 1 44 ? -7.024  4.575   -0.576  1.00 12.03 ? 47   GLN B CB  1 
ATOM   803  C CG  . GLN B 1 44 ? -7.165  5.707   0.467   1.00 11.41 ? 47   GLN B CG  1 
ATOM   804  C CD  . GLN B 1 44 ? -8.445  6.501   0.209   1.00 13.17 ? 47   GLN B CD  1 
ATOM   805  O OE1 . GLN B 1 44 ? -8.663  6.974   -0.915  1.00 14.75 ? 47   GLN B OE1 1 
ATOM   806  N NE2 . GLN B 1 44 ? -9.300  6.606   1.215   1.00 14.99 ? 47   GLN B NE2 1 
ATOM   807  N N   . PHE B 1 45 ? -6.900  1.528   -0.882  1.00 10.19 ? 48   PHE B N   1 
ATOM   808  C CA  . PHE B 1 45 ? -7.492  0.604   -1.847  1.00 11.43 ? 48   PHE B CA  1 
ATOM   809  C C   . PHE B 1 45 ? -8.642  1.375   -2.484  1.00 11.29 ? 48   PHE B C   1 
ATOM   810  O O   . PHE B 1 45 ? -9.281  2.196   -1.810  1.00 11.60 ? 48   PHE B O   1 
ATOM   811  C CB  . PHE B 1 45 ? -7.961  -0.673  -1.135  1.00 10.11 ? 48   PHE B CB  1 
ATOM   812  C CG  . PHE B 1 45 ? -6.830  -1.547  -0.726  1.00 12.12 ? 48   PHE B CG  1 
ATOM   813  C CD1 . PHE B 1 45 ? -6.124  -2.265  -1.674  1.00 11.24 ? 48   PHE B CD1 1 
ATOM   814  C CD2 . PHE B 1 45 ? -6.438  -1.630  0.607   1.00 14.92 ? 48   PHE B CD2 1 
ATOM   815  C CE1 . PHE B 1 45 ? -5.031  -3.080  -1.312  1.00 13.44 ? 48   PHE B CE1 1 
ATOM   816  C CE2 . PHE B 1 45 ? -5.331  -2.456  0.983   1.00 14.98 ? 48   PHE B CE2 1 
ATOM   817  C CZ  . PHE B 1 45 ? -4.649  -3.174  0.025   1.00 14.04 ? 48   PHE B CZ  1 
ATOM   818  N N   . THR B 1 46 ? -8.875  1.140   -3.780  1.00 12.01 ? 49   THR B N   1 
ATOM   819  C CA  . THR B 1 46 ? -9.737  2.020   -4.551  1.00 12.07 ? 49   THR B CA  1 
ATOM   820  C C   . THR B 1 46 ? -10.492 1.223   -5.597  1.00 12.21 ? 49   THR B C   1 
ATOM   821  O O   . THR B 1 46 ? -10.281 0.029   -5.745  1.00 12.11 ? 49   THR B O   1 
ATOM   822  C CB  . THR B 1 46 ? -8.881  3.044   -5.336  1.00 11.61 ? 49   THR B CB  1 
ATOM   823  O OG1 . THR B 1 46 ? -8.054  2.328   -6.258  1.00 13.10 ? 49   THR B OG1 1 
ATOM   824  C CG2 . THR B 1 46 ? -7.893  3.824   -4.416  1.00 12.77 ? 49   THR B CG2 1 
ATOM   825  N N   . GLU B 1 47 ? -11.313 1.916   -6.386  1.00 13.65 ? 50   GLU B N   1 
ATOM   826  C CA  . GLU B 1 47 ? -11.985 1.278   -7.512  1.00 13.99 ? 50   GLU B CA  1 
ATOM   827  C C   . GLU B 1 47 ? -10.992 0.581   -8.458  1.00 14.22 ? 50   GLU B C   1 
ATOM   828  O O   . GLU B 1 47 ? -11.318 -0.430  -9.083  1.00 13.48 ? 50   GLU B O   1 
ATOM   829  C CB  . GLU B 1 47 ? -12.848 2.330   -8.268  1.00 15.25 ? 50   GLU B CB  1 
ATOM   830  C CG  . GLU B 1 47 ? -13.402 1.823   -9.609  1.00 19.72 ? 50   GLU B CG  1 
ATOM   831  C CD  . GLU B 1 47 ? -14.112 2.887   -10.467 1.00 27.76 ? 50   GLU B CD  1 
ATOM   832  O OE1 . GLU B 1 47 ? -14.280 4.035   -10.007 1.00 27.54 ? 50   GLU B OE1 1 
ATOM   833  O OE2 . GLU B 1 47 ? -14.511 2.567   -11.627 1.00 29.59 ? 50   GLU B OE2 1 
ATOM   834  N N   . HIS B 1 48 ? -9.777  1.122   -8.584  1.00 12.12 ? 51   HIS B N   1 
ATOM   835  C CA  . HIS B 1 48 ? -8.812  0.601   -9.545  1.00 12.44 ? 51   HIS B CA  1 
ATOM   836  C C   . HIS B 1 48 ? -7.700  -0.252  -8.911  1.00 12.10 ? 51   HIS B C   1 
ATOM   837  O O   . HIS B 1 48 ? -6.959  -0.935  -9.620  1.00 13.29 ? 51   HIS B O   1 
ATOM   838  C CB  . HIS B 1 48 ? -8.221  1.776   -10.353 1.00 12.97 ? 51   HIS B CB  1 
ATOM   839  C CG  . HIS B 1 48 ? -9.251  2.459   -11.205 1.00 13.74 ? 51   HIS B CG  1 
ATOM   840  N ND1 . HIS B 1 48 ? -10.050 3.471   -10.738 1.00 15.12 ? 51   HIS B ND1 1 
ATOM   841  C CD2 . HIS B 1 48 ? -9.662  2.209   -12.471 1.00 17.67 ? 51   HIS B CD2 1 
ATOM   842  C CE1 . HIS B 1 48 ? -10.911 3.825   -11.682 1.00 17.28 ? 51   HIS B CE1 1 
ATOM   843  N NE2 . HIS B 1 48 ? -10.679 3.086   -12.752 1.00 17.82 ? 51   HIS B NE2 1 
ATOM   844  N N   . THR B 1 49 ? -7.559  -0.196  -7.595  1.00 11.22 ? 52   THR B N   1 
ATOM   845  C CA  . THR B 1 49 ? -6.423  -0.888  -6.944  1.00 10.82 ? 52   THR B CA  1 
ATOM   846  C C   . THR B 1 49 ? -6.973  -1.786  -5.856  1.00 11.10 ? 52   THR B C   1 
ATOM   847  O O   . THR B 1 49 ? -7.568  -1.288  -4.892  1.00 10.98 ? 52   THR B O   1 
ATOM   848  C CB  . THR B 1 49 ? -5.438  0.153   -6.327  1.00 11.30 ? 52   THR B CB  1 
ATOM   849  O OG1 . THR B 1 49 ? -4.819  0.909   -7.374  1.00 11.87 ? 52   THR B OG1 1 
ATOM   850  C CG2 . THR B 1 49 ? -4.237  -0.558  -5.593  1.00 11.31 ? 52   THR B CG2 1 
ATOM   851  N N   . SER B 1 50 ? -6.790  -3.108  -6.016  1.00 10.16 ? 53   SER B N   1 
ATOM   852  C CA  . SER B 1 50 ? -7.259  -4.053  -5.014  1.00 11.25 ? 53   SER B CA  1 
ATOM   853  C C   . SER B 1 50 ? -6.140  -4.860  -4.343  1.00 11.13 ? 53   SER B C   1 
ATOM   854  O O   . SER B 1 50 ? -6.394  -5.683  -3.459  1.00 11.04 ? 53   SER B O   1 
ATOM   855  C CB  . SER B 1 50 ? -8.300  -5.015  -5.611  1.00 12.13 ? 53   SER B CB  1 
ATOM   856  O OG  . SER B 1 50 ? -7.744  -5.735  -6.698  1.00 11.19 ? 53   SER B OG  1 
ATOM   857  N N   . ALA B 1 51 ? -4.914  -4.624  -4.768  1.00 10.95 ? 54   ALA B N   1 
ATOM   858  C CA  . ALA B 1 51 ? -3.754  -5.215  -4.111  1.00 11.44 ? 54   ALA B CA  1 
ATOM   859  C C   . ALA B 1 51 ? -2.559  -4.302  -4.306  1.00 10.93 ? 54   ALA B C   1 
ATOM   860  O O   . ALA B 1 51 ? -2.496  -3.568  -5.289  1.00 11.21 ? 54   ALA B O   1 
ATOM   861  C CB  . ALA B 1 51 ? -3.472  -6.627  -4.657  1.00 10.75 ? 54   ALA B CB  1 
ATOM   862  N N   . ILE B 1 52 ? -1.654  -4.300  -3.323  1.00 11.34 ? 55   ILE B N   1 
ATOM   863  C CA  . ILE B 1 52 ? -0.477  -3.419  -3.333  1.00 12.22 ? 55   ILE B CA  1 
ATOM   864  C C   . ILE B 1 52 ? 0.727   -4.270  -2.966  1.00 12.61 ? 55   ILE B C   1 
ATOM   865  O O   . ILE B 1 52 ? 0.683   -5.011  -1.965  1.00 11.16 ? 55   ILE B O   1 
ATOM   866  C CB  . ILE B 1 52 ? -0.648  -2.279  -2.297  1.00 12.30 ? 55   ILE B CB  1 
ATOM   867  C CG1 . ILE B 1 52 ? -1.814  -1.356  -2.699  1.00 12.80 ? 55   ILE B CG1 1 
ATOM   868  C CG2 . ILE B 1 52 ? 0.631   -1.423  -2.146  1.00 12.54 ? 55   ILE B CG2 1 
ATOM   869  C CD1 . ILE B 1 52 ? -2.254  -0.393  -1.582  1.00 11.64 ? 55   ILE B CD1 1 
ATOM   870  N N   . LYS B 1 53 ? 1.789   -4.138  -3.766  1.00 12.87 ? 56   LYS B N   1 
ATOM   871  C CA  . LYS B 1 53 ? 3.030   -4.903  -3.578  1.00 13.39 ? 56   LYS B CA  1 
ATOM   872  C C   . LYS B 1 53 ? 4.113   -3.922  -3.232  1.00 13.43 ? 56   LYS B C   1 
ATOM   873  O O   . LYS B 1 53 ? 4.195   -2.845  -3.838  1.00 14.37 ? 56   LYS B O   1 
ATOM   874  C CB  . LYS B 1 53 ? 3.398   -5.625  -4.906  1.00 12.95 ? 56   LYS B CB  1 
ATOM   875  C CG  . LYS B 1 53 ? 4.579   -6.616  -4.789  1.00 15.58 ? 56   LYS B CG  1 
ATOM   876  C CD  . LYS B 1 53 ? 4.708   -7.388  -6.089  1.00 17.44 ? 56   LYS B CD  1 
ATOM   877  C CE  . LYS B 1 53 ? 5.896   -8.361  -6.054  1.00 21.18 ? 56   LYS B CE  1 
ATOM   878  N NZ  . LYS B 1 53 ? 5.885   -9.283  -7.255  1.00 18.53 ? 56   LYS B NZ  1 
ATOM   879  N N   . VAL B 1 54 ? 4.930   -4.269  -2.240  1.00 13.62 ? 57   VAL B N   1 
ATOM   880  C CA  . VAL B 1 54 ? 6.018   -3.400  -1.802  1.00 14.61 ? 57   VAL B CA  1 
ATOM   881  C C   . VAL B 1 54 ? 7.311   -4.199  -1.941  1.00 15.64 ? 57   VAL B C   1 
ATOM   882  O O   . VAL B 1 54 ? 7.406   -5.349  -1.446  1.00 15.31 ? 57   VAL B O   1 
ATOM   883  C CB  . VAL B 1 54 ? 5.845   -2.945  -0.334  1.00 15.09 ? 57   VAL B CB  1 
ATOM   884  C CG1 . VAL B 1 54 ? 6.983   -1.987  0.065   1.00 13.84 ? 57   VAL B CG1 1 
ATOM   885  C CG2 . VAL B 1 54 ? 4.450   -2.233  -0.091  1.00 13.55 ? 57   VAL B CG2 1 
ATOM   886  N N   . ARG B 1 55 ? 8.266   -3.624  -2.675  1.00 16.78 ? 58   ARG B N   1 
ATOM   887  C CA  . ARG B 1 55 ? 9.585   -4.239  -2.876  1.00 17.97 ? 58   ARG B CA  1 
ATOM   888  C C   . ARG B 1 55 ? 10.644  -3.329  -2.307  1.00 17.66 ? 58   ARG B C   1 
ATOM   889  O O   . ARG B 1 55 ? 10.704  -2.160  -2.683  1.00 18.39 ? 58   ARG B O   1 
ATOM   890  C CB  . ARG B 1 55 ? 9.898   -4.411  -4.375  1.00 18.39 ? 58   ARG B CB  1 
ATOM   891  C CG  . ARG B 1 55 ? 8.824   -5.116  -5.180  1.00 23.25 ? 58   ARG B CG  1 
ATOM   892  C CD  . ARG B 1 55 ? 9.222   -5.333  -6.632  1.00 28.34 ? 58   ARG B CD  1 
ATOM   893  N NE  . ARG B 1 55 ? 10.183  -6.422  -6.754  1.00 34.34 ? 58   ARG B NE  1 
ATOM   894  C CZ  . ARG B 1 55 ? 10.916  -6.669  -7.837  1.00 39.68 ? 58   ARG B CZ  1 
ATOM   895  N NH1 . ARG B 1 55 ? 11.759  -7.706  -7.843  1.00 39.70 ? 58   ARG B NH1 1 
ATOM   896  N NH2 . ARG B 1 55 ? 10.810  -5.887  -8.916  1.00 40.20 ? 58   ARG B NH2 1 
ATOM   897  N N   . GLY B 1 56 ? 11.503  -3.855  -1.445  1.00 17.64 ? 59   GLY B N   1 
ATOM   898  C CA  . GLY B 1 56 ? 12.538  -3.031  -0.865  1.00 18.71 ? 59   GLY B CA  1 
ATOM   899  C C   . GLY B 1 56 ? 12.314  -2.894  0.620   1.00 18.83 ? 59   GLY B C   1 
ATOM   900  O O   . GLY B 1 56 ? 11.255  -3.244  1.123   1.00 20.13 ? 59   GLY B O   1 
ATOM   901  N N   . LYS B 1 57 ? 13.310  -2.384  1.327   1.00 19.03 ? 60   LYS B N   1 
ATOM   902  C CA  . LYS B 1 57 ? 13.231  -2.344  2.780   1.00 19.21 ? 60   LYS B CA  1 
ATOM   903  C C   . LYS B 1 57 ? 12.277  -1.227  3.171   1.00 17.58 ? 60   LYS B C   1 
ATOM   904  O O   . LYS B 1 57 ? 12.512  -0.083  2.828   1.00 17.13 ? 60   LYS B O   1 
ATOM   905  C CB  . LYS B 1 57 ? 14.627  -2.081  3.353   1.00 20.05 ? 60   LYS B CB  1 
ATOM   906  C CG  . LYS B 1 57 ? 14.684  -2.105  4.858   1.00 25.22 ? 60   LYS B CG  1 
ATOM   907  C CD  . LYS B 1 57 ? 16.133  -2.223  5.318   1.00 30.74 ? 60   LYS B CD  1 
ATOM   908  C CE  . LYS B 1 57 ? 16.177  -2.443  6.812   1.00 33.44 ? 60   LYS B CE  1 
ATOM   909  N NZ  . LYS B 1 57 ? 16.540  -1.158  7.464   1.00 37.33 ? 60   LYS B NZ  1 
ATOM   910  N N   . ALA B 1 58 ? 11.224  -1.564  3.904   1.00 16.89 ? 61   ALA B N   1 
ATOM   911  C CA  . ALA B 1 58 ? 10.177  -0.600  4.223   1.00 16.56 ? 61   ALA B CA  1 
ATOM   912  C C   . ALA B 1 58 ? 9.506   -0.870  5.545   1.00 16.67 ? 61   ALA B C   1 
ATOM   913  O O   . ALA B 1 58 ? 9.440   -2.033  6.009   1.00 16.94 ? 61   ALA B O   1 
ATOM   914  C CB  . ALA B 1 58 ? 9.118   -0.559  3.082   1.00 15.80 ? 61   ALA B CB  1 
ATOM   915  N N   . TYR B 1 59 ? 9.009   0.204   6.163   1.00 16.23 ? 62   TYR B N   1 
ATOM   916  C CA  . TYR B 1 59 ? 8.199   0.104   7.366   1.00 17.23 ? 62   TYR B CA  1 
ATOM   917  C C   . TYR B 1 59 ? 6.762   0.237   6.885   1.00 17.41 ? 62   TYR B C   1 
ATOM   918  O O   . TYR B 1 59 ? 6.444   1.214   6.214   1.00 17.07 ? 62   TYR B O   1 
ATOM   919  C CB  . TYR B 1 59 ? 8.566   1.233   8.341   1.00 18.27 ? 62   TYR B CB  1 
ATOM   920  C CG  . TYR B 1 59 ? 7.745   1.296   9.614   1.00 23.22 ? 62   TYR B CG  1 
ATOM   921  C CD1 . TYR B 1 59 ? 8.136   0.596   10.764  1.00 30.15 ? 62   TYR B CD1 1 
ATOM   922  C CD2 . TYR B 1 59 ? 6.589   2.067   9.679   1.00 28.82 ? 62   TYR B CD2 1 
ATOM   923  C CE1 . TYR B 1 59 ? 7.375   0.664   11.953  1.00 34.45 ? 62   TYR B CE1 1 
ATOM   924  C CE2 . TYR B 1 59 ? 5.817   2.140   10.858  1.00 32.80 ? 62   TYR B CE2 1 
ATOM   925  C CZ  . TYR B 1 59 ? 6.206   1.441   11.981  1.00 35.18 ? 62   TYR B CZ  1 
ATOM   926  O OH  . TYR B 1 59 ? 5.432   1.529   13.130  1.00 38.51 ? 62   TYR B OH  1 
ATOM   927  N N   . ILE B 1 60 ? 5.913   -0.750  7.196   1.00 16.40 ? 63   ILE B N   1 
ATOM   928  C CA  . ILE B 1 60 ? 4.559   -0.778  6.639   1.00 16.48 ? 63   ILE B CA  1 
ATOM   929  C C   . ILE B 1 60 ? 3.535   -0.817  7.748   1.00 17.07 ? 63   ILE B C   1 
ATOM   930  O O   . ILE B 1 60 ? 3.626   -1.645  8.668   1.00 16.77 ? 63   ILE B O   1 
ATOM   931  C CB  . ILE B 1 60 ? 4.378   -1.977  5.667   1.00 16.39 ? 63   ILE B CB  1 
ATOM   932  C CG1 . ILE B 1 60 ? 5.281   -1.815  4.437   1.00 15.67 ? 63   ILE B CG1 1 
ATOM   933  C CG2 . ILE B 1 60 ? 2.915   -2.114  5.227   1.00 16.75 ? 63   ILE B CG2 1 
ATOM   934  C CD1 . ILE B 1 60 ? 5.447   -3.098  3.601   1.00 17.75 ? 63   ILE B CD1 1 
ATOM   935  N N   . GLN B 1 61 ? 2.541   0.060   7.669   1.00 16.81 ? 64   GLN B N   1 
ATOM   936  C CA  . GLN B 1 61 ? 1.444   0.032   8.629   1.00 17.96 ? 64   GLN B CA  1 
ATOM   937  C C   . GLN B 1 61 ? 0.131   -0.153  7.919   1.00 18.83 ? 64   GLN B C   1 
ATOM   938  O O   . GLN B 1 61 ? -0.125  0.514   6.932   1.00 16.81 ? 64   GLN B O   1 
ATOM   939  C CB  . GLN B 1 61 ? 1.325   1.355   9.379   1.00 18.89 ? 64   GLN B CB  1 
ATOM   940  C CG  . GLN B 1 61 ? 2.529   1.821   10.139  1.00 23.76 ? 64   GLN B CG  1 
ATOM   941  C CD  . GLN B 1 61 ? 2.248   3.068   10.989  1.00 28.30 ? 64   GLN B CD  1 
ATOM   942  O OE1 . GLN B 1 61 ? 1.463   3.929   10.594  1.00 31.64 ? 64   GLN B OE1 1 
ATOM   943  N NE2 . GLN B 1 61 ? 2.884   3.155   12.154  1.00 29.12 ? 64   GLN B NE2 1 
ATOM   944  N N   . THR B 1 62 ? -0.708  -1.042  8.456   1.00 19.98 ? 65   THR B N   1 
ATOM   945  C CA  . THR B 1 62 ? -2.095  -1.171  8.047   1.00 21.87 ? 65   THR B CA  1 
ATOM   946  C C   . THR B 1 62 ? -2.946  -1.230  9.330   1.00 24.02 ? 65   THR B C   1 
ATOM   947  O O   . THR B 1 62 ? -2.416  -1.222  10.443  1.00 24.82 ? 65   THR B O   1 
ATOM   948  C CB  . THR B 1 62 ? -2.329  -2.484  7.240   1.00 22.34 ? 65   THR B CB  1 
ATOM   949  O OG1 . THR B 1 62 ? -2.133  -3.615  8.109   1.00 21.09 ? 65   THR B OG1 1 
ATOM   950  C CG2 . THR B 1 62 ? -1.295  -2.676  6.119   1.00 19.75 ? 65   THR B CG2 1 
ATOM   951  N N   . ARG B 1 63 ? -4.253  -1.360  9.161   1.00 27.32 ? 66   ARG B N   1 
ATOM   952  C CA  . ARG B 1 63 ? -5.166  -1.696  10.278  1.00 30.47 ? 66   ARG B CA  1 
ATOM   953  C C   . ARG B 1 63 ? -4.728  -2.907  11.114  1.00 30.94 ? 66   ARG B C   1 
ATOM   954  O O   . ARG B 1 63 ? -5.078  -3.000  12.298  1.00 32.33 ? 66   ARG B O   1 
ATOM   955  C CB  . ARG B 1 63 ? -6.563  -1.986  9.730   1.00 31.74 ? 66   ARG B CB  1 
ATOM   956  C CG  . ARG B 1 63 ? -7.722  -1.487  10.601  1.00 36.20 ? 66   ARG B CG  1 
ATOM   957  C CD  . ARG B 1 63 ? -9.059  -1.380  9.848   1.00 42.99 ? 66   ARG B CD  1 
ATOM   958  N NE  . ARG B 1 63 ? -9.175  -2.337  8.735   1.00 46.75 ? 66   ARG B NE  1 
ATOM   959  C CZ  . ARG B 1 63 ? -9.909  -3.450  8.756   1.00 49.08 ? 66   ARG B CZ  1 
ATOM   960  N NH1 . ARG B 1 63 ? -10.604 -3.784  9.845   1.00 50.52 ? 66   ARG B NH1 1 
ATOM   961  N NH2 . ARG B 1 63 ? -9.947  -4.242  7.683   1.00 49.96 ? 66   ARG B NH2 1 
ATOM   962  N N   . HIS B 1 64 ? -3.990  -3.835  10.502  1.00 31.20 ? 67   HIS B N   1 
ATOM   963  C CA  . HIS B 1 64 ? -3.573  -5.084  11.169  1.00 31.60 ? 67   HIS B CA  1 
ATOM   964  C C   . HIS B 1 64 ? -2.355  -4.918  12.062  1.00 31.82 ? 67   HIS B C   1 
ATOM   965  O O   . HIS B 1 64 ? -2.070  -5.782  12.900  1.00 32.03 ? 67   HIS B O   1 
ATOM   966  C CB  . HIS B 1 64 ? -3.257  -6.178  10.149  1.00 30.79 ? 67   HIS B CB  1 
ATOM   967  C CG  . HIS B 1 64 ? -4.424  -6.590  9.320   1.00 31.16 ? 67   HIS B CG  1 
ATOM   968  N ND1 . HIS B 1 64 ? -5.730  -6.290  9.659   1.00 31.22 ? 67   HIS B ND1 1 
ATOM   969  C CD2 . HIS B 1 64 ? -4.483  -7.268  8.150   1.00 30.30 ? 67   HIS B CD2 1 
ATOM   970  C CE1 . HIS B 1 64 ? -6.541  -6.765  8.730   1.00 31.69 ? 67   HIS B CE1 1 
ATOM   971  N NE2 . HIS B 1 64 ? -5.809  -7.374  7.811   1.00 31.29 ? 67   HIS B NE2 1 
ATOM   972  N N   . GLY B 1 65 ? -1.622  -3.824  11.871  1.00 32.15 ? 68   GLY B N   1 
ATOM   973  C CA  . GLY B 1 65 ? -0.404  -3.603  12.622  1.00 32.00 ? 68   GLY B CA  1 
ATOM   974  C C   . GLY B 1 65 ? 0.735   -3.202  11.718  1.00 33.09 ? 68   GLY B C   1 
ATOM   975  O O   . GLY B 1 65 ? 0.512   -2.658  10.632  1.00 31.75 ? 68   GLY B O   1 
ATOM   976  N N   . VAL B 1 66 ? 1.956   -3.487  12.172  1.00 33.75 ? 69   VAL B N   1 
ATOM   977  C CA  . VAL B 1 66 ? 3.174   -2.992  11.530  1.00 35.18 ? 69   VAL B CA  1 
ATOM   978  C C   . VAL B 1 66 ? 4.090   -4.132  11.089  1.00 35.94 ? 69   VAL B C   1 
ATOM   979  O O   . VAL B 1 66 ? 4.198   -5.168  11.773  1.00 36.02 ? 69   VAL B O   1 
ATOM   980  C CB  . VAL B 1 66 ? 3.979   -2.079  12.483  1.00 35.23 ? 69   VAL B CB  1 
ATOM   981  C CG1 . VAL B 1 66 ? 3.254   -0.754  12.707  1.00 36.14 ? 69   VAL B CG1 1 
ATOM   982  C CG2 . VAL B 1 66 ? 4.222   -2.771  13.821  1.00 36.13 ? 69   VAL B CG2 1 
ATOM   983  N N   . ILE B 1 67 ? 4.745   -3.933  9.949   1.00 36.10 ? 70   ILE B N   1 
ATOM   984  C CA  . ILE B 1 67 ? 5.845   -4.796  9.514   1.00 36.93 ? 70   ILE B CA  1 
ATOM   985  C C   . ILE B 1 67 ? 7.030   -3.915  9.093   1.00 36.90 ? 70   ILE B C   1 
ATOM   986  O O   . ILE B 1 67 ? 6.885   -3.083  8.203   1.00 35.73 ? 70   ILE B O   1 
ATOM   987  C CB  . ILE B 1 67 ? 5.402   -5.735  8.368   1.00 36.80 ? 70   ILE B CB  1 
ATOM   988  C CG1 . ILE B 1 67 ? 4.056   -5.301  7.782   1.00 38.57 ? 70   ILE B CG1 1 
ATOM   989  C CG2 . ILE B 1 67 ? 5.270   -7.163  8.868   1.00 38.63 ? 70   ILE B CG2 1 
ATOM   990  C CD1 . ILE B 1 67 ? 3.937   -5.596  6.313   1.00 39.39 ? 70   ILE B CD1 1 
ATOM   991  N N   . GLU B 1 68 ? 8.182   -4.077  9.770   1.00 37.16 ? 71   GLU B N   1 
ATOM   992  C CA  . GLU B 1 68 ? 9.385   -3.270  9.497   1.00 36.96 ? 71   GLU B CA  1 
ATOM   993  C C   . GLU B 1 68 ? 10.527  -4.157  9.018   1.00 37.49 ? 71   GLU B C   1 
ATOM   994  O O   . GLU B 1 68 ? 10.967  -5.068  9.741   1.00 37.52 ? 71   GLU B O   1 
ATOM   995  C CB  . GLU B 1 68 ? 9.817   -2.510  10.757  1.00 37.61 ? 71   GLU B CB  1 
ATOM   996  C CG  . GLU B 1 68 ? 11.186  -1.838  10.681  1.00 37.81 ? 71   GLU B CG  1 
ATOM   997  C CD  . GLU B 1 68 ? 11.585  -1.218  12.007  1.00 40.72 ? 71   GLU B CD  1 
ATOM   998  O OE1 . GLU B 1 68 ? 11.494  -1.924  13.044  1.00 38.63 ? 71   GLU B OE1 1 
ATOM   999  O OE2 . GLU B 1 68 ? 11.965  -0.017  12.013  1.00 41.17 ? 71   GLU B OE2 1 
ATOM   1000 N N   . SER B 1 69 ? 11.026  -3.880  7.813   1.00 37.08 ? 72   SER B N   1 
ATOM   1001 C CA  . SER B 1 69 ? 12.126  -4.666  7.242   1.00 36.85 ? 72   SER B CA  1 
ATOM   1002 C C   . SER B 1 69 ? 13.380  -4.663  8.122   1.00 37.18 ? 72   SER B C   1 
ATOM   1003 O O   . SER B 1 69 ? 13.734  -3.631  8.691   1.00 37.46 ? 72   SER B O   1 
ATOM   1004 C CB  . SER B 1 69 ? 12.469  -4.160  5.842   1.00 36.77 ? 72   SER B CB  1 
ATOM   1005 O OG  . SER B 1 69 ? 11.477  -4.545  4.905   1.00 33.61 ? 72   SER B OG  1 
ATOM   1006 N N   . SER C 1 4  ? -13.201 -3.410  2.560   1.00 34.76 ? 7    SER C N   1 
ATOM   1007 C CA  . SER C 1 4  ? -13.169 -4.901  2.437   1.00 34.36 ? 7    SER C CA  1 
ATOM   1008 C C   . SER C 1 4  ? -12.014 -5.493  3.219   1.00 33.14 ? 7    SER C C   1 
ATOM   1009 O O   . SER C 1 4  ? -10.978 -4.828  3.411   1.00 34.52 ? 7    SER C O   1 
ATOM   1010 C CB  . SER C 1 4  ? -13.059 -5.330  0.969   1.00 34.87 ? 7    SER C CB  1 
ATOM   1011 O OG  . SER C 1 4  ? -13.671 -6.600  0.788   1.00 38.02 ? 7    SER C OG  1 
ATOM   1012 N N   . ASP C 1 5  ? -12.198 -6.752  3.630   1.00 30.91 ? 8    ASP C N   1 
ATOM   1013 C CA  . ASP C 1 5  ? -11.193 -7.539  4.325   1.00 28.28 ? 8    ASP C CA  1 
ATOM   1014 C C   . ASP C 1 5  ? -9.965  -7.686  3.435   1.00 25.83 ? 8    ASP C C   1 
ATOM   1015 O O   . ASP C 1 5  ? -10.090 -7.751  2.196   1.00 23.03 ? 8    ASP C O   1 
ATOM   1016 C CB  . ASP C 1 5  ? -11.745 -8.915  4.695   1.00 29.58 ? 8    ASP C CB  1 
ATOM   1017 C CG  . ASP C 1 5  ? -12.551 -8.899  5.998   1.00 33.83 ? 8    ASP C CG  1 
ATOM   1018 O OD1 . ASP C 1 5  ? -11.990 -8.556  7.073   1.00 39.49 ? 8    ASP C OD1 1 
ATOM   1019 O OD2 . ASP C 1 5  ? -13.757 -9.213  6.044   1.00 37.13 ? 8    ASP C OD2 1 
ATOM   1020 N N   . PHE C 1 6  ? -8.790  -7.699  4.068   1.00 23.00 ? 9    PHE C N   1 
ATOM   1021 C CA  . PHE C 1 6  ? -7.531  -7.807  3.335   1.00 20.29 ? 9    PHE C CA  1 
ATOM   1022 C C   . PHE C 1 6  ? -6.513  -8.596  4.136   1.00 19.36 ? 9    PHE C C   1 
ATOM   1023 O O   . PHE C 1 6  ? -6.663  -8.755  5.352   1.00 18.88 ? 9    PHE C O   1 
ATOM   1024 C CB  . PHE C 1 6  ? -6.960  -6.443  2.905   1.00 19.70 ? 9    PHE C CB  1 
ATOM   1025 C CG  . PHE C 1 6  ? -6.482  -5.590  4.031   1.00 22.02 ? 9    PHE C CG  1 
ATOM   1026 C CD1 . PHE C 1 6  ? -5.198  -5.748  4.553   1.00 21.11 ? 9    PHE C CD1 1 
ATOM   1027 C CD2 . PHE C 1 6  ? -7.313  -4.625  4.580   1.00 25.79 ? 9    PHE C CD2 1 
ATOM   1028 C CE1 . PHE C 1 6  ? -4.741  -4.955  5.615   1.00 24.71 ? 9    PHE C CE1 1 
ATOM   1029 C CE2 . PHE C 1 6  ? -6.862  -3.807  5.642   1.00 27.38 ? 9    PHE C CE2 1 
ATOM   1030 C CZ  . PHE C 1 6  ? -5.579  -3.980  6.156   1.00 26.72 ? 9    PHE C CZ  1 
ATOM   1031 N N   . VAL C 1 7  ? -5.501  -9.096  3.436   1.00 16.76 ? 10   VAL C N   1 
ATOM   1032 C CA  . VAL C 1 7  ? -4.484  -9.943  4.054   1.00 17.07 ? 10   VAL C CA  1 
ATOM   1033 C C   . VAL C 1 7  ? -3.131  -9.298  3.786   1.00 16.15 ? 10   VAL C C   1 
ATOM   1034 O O   . VAL C 1 7  ? -2.917  -8.743  2.707   1.00 16.30 ? 10   VAL C O   1 
ATOM   1035 C CB  . VAL C 1 7  ? -4.532  -11.399 3.485   1.00 16.87 ? 10   VAL C CB  1 
ATOM   1036 C CG1 . VAL C 1 7  ? -5.945  -11.980 3.591   1.00 17.38 ? 10   VAL C CG1 1 
ATOM   1037 C CG2 . VAL C 1 7  ? -4.101  -11.448 2.055   1.00 19.98 ? 10   VAL C CG2 1 
ATOM   1038 N N   . VAL C 1 8  ? -2.223  -9.375  4.752   1.00 14.72 ? 11   VAL C N   1 
ATOM   1039 C CA  . VAL C 1 8  ? -0.861  -8.883  4.538   1.00 14.52 ? 11   VAL C CA  1 
ATOM   1040 C C   . VAL C 1 8  ? 0.062   -10.087 4.504   1.00 14.99 ? 11   VAL C C   1 
ATOM   1041 O O   . VAL C 1 8  ? 0.021   -10.890 5.429   1.00 14.30 ? 11   VAL C O   1 
ATOM   1042 C CB  . VAL C 1 8  ? -0.432  -7.925  5.681   1.00 14.69 ? 11   VAL C CB  1 
ATOM   1043 C CG1 . VAL C 1 8  ? 0.985   -7.413  5.461   1.00 15.06 ? 11   VAL C CG1 1 
ATOM   1044 C CG2 . VAL C 1 8  ? -1.419  -6.768  5.792   1.00 15.24 ? 11   VAL C CG2 1 
ATOM   1045 N N   . ILE C 1 9  ? 0.854   -10.212 3.438   1.00 14.17 ? 12   ILE C N   1 
ATOM   1046 C CA  . ILE C 1 9  ? 1.775   -11.333 3.259   1.00 14.86 ? 12   ILE C CA  1 
ATOM   1047 C C   . ILE C 1 9  ? 3.184   -10.818 3.071   1.00 14.91 ? 12   ILE C C   1 
ATOM   1048 O O   . ILE C 1 9  ? 3.463   -10.095 2.112   1.00 14.26 ? 12   ILE C O   1 
ATOM   1049 C CB  . ILE C 1 9  ? 1.423   -12.182 2.029   1.00 13.61 ? 12   ILE C CB  1 
ATOM   1050 C CG1 . ILE C 1 9  ? -0.031  -12.682 2.098   1.00 16.79 ? 12   ILE C CG1 1 
ATOM   1051 C CG2 . ILE C 1 9  ? 2.393   -13.400 1.965   1.00 14.64 ? 12   ILE C CG2 1 
ATOM   1052 C CD1 . ILE C 1 9  ? -0.843  -12.066 0.983   1.00 18.53 ? 12   ILE C CD1 1 
ATOM   1053 N N   . LYS C 1 10 ? 4.082   -11.187 3.986   1.00 16.24 ? 13   LYS C N   1 
ATOM   1054 C CA  . LYS C 1 10 ? 5.498   -10.886 3.813   1.00 17.15 ? 13   LYS C CA  1 
ATOM   1055 C C   . LYS C 1 10 ? 6.286   -12.176 3.573   1.00 17.45 ? 13   LYS C C   1 
ATOM   1056 O O   . LYS C 1 10 ? 6.237   -13.101 4.388   1.00 16.69 ? 13   LYS C O   1 
ATOM   1057 C CB  . LYS C 1 10 ? 6.061   -10.129 5.039   1.00 18.33 ? 13   LYS C CB  1 
ATOM   1058 C CG  . LYS C 1 10 ? 7.597   -9.858  4.956   1.00 22.49 ? 13   LYS C CG  1 
ATOM   1059 C CD  . LYS C 1 10 ? 8.177   -9.567  6.337   1.00 27.96 ? 13   LYS C CD  1 
ATOM   1060 C CE  . LYS C 1 10 ? 9.642   -9.114  6.274   1.00 29.69 ? 13   LYS C CE  1 
ATOM   1061 N NZ  . LYS C 1 10 ? 10.167  -8.866  7.666   1.00 32.74 ? 13   LYS C NZ  1 
ATOM   1062 N N   . ALA C 1 11 ? 6.993   -12.235 2.449   1.00 17.10 ? 14   ALA C N   1 
ATOM   1063 C CA  . ALA C 1 11 ? 7.725   -13.425 2.056   1.00 17.90 ? 14   ALA C CA  1 
ATOM   1064 C C   . ALA C 1 11 ? 8.944   -13.536 2.969   1.00 18.68 ? 14   ALA C C   1 
ATOM   1065 O O   . ALA C 1 11 ? 9.655   -12.547 3.176   1.00 18.72 ? 14   ALA C O   1 
ATOM   1066 C CB  . ALA C 1 11 ? 8.161   -13.306 0.624   1.00 17.80 ? 14   ALA C CB  1 
ATOM   1067 N N   . LEU C 1 12 ? 9.158   -14.728 3.521   1.00 20.08 ? 15   LEU C N   1 
ATOM   1068 C CA  . LEU C 1 12 ? 10.354  -14.966 4.330   1.00 21.20 ? 15   LEU C CA  1 
ATOM   1069 C C   . LEU C 1 12 ? 11.453  -15.732 3.578   1.00 22.31 ? 15   LEU C C   1 
ATOM   1070 O O   . LEU C 1 12 ? 12.529  -16.008 4.145   1.00 23.91 ? 15   LEU C O   1 
ATOM   1071 C CB  . LEU C 1 12 ? 9.979   -15.648 5.642   1.00 21.59 ? 15   LEU C CB  1 
ATOM   1072 C CG  . LEU C 1 12 ? 8.896   -14.990 6.490   1.00 21.86 ? 15   LEU C CG  1 
ATOM   1073 C CD1 . LEU C 1 12 ? 8.498   -15.879 7.657   1.00 21.90 ? 15   LEU C CD1 1 
ATOM   1074 C CD2 . LEU C 1 12 ? 9.355   -13.633 6.962   1.00 24.40 ? 15   LEU C CD2 1 
ATOM   1075 N N   . GLU C 1 13 ? 11.191  -16.061 2.314   1.00 22.25 ? 16   GLU C N   1 
ATOM   1076 C CA  . GLU C 1 13 ? 12.147  -16.705 1.414   1.00 23.44 ? 16   GLU C CA  1 
ATOM   1077 C C   . GLU C 1 13 ? 11.807  -16.302 -0.013  1.00 23.18 ? 16   GLU C C   1 
ATOM   1078 O O   . GLU C 1 13 ? 10.735  -15.739 -0.260  1.00 23.11 ? 16   GLU C O   1 
ATOM   1079 C CB  . GLU C 1 13 ? 12.089  -18.236 1.554   1.00 23.68 ? 16   GLU C CB  1 
ATOM   1080 C CG  . GLU C 1 13 ? 10.850  -18.877 0.936   1.00 24.80 ? 16   GLU C CG  1 
ATOM   1081 C CD  . GLU C 1 13 ? 10.715  -20.353 1.240   1.00 27.45 ? 16   GLU C CD  1 
ATOM   1082 O OE1 . GLU C 1 13 ? 11.740  -21.001 1.593   1.00 30.62 ? 16   GLU C OE1 1 
ATOM   1083 O OE2 . GLU C 1 13 ? 9.590   -20.880 1.136   1.00 25.31 ? 16   GLU C OE2 1 
ATOM   1084 N N   . ASP C 1 14 ? 12.686  -16.591 -0.969  1.00 22.39 ? 17   ASP C N   1 
ATOM   1085 C CA  . ASP C 1 14 ? 12.383  -16.292 -2.374  1.00 22.37 ? 17   ASP C CA  1 
ATOM   1086 C C   . ASP C 1 14 ? 11.303  -17.230 -2.931  1.00 21.50 ? 17   ASP C C   1 
ATOM   1087 O O   . ASP C 1 14 ? 11.172  -18.387 -2.506  1.00 21.79 ? 17   ASP C O   1 
ATOM   1088 C CB  . ASP C 1 14 ? 13.628  -16.427 -3.258  1.00 22.73 ? 17   ASP C CB  1 
ATOM   1089 C CG  . ASP C 1 14 ? 14.650  -15.326 -3.034  1.00 26.10 ? 17   ASP C CG  1 
ATOM   1090 O OD1 . ASP C 1 14 ? 14.300  -14.217 -2.559  1.00 26.55 ? 17   ASP C OD1 1 
ATOM   1091 O OD2 . ASP C 1 14 ? 15.855  -15.484 -3.344  1.00 28.99 ? 17   ASP C OD2 1 
ATOM   1092 N N   . GLY C 1 15 ? 10.550  -16.740 -3.908  1.00 20.85 ? 18   GLY C N   1 
ATOM   1093 C CA  . GLY C 1 15 ? 9.653   -17.608 -4.643  1.00 20.16 ? 18   GLY C CA  1 
ATOM   1094 C C   . GLY C 1 15 ? 8.347   -17.960 -3.942  1.00 19.78 ? 18   GLY C C   1 
ATOM   1095 O O   . GLY C 1 15 ? 7.723   -18.965 -4.276  1.00 20.34 ? 18   GLY C O   1 
ATOM   1096 N N   . VAL C 1 16 ? 7.933   -17.148 -2.971  1.00 18.24 ? 19   VAL C N   1 
ATOM   1097 C CA  . VAL C 1 16 ? 6.618   -17.329 -2.360  1.00 16.45 ? 19   VAL C CA  1 
ATOM   1098 C C   . VAL C 1 16 ? 5.566   -17.036 -3.431  1.00 16.15 ? 19   VAL C C   1 
ATOM   1099 O O   . VAL C 1 16 ? 5.793   -16.168 -4.264  1.00 16.47 ? 19   VAL C O   1 
ATOM   1100 C CB  . VAL C 1 16 ? 6.451   -16.380 -1.160  1.00 16.39 ? 19   VAL C CB  1 
ATOM   1101 C CG1 . VAL C 1 16 ? 5.025   -16.353 -0.672  1.00 16.13 ? 19   VAL C CG1 1 
ATOM   1102 C CG2 . VAL C 1 16 ? 7.397   -16.815 -0.020  1.00 16.93 ? 19   VAL C CG2 1 
ATOM   1103 N N   . ASN C 1 17 ? 4.426   -17.729 -3.401  1.00 15.22 ? 20   ASN C N   1 
ATOM   1104 C CA  . ASN C 1 17 ? 3.352   -17.448 -4.367  1.00 15.77 ? 20   ASN C CA  1 
ATOM   1105 C C   . ASN C 1 17 ? 2.093   -17.101 -3.588  1.00 14.95 ? 20   ASN C C   1 
ATOM   1106 O O   . ASN C 1 17 ? 1.749   -17.804 -2.643  1.00 14.40 ? 20   ASN C O   1 
ATOM   1107 C CB  . ASN C 1 17 ? 3.051   -18.654 -5.258  1.00 17.13 ? 20   ASN C CB  1 
ATOM   1108 C CG  . ASN C 1 17 ? 4.291   -19.245 -5.875  1.00 24.02 ? 20   ASN C CG  1 
ATOM   1109 O OD1 . ASN C 1 17 ? 4.788   -20.309 -5.446  1.00 34.93 ? 20   ASN C OD1 1 
ATOM   1110 N ND2 . ASN C 1 17 ? 4.824   -18.564 -6.851  1.00 28.52 ? 20   ASN C ND2 1 
ATOM   1111 N N   . VAL C 1 18 ? 1.440   -16.006 -3.965  1.00 12.99 ? 21   VAL C N   1 
ATOM   1112 C CA  . VAL C 1 18 ? 0.141   -15.658 -3.383  1.00 13.33 ? 21   VAL C CA  1 
ATOM   1113 C C   . VAL C 1 18 ? -0.838  -15.831 -4.527  1.00 13.73 ? 21   VAL C C   1 
ATOM   1114 O O   . VAL C 1 18 ? -0.688  -15.205 -5.562  1.00 13.52 ? 21   VAL C O   1 
ATOM   1115 C CB  . VAL C 1 18 ? 0.094   -14.230 -2.857  1.00 13.72 ? 21   VAL C CB  1 
ATOM   1116 C CG1 . VAL C 1 18 ? -1.320  -13.907 -2.288  1.00 12.81 ? 21   VAL C CG1 1 
ATOM   1117 C CG2 . VAL C 1 18 ? 1.139   -14.042 -1.718  1.00 12.90 ? 21   VAL C CG2 1 
ATOM   1118 N N   . ILE C 1 19 ? -1.804  -16.716 -4.321  1.00 12.59 ? 22   ILE C N   1 
ATOM   1119 C CA  . ILE C 1 19 ? -2.697  -17.140 -5.381  1.00 12.80 ? 22   ILE C CA  1 
ATOM   1120 C C   . ILE C 1 19 ? -4.137  -16.714 -5.093  1.00 12.46 ? 22   ILE C C   1 
ATOM   1121 O O   . ILE C 1 19 ? -4.659  -17.008 -4.038  1.00 11.79 ? 22   ILE C O   1 
ATOM   1122 C CB  . ILE C 1 19 ? -2.592  -18.689 -5.555  1.00 12.85 ? 22   ILE C CB  1 
ATOM   1123 C CG1 . ILE C 1 19 ? -1.123  -19.077 -5.802  1.00 14.32 ? 22   ILE C CG1 1 
ATOM   1124 C CG2 . ILE C 1 19 ? -3.485  -19.158 -6.715  1.00 13.39 ? 22   ILE C CG2 1 
ATOM   1125 C CD1 . ILE C 1 19 ? -0.786  -20.521 -5.432  1.00 20.08 ? 22   ILE C CD1 1 
ATOM   1126 N N   . GLY C 1 20 ? -4.787  -16.070 -6.072  1.00 11.31 ? 23   GLY C N   1 
ATOM   1127 C CA  . GLY C 1 20 ? -6.190  -15.707 -5.926  1.00 11.70 ? 23   GLY C CA  1 
ATOM   1128 C C   . GLY C 1 20 ? -7.077  -16.766 -6.550  1.00 11.78 ? 23   GLY C C   1 
ATOM   1129 O O   . GLY C 1 20 ? -6.818  -17.209 -7.678  1.00 12.67 ? 23   GLY C O   1 
ATOM   1130 N N   . LEU C 1 21 ? -8.084  -17.214 -5.793  1.00 11.41 ? 24   LEU C N   1 
ATOM   1131 C CA  . LEU C 1 21 ? -9.065  -18.205 -6.268  1.00 11.52 ? 24   LEU C CA  1 
ATOM   1132 C C   . LEU C 1 21 ? -10.364 -17.455 -6.629  1.00 10.90 ? 24   LEU C C   1 
ATOM   1133 O O   . LEU C 1 21 ? -10.757 -16.501 -5.939  1.00 11.14 ? 24   LEU C O   1 
ATOM   1134 C CB  . LEU C 1 21 ? -9.375  -19.249 -5.192  1.00 11.02 ? 24   LEU C CB  1 
ATOM   1135 C CG  . LEU C 1 21 ? -8.312  -20.306 -4.885  1.00 15.80 ? 24   LEU C CG  1 
ATOM   1136 C CD1 . LEU C 1 21 ? -7.124  -19.670 -4.251  1.00 17.35 ? 24   LEU C CD1 1 
ATOM   1137 C CD2 . LEU C 1 21 ? -8.888  -21.393 -3.939  1.00 15.62 ? 24   LEU C CD2 1 
ATOM   1138 N N   . THR C 1 22 ? -11.008 -17.887 -7.711  1.00 10.54 ? 25   THR C N   1 
ATOM   1139 C CA  . THR C 1 22 ? -12.162 -17.166 -8.242  1.00 11.15 ? 25   THR C CA  1 
ATOM   1140 C C   . THR C 1 22 ? -13.384 -17.238 -7.348  1.00 10.91 ? 25   THR C C   1 
ATOM   1141 O O   . THR C 1 22 ? -13.710 -18.286 -6.800  1.00 11.39 ? 25   THR C O   1 
ATOM   1142 C CB  . THR C 1 22 ? -12.556 -17.722 -9.626  1.00 11.54 ? 25   THR C CB  1 
ATOM   1143 O OG1 . THR C 1 22 ? -12.773 -19.132 -9.513  1.00 11.85 ? 25   THR C OG1 1 
ATOM   1144 C CG2 . THR C 1 22 ? -11.400 -17.593 -10.611 1.00 12.25 ? 25   THR C CG2 1 
ATOM   1145 N N   . ARG C 1 23 ? -14.073 -16.110 -7.242  1.00 10.34 ? 26   ARG C N   1 
ATOM   1146 C CA  . ARG C 1 23 ? -15.364 -16.049 -6.574  1.00 10.40 ? 26   ARG C CA  1 
ATOM   1147 C C   . ARG C 1 23 ? -16.410 -16.605 -7.530  1.00 11.35 ? 26   ARG C C   1 
ATOM   1148 O O   . ARG C 1 23 ? -16.359 -16.345 -8.756  1.00 12.31 ? 26   ARG C O   1 
ATOM   1149 C CB  . ARG C 1 23 ? -15.707 -14.587 -6.223  1.00 9.83  ? 26   ARG C CB  1 
ATOM   1150 C CG  . ARG C 1 23 ? -17.092 -14.448 -5.526  1.00 10.39 ? 26   ARG C CG  1 
ATOM   1151 C CD  . ARG C 1 23 ? -17.489 -12.986 -5.187  1.00 9.88  ? 26   ARG C CD  1 
ATOM   1152 N NE  . ARG C 1 23 ? -16.467 -12.404 -4.299  1.00 10.07 ? 26   ARG C NE  1 
ATOM   1153 C CZ  . ARG C 1 23 ? -16.389 -12.591 -2.992  1.00 11.37 ? 26   ARG C CZ  1 
ATOM   1154 N NH1 . ARG C 1 23 ? -17.276 -13.355 -2.352  1.00 11.95 ? 26   ARG C NH1 1 
ATOM   1155 N NH2 . ARG C 1 23 ? -15.374 -12.045 -2.316  1.00 10.46 ? 26   ARG C NH2 1 
ATOM   1156 N N   . GLY C 1 24 ? -17.347 -17.364 -6.991  1.00 11.50 ? 27   GLY C N   1 
ATOM   1157 C CA  . GLY C 1 24 ? -18.515 -17.807 -7.750  1.00 11.57 ? 27   GLY C CA  1 
ATOM   1158 C C   . GLY C 1 24 ? -18.726 -19.301 -7.637  1.00 12.33 ? 27   GLY C C   1 
ATOM   1159 O O   . GLY C 1 24 ? -18.098 -19.989 -6.797  1.00 12.03 ? 27   GLY C O   1 
ATOM   1160 N N   . ALA C 1 25 ? -19.604 -19.841 -8.479  1.00 12.45 ? 28   ALA C N   1 
ATOM   1161 C CA  . ALA C 1 25 ? -19.863 -21.287 -8.430  1.00 14.01 ? 28   ALA C CA  1 
ATOM   1162 C C   . ALA C 1 25 ? -18.601 -22.087 -8.772  1.00 15.15 ? 28   ALA C C   1 
ATOM   1163 O O   . ALA C 1 25 ? -18.381 -23.190 -8.236  1.00 15.83 ? 28   ALA C O   1 
ATOM   1164 C CB  . ALA C 1 25 ? -21.024 -21.655 -9.387  1.00 14.41 ? 28   ALA C CB  1 
ATOM   1165 N N   . ASP C 1 26 ? -17.777 -21.559 -9.675  1.00 16.87 ? 29   ASP C N   1 
ATOM   1166 C CA  . ASP C 1 26 ? -16.530 -22.255 -10.012 1.00 19.12 ? 29   ASP C CA  1 
ATOM   1167 C C   . ASP C 1 26 ? -15.356 -21.697 -9.216  1.00 18.02 ? 29   ASP C C   1 
ATOM   1168 O O   . ASP C 1 26 ? -15.359 -20.532 -8.830  1.00 18.70 ? 29   ASP C O   1 
ATOM   1169 C CB  . ASP C 1 26 ? -16.203 -22.177 -11.502 1.00 20.77 ? 29   ASP C CB  1 
ATOM   1170 C CG  . ASP C 1 26 ? -17.345 -22.639 -12.395 1.00 26.38 ? 29   ASP C CG  1 
ATOM   1171 O OD1 . ASP C 1 26 ? -17.971 -23.686 -12.120 1.00 31.89 ? 29   ASP C OD1 1 
ATOM   1172 O OD2 . ASP C 1 26 ? -17.679 -21.986 -13.411 1.00 32.84 ? 29   ASP C OD2 1 
ATOM   1173 N N   . THR C 1 27 ? -14.353 -22.542 -8.995  1.00 16.69 ? 30   THR C N   1 
ATOM   1174 C CA  . THR C 1 27 ? -13.174 -22.208 -8.212  1.00 15.21 ? 30   THR C CA  1 
ATOM   1175 C C   . THR C 1 27 ? -11.931 -22.637 -8.998  1.00 15.82 ? 30   THR C C   1 
ATOM   1176 O O   . THR C 1 27 ? -11.711 -23.839 -9.226  1.00 16.56 ? 30   THR C O   1 
ATOM   1177 C CB  . THR C 1 27 ? -13.202 -22.996 -6.895  1.00 15.24 ? 30   THR C CB  1 
ATOM   1178 O OG1 . THR C 1 27 ? -14.407 -22.680 -6.169  1.00 12.46 ? 30   THR C OG1 1 
ATOM   1179 C CG2 . THR C 1 27 ? -12.019 -22.591 -5.975  1.00 13.13 ? 30   THR C CG2 1 
ATOM   1180 N N   . ARG C 1 28 ? -11.150 -21.672 -9.463  1.00 14.36 ? 31   ARG C N   1 
ATOM   1181 C CA  . ARG C 1 28 ? -9.845  -21.987 -10.044 1.00 14.90 ? 31   ARG C CA  1 
ATOM   1182 C C   . ARG C 1 28 ? -8.906  -20.849 -9.704  1.00 14.05 ? 31   ARG C C   1 
ATOM   1183 O O   . ARG C 1 28 ? -9.364  -19.787 -9.250  1.00 12.51 ? 31   ARG C O   1 
ATOM   1184 C CB  . ARG C 1 28 ? -9.967  -22.108 -11.562 1.00 15.86 ? 31   ARG C CB  1 
ATOM   1185 C CG  . ARG C 1 28 ? -10.433 -20.812 -12.261 1.00 17.97 ? 31   ARG C CG  1 
ATOM   1186 C CD  . ARG C 1 28 ? -10.646 -20.961 -13.755 1.00 21.14 ? 31   ARG C CD  1 
ATOM   1187 N NE  . ARG C 1 28 ? -11.730 -21.911 -14.018 1.00 23.93 ? 31   ARG C NE  1 
ATOM   1188 C CZ  . ARG C 1 28 ? -13.029 -21.593 -14.059 1.00 26.95 ? 31   ARG C CZ  1 
ATOM   1189 N NH1 . ARG C 1 28 ? -13.940 -22.550 -14.263 1.00 24.72 ? 31   ARG C NH1 1 
ATOM   1190 N NH2 . ARG C 1 28 ? -13.423 -20.325 -13.891 1.00 26.77 ? 31   ARG C NH2 1 
ATOM   1191 N N   . PHE C 1 29 ? -7.614  -21.059 -9.909  1.00 14.27 ? 32   PHE C N   1 
ATOM   1192 C CA  . PHE C 1 29 ? -6.637  -19.995 -9.664  1.00 15.80 ? 32   PHE C CA  1 
ATOM   1193 C C   . PHE C 1 29 ? -6.749  -18.982 -10.819 1.00 15.24 ? 32   PHE C C   1 
ATOM   1194 O O   . PHE C 1 29 ? -6.725  -19.364 -11.993 1.00 15.10 ? 32   PHE C O   1 
ATOM   1195 C CB  . PHE C 1 29 ? -5.222  -20.583 -9.631  1.00 17.06 ? 32   PHE C CB  1 
ATOM   1196 C CG  . PHE C 1 29 ? -4.971  -21.591 -8.519  1.00 20.88 ? 32   PHE C CG  1 
ATOM   1197 C CD1 . PHE C 1 29 ? -5.855  -21.756 -7.452  1.00 23.57 ? 32   PHE C CD1 1 
ATOM   1198 C CD2 . PHE C 1 29 ? -3.814  -22.375 -8.550  1.00 26.09 ? 32   PHE C CD2 1 
ATOM   1199 C CE1 . PHE C 1 29 ? -5.590  -22.685 -6.435  1.00 24.34 ? 32   PHE C CE1 1 
ATOM   1200 C CE2 . PHE C 1 29 ? -3.533  -23.302 -7.512  1.00 25.54 ? 32   PHE C CE2 1 
ATOM   1201 C CZ  . PHE C 1 29 ? -4.432  -23.454 -6.477  1.00 25.35 ? 32   PHE C CZ  1 
ATOM   1202 N N   . HIS C 1 30 ? -6.876  -17.698 -10.515 1.00 14.64 ? 33   HIS C N   1 
ATOM   1203 C CA  . HIS C 1 30 ? -6.903  -16.697 -11.594 1.00 14.87 ? 33   HIS C CA  1 
ATOM   1204 C C   . HIS C 1 30 ? -5.616  -15.864 -11.664 1.00 14.93 ? 33   HIS C C   1 
ATOM   1205 O O   . HIS C 1 30 ? -5.375  -15.167 -12.665 1.00 15.34 ? 33   HIS C O   1 
ATOM   1206 C CB  . HIS C 1 30 ? -8.159  -15.799 -11.494 1.00 14.12 ? 33   HIS C CB  1 
ATOM   1207 C CG  . HIS C 1 30 ? -8.191  -14.914 -10.288 1.00 14.81 ? 33   HIS C CG  1 
ATOM   1208 N ND1 . HIS C 1 30 ? -7.367  -13.810 -10.149 1.00 13.05 ? 33   HIS C ND1 1 
ATOM   1209 C CD2 . HIS C 1 30 ? -8.931  -14.978 -9.156  1.00 14.13 ? 33   HIS C CD2 1 
ATOM   1210 C CE1 . HIS C 1 30 ? -7.609  -13.231 -8.987  1.00 14.40 ? 33   HIS C CE1 1 
ATOM   1211 N NE2 . HIS C 1 30 ? -8.557  -13.916 -8.365  1.00 14.03 ? 33   HIS C NE2 1 
ATOM   1212 N N   . HIS C 1 31 ? -4.782  -15.937 -10.617 1.00 14.38 ? 34   HIS C N   1 
ATOM   1213 C CA  . HIS C 1 31 ? -3.552  -15.158 -10.585 1.00 13.71 ? 34   HIS C CA  1 
ATOM   1214 C C   . HIS C 1 31 ? -2.647  -15.680 -9.510  1.00 13.58 ? 34   HIS C C   1 
ATOM   1215 O O   . HIS C 1 31 ? -3.115  -16.017 -8.432  1.00 13.49 ? 34   HIS C O   1 
ATOM   1216 C CB  . HIS C 1 31 ? -3.816  -13.681 -10.272 1.00 12.82 ? 34   HIS C CB  1 
ATOM   1217 C CG  . HIS C 1 31 ? -2.578  -12.833 -10.347 1.00 13.71 ? 34   HIS C CG  1 
ATOM   1218 N ND1 . HIS C 1 31 ? -1.973  -12.506 -11.542 1.00 14.07 ? 34   HIS C ND1 1 
ATOM   1219 C CD2 . HIS C 1 31 ? -1.807  -12.294 -9.371  1.00 14.67 ? 34   HIS C CD2 1 
ATOM   1220 C CE1 . HIS C 1 31 ? -0.900  -11.769 -11.300 1.00 18.10 ? 34   HIS C CE1 1 
ATOM   1221 N NE2 . HIS C 1 31 ? -0.787  -11.612 -9.988  1.00 15.15 ? 34   HIS C NE2 1 
ATOM   1222 N N   . SER C 1 32 ? -1.361  -15.751 -9.823  1.00 14.03 ? 35   SER C N   1 
ATOM   1223 C CA  . SER C 1 32 ? -0.365  -16.073 -8.816  1.00 15.18 ? 35   SER C CA  1 
ATOM   1224 C C   . SER C 1 32 ? 0.680   -14.939 -8.855  1.00 16.34 ? 35   SER C C   1 
ATOM   1225 O O   . SER C 1 32 ? 1.258   -14.610 -9.924  1.00 16.02 ? 35   SER C O   1 
ATOM   1226 C CB  . SER C 1 32 ? 0.253   -17.447 -9.093  1.00 16.14 ? 35   SER C CB  1 
ATOM   1227 O OG  . SER C 1 32 ? 1.276   -17.749 -8.135  1.00 18.34 ? 35   SER C OG  1 
ATOM   1228 N N   . GLU C 1 33 ? 0.851   -14.287 -7.719  1.00 15.40 ? 36   GLU C N   1 
ATOM   1229 C CA  . GLU C 1 33 ? 1.816   -13.203 -7.584  1.00 16.65 ? 36   GLU C CA  1 
ATOM   1230 C C   . GLU C 1 33 ? 3.033   -13.774 -6.869  1.00 16.63 ? 36   GLU C C   1 
ATOM   1231 O O   . GLU C 1 33 ? 2.909   -14.337 -5.778  1.00 17.47 ? 36   GLU C O   1 
ATOM   1232 C CB  . GLU C 1 33 ? 1.211   -12.063 -6.763  1.00 16.55 ? 36   GLU C CB  1 
ATOM   1233 C CG  . GLU C 1 33 ? 2.056   -10.784 -6.721  1.00 17.88 ? 36   GLU C CG  1 
ATOM   1234 C CD  . GLU C 1 33 ? 2.314   -10.197 -8.105  1.00 18.02 ? 36   GLU C CD  1 
ATOM   1235 O OE1 . GLU C 1 33 ? 1.411   -10.216 -8.989  1.00 17.61 ? 36   GLU C OE1 1 
ATOM   1236 O OE2 . GLU C 1 33 ? 3.443   -9.735  -8.320  1.00 18.82 ? 36   GLU C OE2 1 
ATOM   1237 N N   . LYS C 1 34 ? 4.204   -13.647 -7.483  1.00 17.05 ? 37   LYS C N   1 
ATOM   1238 C CA  . LYS C 1 34 ? 5.416   -14.123 -6.844  1.00 17.67 ? 37   LYS C CA  1 
ATOM   1239 C C   . LYS C 1 34 ? 6.030   -13.047 -5.941  1.00 18.23 ? 37   LYS C C   1 
ATOM   1240 O O   . LYS C 1 34 ? 6.085   -11.856 -6.310  1.00 19.32 ? 37   LYS C O   1 
ATOM   1241 C CB  . LYS C 1 34 ? 6.414   -14.597 -7.902  1.00 18.48 ? 37   LYS C CB  1 
ATOM   1242 C CG  . LYS C 1 34 ? 7.779   -14.998 -7.337  1.00 20.94 ? 37   LYS C CG  1 
ATOM   1243 C CD  . LYS C 1 34 ? 8.679   -15.458 -8.499  1.00 27.08 ? 37   LYS C CD  1 
ATOM   1244 C CE  . LYS C 1 34 ? 10.140  -15.506 -8.129  1.00 30.53 ? 37   LYS C CE  1 
ATOM   1245 N NZ  . LYS C 1 34 ? 10.970  -15.754 -9.369  1.00 35.90 ? 37   LYS C NZ  1 
ATOM   1246 N N   . LEU C 1 35 ? 6.489   -13.461 -4.764  1.00 17.25 ? 38   LEU C N   1 
ATOM   1247 C CA  . LEU C 1 35 ? 7.142   -12.543 -3.828  1.00 17.91 ? 38   LEU C CA  1 
ATOM   1248 C C   . LEU C 1 35 ? 8.507   -13.113 -3.473  1.00 18.47 ? 38   LEU C C   1 
ATOM   1249 O O   . LEU C 1 35 ? 8.594   -14.265 -3.058  1.00 17.04 ? 38   LEU C O   1 
ATOM   1250 C CB  . LEU C 1 35 ? 6.342   -12.442 -2.532  1.00 17.48 ? 38   LEU C CB  1 
ATOM   1251 C CG  . LEU C 1 35 ? 4.937   -11.844 -2.523  1.00 19.01 ? 38   LEU C CG  1 
ATOM   1252 C CD1 . LEU C 1 35 ? 4.387   -11.895 -1.082  1.00 18.68 ? 38   LEU C CD1 1 
ATOM   1253 C CD2 . LEU C 1 35 ? 5.002   -10.415 -3.010  1.00 21.16 ? 38   LEU C CD2 1 
ATOM   1254 N N   . ASP C 1 36 ? 9.557   -12.312 -3.645  1.00 19.39 ? 39   ASP C N   1 
ATOM   1255 C CA  . ASP C 1 36 ? 10.868  -12.719 -3.188  1.00 20.62 ? 39   ASP C CA  1 
ATOM   1256 C C   . ASP C 1 36 ? 11.102  -12.244 -1.760  1.00 21.06 ? 39   ASP C C   1 
ATOM   1257 O O   . ASP C 1 36 ? 10.302  -11.487 -1.203  1.00 19.73 ? 39   ASP C O   1 
ATOM   1258 C CB  . ASP C 1 36 ? 11.937  -12.259 -4.166  1.00 21.68 ? 39   ASP C CB  1 
ATOM   1259 C CG  . ASP C 1 36 ? 11.938  -13.104 -5.429  1.00 24.52 ? 39   ASP C CG  1 
ATOM   1260 O OD1 . ASP C 1 36 ? 11.626  -14.319 -5.320  1.00 24.47 ? 39   ASP C OD1 1 
ATOM   1261 O OD2 . ASP C 1 36 ? 12.203  -12.651 -6.565  1.00 29.41 ? 39   ASP C OD2 1 
ATOM   1262 N N   . LYS C 1 37 ? 12.181  -12.724 -1.144  1.00 20.80 ? 40   LYS C N   1 
ATOM   1263 C CA  . LYS C 1 37 ? 12.349  -12.554 0.295   1.00 21.25 ? 40   LYS C CA  1 
ATOM   1264 C C   . LYS C 1 37 ? 12.255  -11.076 0.682   1.00 20.49 ? 40   LYS C C   1 
ATOM   1265 O O   . LYS C 1 37 ? 12.892  -10.222 0.056   1.00 20.56 ? 40   LYS C O   1 
ATOM   1266 C CB  . LYS C 1 37 ? 13.673  -13.195 0.755   1.00 22.24 ? 40   LYS C CB  1 
ATOM   1267 C CG  . LYS C 1 37 ? 13.990  -12.997 2.238   1.00 23.51 ? 40   LYS C CG  1 
ATOM   1268 C CD  . LYS C 1 37 ? 15.326  -13.679 2.567   1.00 28.77 ? 40   LYS C CD  1 
ATOM   1269 C CE  . LYS C 1 37 ? 15.735  -13.472 4.016   1.00 32.09 ? 40   LYS C CE  1 
ATOM   1270 N NZ  . LYS C 1 37 ? 16.701  -14.546 4.449   1.00 35.38 ? 40   LYS C NZ  1 
ATOM   1271 N N   . GLY C 1 38 ? 11.406  -10.781 1.670   1.00 19.71 ? 41   GLY C N   1 
ATOM   1272 C CA  . GLY C 1 38 ? 11.241  -9.441  2.212   1.00 19.69 ? 41   GLY C CA  1 
ATOM   1273 C C   . GLY C 1 38 ? 10.160  -8.594  1.535   1.00 19.59 ? 41   GLY C C   1 
ATOM   1274 O O   . GLY C 1 38 ? 9.778   -7.523  2.040   1.00 19.87 ? 41   GLY C O   1 
ATOM   1275 N N   . GLU C 1 39 ? 9.670   -9.072  0.396   1.00 18.67 ? 42   GLU C N   1 
ATOM   1276 C CA  . GLU C 1 39 ? 8.633   -8.365  -0.348  1.00 17.89 ? 42   GLU C CA  1 
ATOM   1277 C C   . GLU C 1 39 ? 7.282   -8.622  0.311   1.00 16.52 ? 42   GLU C C   1 
ATOM   1278 O O   . GLU C 1 39 ? 7.070   -9.673  0.911   1.00 17.01 ? 42   GLU C O   1 
ATOM   1279 C CB  . GLU C 1 39 ? 8.628   -8.803  -1.811  1.00 18.67 ? 42   GLU C CB  1 
ATOM   1280 C CG  . GLU C 1 39 ? 9.907   -8.398  -2.546  1.00 20.74 ? 42   GLU C CG  1 
ATOM   1281 C CD  . GLU C 1 39 ? 9.884   -8.762  -4.016  1.00 23.58 ? 42   GLU C CD  1 
ATOM   1282 O OE1 . GLU C 1 39 ? 9.005   -9.574  -4.433  1.00 21.39 ? 42   GLU C OE1 1 
ATOM   1283 O OE2 . GLU C 1 39 ? 10.746  -8.205  -4.758  1.00 25.25 ? 42   GLU C OE2 1 
ATOM   1284 N N   . VAL C 1 40 ? 6.373   -7.657  0.176   1.00 15.50 ? 43   VAL C N   1 
ATOM   1285 C CA  . VAL C 1 40 ? 5.102   -7.680  0.899   1.00 14.46 ? 43   VAL C CA  1 
ATOM   1286 C C   . VAL C 1 40 ? 3.982   -7.493  -0.123  1.00 14.02 ? 43   VAL C C   1 
ATOM   1287 O O   . VAL C 1 40 ? 4.125   -6.729  -1.089  1.00 14.39 ? 43   VAL C O   1 
ATOM   1288 C CB  . VAL C 1 40 ? 5.045   -6.574  1.977   1.00 15.04 ? 43   VAL C CB  1 
ATOM   1289 C CG1 . VAL C 1 40 ? 3.651   -6.487  2.648   1.00 12.41 ? 43   VAL C CG1 1 
ATOM   1290 C CG2 . VAL C 1 40 ? 6.129   -6.802  3.033   1.00 14.27 ? 43   VAL C CG2 1 
ATOM   1291 N N   . LEU C 1 41 ? 2.904   -8.242  0.064   1.00 13.85 ? 44   LEU C N   1 
ATOM   1292 C CA  . LEU C 1 41 ? 1.679   -8.020  -0.695  1.00 12.86 ? 44   LEU C CA  1 
ATOM   1293 C C   . LEU C 1 41 ? 0.548   -7.782  0.277   1.00 13.18 ? 44   LEU C C   1 
ATOM   1294 O O   . LEU C 1 41 ? 0.364   -8.537  1.244   1.00 13.92 ? 44   LEU C O   1 
ATOM   1295 C CB  . LEU C 1 41 ? 1.360   -9.236  -1.575  1.00 13.84 ? 44   LEU C CB  1 
ATOM   1296 C CG  . LEU C 1 41 ? 0.200   -9.049  -2.567  1.00 12.58 ? 44   LEU C CG  1 
ATOM   1297 C CD1 . LEU C 1 41 ? 0.574   -8.093  -3.713  1.00 14.74 ? 44   LEU C CD1 1 
ATOM   1298 C CD2 . LEU C 1 41 ? -0.233  -10.409 -3.105  1.00 15.72 ? 44   LEU C CD2 1 
ATOM   1299 N N   . ILE C 1 42 ? -0.208  -6.719  0.021   1.00 12.45 ? 45   ILE C N   1 
ATOM   1300 C CA  . ILE C 1 42 ? -1.398  -6.440  0.791   1.00 12.20 ? 45   ILE C CA  1 
ATOM   1301 C C   . ILE C 1 42 ? -2.537  -6.600  -0.183  1.00 12.87 ? 45   ILE C C   1 
ATOM   1302 O O   . ILE C 1 42 ? -2.634  -5.852  -1.157  1.00 12.01 ? 45   ILE C O   1 
ATOM   1303 C CB  . ILE C 1 42 ? -1.380  -5.007  1.365   1.00 12.63 ? 45   ILE C CB  1 
ATOM   1304 C CG1 . ILE C 1 42 ? -0.068  -4.728  2.133   1.00 12.37 ? 45   ILE C CG1 1 
ATOM   1305 C CG2 . ILE C 1 42 ? -2.566  -4.870  2.317   1.00 10.86 ? 45   ILE C CG2 1 
ATOM   1306 C CD1 . ILE C 1 42 ? 0.997   -3.879  1.358   1.00 15.10 ? 45   ILE C CD1 1 
ATOM   1307 N N   . ALA C 1 43 ? -3.394  -7.593  0.071   1.00 12.55 ? 46   ALA C N   1 
ATOM   1308 C CA  . ALA C 1 43 ? -4.331  -8.027  -0.951  1.00 13.08 ? 46   ALA C CA  1 
ATOM   1309 C C   . ALA C 1 43 ? -5.715  -8.106  -0.353  1.00 12.97 ? 46   ALA C C   1 
ATOM   1310 O O   . ALA C 1 43 ? -5.901  -8.718  0.709   1.00 14.84 ? 46   ALA C O   1 
ATOM   1311 C CB  . ALA C 1 43 ? -3.903  -9.410  -1.509  1.00 12.97 ? 46   ALA C CB  1 
ATOM   1312 N N   . GLN C 1 44 ? -6.691  -7.490  -1.023  1.00 11.37 ? 47   GLN C N   1 
ATOM   1313 C CA  . GLN C 1 44 ? -8.087  -7.567  -0.604  1.00 11.39 ? 47   GLN C CA  1 
ATOM   1314 C C   . GLN C 1 44 ? -8.828  -8.806  -1.124  1.00 11.66 ? 47   GLN C C   1 
ATOM   1315 O O   . GLN C 1 44 ? -8.450  -9.416  -2.137  1.00 13.15 ? 47   GLN C O   1 
ATOM   1316 C CB  . GLN C 1 44 ? -8.856  -6.347  -1.148  1.00 11.99 ? 47   GLN C CB  1 
ATOM   1317 C CG  . GLN C 1 44 ? -8.470  -5.001  -0.466  1.00 11.99 ? 47   GLN C CG  1 
ATOM   1318 C CD  . GLN C 1 44 ? -9.345  -3.872  -0.964  1.00 16.10 ? 47   GLN C CD  1 
ATOM   1319 O OE1 . GLN C 1 44 ? -9.491  -3.702  -2.181  1.00 15.06 ? 47   GLN C OE1 1 
ATOM   1320 N NE2 . GLN C 1 44 ? -9.965  -3.151  -0.048  1.00 16.02 ? 47   GLN C NE2 1 
ATOM   1321 N N   . PHE C 1 45 ? -9.925  -9.135  -0.452  1.00 10.58 ? 48   PHE C N   1 
ATOM   1322 C CA  . PHE C 1 45 ? -10.972 -9.960  -1.073  1.00 10.85 ? 48   PHE C CA  1 
ATOM   1323 C C   . PHE C 1 45 ? -11.819 -9.013  -1.908  1.00 11.16 ? 48   PHE C C   1 
ATOM   1324 O O   . PHE C 1 45 ? -12.016 -7.852  -1.525  1.00 10.85 ? 48   PHE C O   1 
ATOM   1325 C CB  . PHE C 1 45 ? -11.805 -10.638 0.001   1.00 10.85 ? 48   PHE C CB  1 
ATOM   1326 C CG  . PHE C 1 45 ? -11.030 -11.729 0.726   1.00 10.38 ? 48   PHE C CG  1 
ATOM   1327 C CD1 . PHE C 1 45 ? -10.805 -12.926 0.089   1.00 9.53  ? 48   PHE C CD1 1 
ATOM   1328 C CD2 . PHE C 1 45 ? -10.491 -11.511 1.978   1.00 13.14 ? 48   PHE C CD2 1 
ATOM   1329 C CE1 . PHE C 1 45 ? -10.072 -13.954 0.704   1.00 13.69 ? 48   PHE C CE1 1 
ATOM   1330 C CE2 . PHE C 1 45 ? -9.726  -12.536 2.629   1.00 13.60 ? 48   PHE C CE2 1 
ATOM   1331 C CZ  . PHE C 1 45 ? -9.537  -13.754 1.980   1.00 14.40 ? 48   PHE C CZ  1 
ATOM   1332 N N   . THR C 1 46 ? -12.333 -9.516  -3.028  1.00 11.37 ? 49   THR C N   1 
ATOM   1333 C CA  . THR C 1 46 ? -12.875 -8.619  -4.045  1.00 11.91 ? 49   THR C CA  1 
ATOM   1334 C C   . THR C 1 46 ? -14.021 -9.311  -4.756  1.00 11.94 ? 49   THR C C   1 
ATOM   1335 O O   . THR C 1 46 ? -14.330 -10.450 -4.450  1.00 11.22 ? 49   THR C O   1 
ATOM   1336 C CB  . THR C 1 46 ? -11.813 -8.320  -5.112  1.00 11.77 ? 49   THR C CB  1 
ATOM   1337 O OG1 . THR C 1 46 ? -11.507 -9.524  -5.837  1.00 12.63 ? 49   THR C OG1 1 
ATOM   1338 C CG2 . THR C 1 46 ? -10.441 -7.833  -4.502  1.00 12.91 ? 49   THR C CG2 1 
ATOM   1339 N N   . GLU C 1 47 ? -14.605 -8.622  -5.743  1.00 12.57 ? 50   GLU C N   1 
ATOM   1340 C CA  . GLU C 1 47 ? -15.622 -9.228  -6.590  1.00 13.41 ? 50   GLU C CA  1 
ATOM   1341 C C   . GLU C 1 47 ? -15.096 -10.483 -7.278  1.00 12.63 ? 50   GLU C C   1 
ATOM   1342 O O   . GLU C 1 47 ? -15.855 -11.434 -7.525  1.00 13.38 ? 50   GLU C O   1 
ATOM   1343 C CB  . GLU C 1 47 ? -16.090 -8.193  -7.650  1.00 13.48 ? 50   GLU C CB  1 
ATOM   1344 C CG  . GLU C 1 47 ? -17.017 -8.782  -8.696  1.00 18.05 ? 50   GLU C CG  1 
ATOM   1345 C CD  . GLU C 1 47 ? -17.503 -7.750  -9.693  1.00 25.81 ? 50   GLU C CD  1 
ATOM   1346 O OE1 . GLU C 1 47 ? -17.147 -6.561  -9.530  1.00 26.19 ? 50   GLU C OE1 1 
ATOM   1347 O OE2 . GLU C 1 47 ? -18.248 -8.134  -10.636 1.00 29.84 ? 50   GLU C OE2 1 
ATOM   1348 N N   . HIS C 1 48 ? -13.794 -10.527 -7.575  1.00 12.55 ? 51   HIS C N   1 
ATOM   1349 C CA  . HIS C 1 48 ? -13.226 -11.656 -8.311  1.00 12.42 ? 51   HIS C CA  1 
ATOM   1350 C C   . HIS C 1 48 ? -12.466 -12.682 -7.462  1.00 11.80 ? 51   HIS C C   1 
ATOM   1351 O O   . HIS C 1 48 ? -12.139 -13.780 -7.946  1.00 11.39 ? 51   HIS C O   1 
ATOM   1352 C CB  . HIS C 1 48 ? -12.334 -11.124 -9.465  1.00 12.32 ? 51   HIS C CB  1 
ATOM   1353 C CG  . HIS C 1 48 ? -13.137 -10.417 -10.510 1.00 15.03 ? 51   HIS C CG  1 
ATOM   1354 N ND1 . HIS C 1 48 ? -13.460 -9.082  -10.409 1.00 17.01 ? 51   HIS C ND1 1 
ATOM   1355 C CD2 . HIS C 1 48 ? -13.762 -10.875 -11.621 1.00 16.99 ? 51   HIS C CD2 1 
ATOM   1356 C CE1 . HIS C 1 48 ? -14.225 -8.733  -11.431 1.00 18.81 ? 51   HIS C CE1 1 
ATOM   1357 N NE2 . HIS C 1 48 ? -14.414 -9.799  -12.191 1.00 17.63 ? 51   HIS C NE2 1 
ATOM   1358 N N   . THR C 1 49 ? -12.173 -12.333 -6.220  1.00 11.31 ? 52   THR C N   1 
ATOM   1359 C CA  . THR C 1 49 ? -11.295 -13.171 -5.381  1.00 10.97 ? 52   THR C CA  1 
ATOM   1360 C C   . THR C 1 49 ? -11.970 -13.399 -4.052  1.00 10.35 ? 52   THR C C   1 
ATOM   1361 O O   . THR C 1 49 ? -12.171 -12.440 -3.287  1.00 11.38 ? 52   THR C O   1 
ATOM   1362 C CB  . THR C 1 49 ? -9.941  -12.449 -5.131  1.00 11.28 ? 52   THR C CB  1 
ATOM   1363 O OG1 . THR C 1 49 ? -9.213  -12.326 -6.356  1.00 11.81 ? 52   THR C OG1 1 
ATOM   1364 C CG2 . THR C 1 49 ? -9.002  -13.305 -4.242  1.00 12.13 ? 52   THR C CG2 1 
ATOM   1365 N N   . SER C 1 50 ? -12.310 -14.663 -3.747  1.00 9.51  ? 53   SER C N   1 
ATOM   1366 C CA  . SER C 1 50 ? -12.963 -14.982 -2.480  1.00 10.26 ? 53   SER C CA  1 
ATOM   1367 C C   . SER C 1 50 ? -12.156 -15.959 -1.593  1.00 10.18 ? 53   SER C C   1 
ATOM   1368 O O   . SER C 1 50 ? -12.605 -16.347 -0.523  1.00 11.11 ? 53   SER C O   1 
ATOM   1369 C CB  . SER C 1 50 ? -14.369 -15.551 -2.733  1.00 9.75  ? 53   SER C CB  1 
ATOM   1370 O OG  . SER C 1 50 ? -14.303 -16.759 -3.488  1.00 10.58 ? 53   SER C OG  1 
ATOM   1371 N N   . ALA C 1 51 ? -10.980 -16.370 -2.059  1.00 9.58  ? 54   ALA C N   1 
ATOM   1372 C CA  . ALA C 1 51 ? -10.062 -17.154 -1.233  1.00 10.27 ? 54   ALA C CA  1 
ATOM   1373 C C   . ALA C 1 51 ? -8.666  -16.882 -1.740  1.00 10.13 ? 54   ALA C C   1 
ATOM   1374 O O   . ALA C 1 51 ? -8.461  -16.641 -2.936  1.00 10.28 ? 54   ALA C O   1 
ATOM   1375 C CB  . ALA C 1 51 ? -10.397 -18.656 -1.313  1.00 10.80 ? 54   ALA C CB  1 
ATOM   1376 N N   . ILE C 1 52 ? -7.708  -16.897 -0.820  1.00 10.15 ? 55   ILE C N   1 
ATOM   1377 C CA  . ILE C 1 52 ? -6.320  -16.590 -1.144  1.00 10.60 ? 55   ILE C CA  1 
ATOM   1378 C C   . ILE C 1 52 ? -5.424  -17.678 -0.582  1.00 11.61 ? 55   ILE C C   1 
ATOM   1379 O O   . ILE C 1 52 ? -5.530  -18.002 0.582   1.00 12.03 ? 55   ILE C O   1 
ATOM   1380 C CB  . ILE C 1 52 ? -5.923  -15.216 -0.562  1.00 10.90 ? 55   ILE C CB  1 
ATOM   1381 C CG1 . ILE C 1 52 ? -6.665  -14.098 -1.298  1.00 10.68 ? 55   ILE C CG1 1 
ATOM   1382 C CG2 . ILE C 1 52 ? -4.395  -14.967 -0.755  1.00 11.61 ? 55   ILE C CG2 1 
ATOM   1383 C CD1 . ILE C 1 52 ? -6.644  -12.748 -0.550  1.00 12.99 ? 55   ILE C CD1 1 
ATOM   1384 N N   . LYS C 1 53 ? -4.555  -18.230 -1.417  1.00 11.94 ? 56   LYS C N   1 
ATOM   1385 C CA  . LYS C 1 53 ? -3.673  -19.325 -1.000  1.00 12.05 ? 56   LYS C CA  1 
ATOM   1386 C C   . LYS C 1 53 ? -2.228  -18.821 -0.974  1.00 12.45 ? 56   LYS C C   1 
ATOM   1387 O O   . LYS C 1 53 ? -1.803  -18.122 -1.878  1.00 13.36 ? 56   LYS C O   1 
ATOM   1388 C CB  . LYS C 1 53 ? -3.812  -20.465 -2.006  1.00 11.26 ? 56   LYS C CB  1 
ATOM   1389 C CG  . LYS C 1 53 ? -3.105  -21.773 -1.581  1.00 15.57 ? 56   LYS C CG  1 
ATOM   1390 C CD  . LYS C 1 53 ? -3.403  -22.857 -2.656  1.00 16.48 ? 56   LYS C CD  1 
ATOM   1391 C CE  . LYS C 1 53 ? -3.079  -24.242 -2.140  1.00 21.62 ? 56   LYS C CE  1 
ATOM   1392 N NZ  . LYS C 1 53 ? -3.451  -25.275 -3.148  1.00 18.26 ? 56   LYS C NZ  1 
ATOM   1393 N N   . VAL C 1 54 ? -1.487  -19.157 0.080   1.00 12.38 ? 57   VAL C N   1 
ATOM   1394 C CA  . VAL C 1 54 ? -0.099  -18.725 0.193   1.00 13.31 ? 57   VAL C CA  1 
ATOM   1395 C C   . VAL C 1 54 ? 0.773   -19.972 0.242   1.00 14.47 ? 57   VAL C C   1 
ATOM   1396 O O   . VAL C 1 54 ? 0.537   -20.873 1.055   1.00 13.50 ? 57   VAL C O   1 
ATOM   1397 C CB  . VAL C 1 54 ? 0.133   -17.843 1.440   1.00 13.57 ? 57   VAL C CB  1 
ATOM   1398 C CG1 . VAL C 1 54 ? 1.608   -17.388 1.494   1.00 14.53 ? 57   VAL C CG1 1 
ATOM   1399 C CG2 . VAL C 1 54 ? -0.836  -16.607 1.453   1.00 13.39 ? 57   VAL C CG2 1 
ATOM   1400 N N   . ARG C 1 55 ? 1.728   -20.035 -0.678  1.00 14.80 ? 58   ARG C N   1 
ATOM   1401 C CA  . ARG C 1 55 ? 2.687   -21.146 -0.730  1.00 16.71 ? 58   ARG C CA  1 
ATOM   1402 C C   . ARG C 1 55 ? 4.092   -20.611 -0.520  1.00 16.71 ? 58   ARG C C   1 
ATOM   1403 O O   . ARG C 1 55 ? 4.547   -19.742 -1.256  1.00 17.37 ? 58   ARG C O   1 
ATOM   1404 C CB  . ARG C 1 55 ? 2.622   -21.839 -2.090  1.00 17.49 ? 58   ARG C CB  1 
ATOM   1405 C CG  . ARG C 1 55 ? 1.271   -22.429 -2.451  1.00 20.51 ? 58   ARG C CG  1 
ATOM   1406 C CD  . ARG C 1 55 ? 1.277   -23.141 -3.799  1.00 26.86 ? 58   ARG C CD  1 
ATOM   1407 N NE  . ARG C 1 55 ? 1.987   -24.407 -3.702  1.00 31.54 ? 58   ARG C NE  1 
ATOM   1408 C CZ  . ARG C 1 55 ? 2.349   -25.161 -4.730  1.00 37.56 ? 58   ARG C CZ  1 
ATOM   1409 N NH1 . ARG C 1 55 ? 2.065   -24.789 -5.984  1.00 39.07 ? 58   ARG C NH1 1 
ATOM   1410 N NH2 . ARG C 1 55 ? 2.997   -26.302 -4.502  1.00 37.71 ? 58   ARG C NH2 1 
ATOM   1411 N N   . GLY C 1 56 ? 4.809   -21.158 0.450   1.00 17.33 ? 59   GLY C N   1 
ATOM   1412 C CA  . GLY C 1 56 ? 6.159   -20.709 0.709   1.00 18.19 ? 59   GLY C CA  1 
ATOM   1413 C C   . GLY C 1 56 ? 6.178   -20.073 2.064   1.00 19.16 ? 59   GLY C C   1 
ATOM   1414 O O   . GLY C 1 56 ? 5.121   -19.718 2.589   1.00 20.21 ? 59   GLY C O   1 
ATOM   1415 N N   . LYS C 1 57 ? 7.363   -19.956 2.648   1.00 19.68 ? 60   LYS C N   1 
ATOM   1416 C CA  . LYS C 1 57 ? 7.533   -19.433 4.005   1.00 20.58 ? 60   LYS C CA  1 
ATOM   1417 C C   . LYS C 1 57 ? 7.120   -17.952 4.038   1.00 19.50 ? 60   LYS C C   1 
ATOM   1418 O O   . LYS C 1 57 ? 7.704   -17.117 3.355   1.00 19.94 ? 60   LYS C O   1 
ATOM   1419 C CB  . LYS C 1 57 ? 8.994   -19.645 4.409   1.00 21.30 ? 60   LYS C CB  1 
ATOM   1420 C CG  . LYS C 1 57 ? 9.468   -19.045 5.740   1.00 26.42 ? 60   LYS C CG  1 
ATOM   1421 C CD  . LYS C 1 57 ? 11.004  -19.249 5.881   1.00 31.19 ? 60   LYS C CD  1 
ATOM   1422 C CE  . LYS C 1 57 ? 11.579  -18.706 7.198   1.00 34.23 ? 60   LYS C CE  1 
ATOM   1423 N NZ  . LYS C 1 57 ? 10.781  -19.092 8.390   1.00 37.52 ? 60   LYS C NZ  1 
ATOM   1424 N N   . ALA C 1 58 ? 6.097   -17.635 4.824   1.00 18.31 ? 61   ALA C N   1 
ATOM   1425 C CA  . ALA C 1 58 ? 5.554   -16.285 4.844   1.00 17.95 ? 61   ALA C CA  1 
ATOM   1426 C C   . ALA C 1 58 ? 5.091   -15.901 6.243   1.00 17.82 ? 61   ALA C C   1 
ATOM   1427 O O   . ALA C 1 58 ? 4.649   -16.756 7.029   1.00 18.44 ? 61   ALA C O   1 
ATOM   1428 C CB  . ALA C 1 58 ? 4.335   -16.182 3.836   1.00 16.57 ? 61   ALA C CB  1 
ATOM   1429 N N   . TYR C 1 59 ? 5.158   -14.607 6.519   1.00 17.34 ? 62   TYR C N   1 
ATOM   1430 C CA  . TYR C 1 59 ? 4.543   -14.013 7.690   1.00 18.16 ? 62   TYR C CA  1 
ATOM   1431 C C   . TYR C 1 59 ? 3.242   -13.395 7.188   1.00 17.81 ? 62   TYR C C   1 
ATOM   1432 O O   . TYR C 1 59 ? 3.269   -12.595 6.269   1.00 16.97 ? 62   TYR C O   1 
ATOM   1433 C CB  . TYR C 1 59 ? 5.466   -12.940 8.264   1.00 18.77 ? 62   TYR C CB  1 
ATOM   1434 C CG  . TYR C 1 59 ? 4.900   -12.161 9.440   1.00 23.42 ? 62   TYR C CG  1 
ATOM   1435 C CD1 . TYR C 1 59 ? 5.084   -12.603 10.751  1.00 28.35 ? 62   TYR C CD1 1 
ATOM   1436 C CD2 . TYR C 1 59 ? 4.185   -10.977 9.239   1.00 26.32 ? 62   TYR C CD2 1 
ATOM   1437 C CE1 . TYR C 1 59 ? 4.568   -11.871 11.850  1.00 32.32 ? 62   TYR C CE1 1 
ATOM   1438 C CE2 . TYR C 1 59 ? 3.675   -10.245 10.320  1.00 30.69 ? 62   TYR C CE2 1 
ATOM   1439 C CZ  . TYR C 1 59 ? 3.863   -10.693 11.616  1.00 32.60 ? 62   TYR C CZ  1 
ATOM   1440 O OH  . TYR C 1 59 ? 3.343   -9.940  12.667  1.00 35.65 ? 62   TYR C OH  1 
ATOM   1441 N N   . ILE C 1 60 ? 2.123   -13.793 7.783   1.00 16.90 ? 63   ILE C N   1 
ATOM   1442 C CA  . ILE C 1 60 ? 0.805   -13.393 7.302   1.00 17.86 ? 63   ILE C CA  1 
ATOM   1443 C C   . ILE C 1 60 ? 0.019   -12.726 8.426   1.00 18.37 ? 63   ILE C C   1 
ATOM   1444 O O   . ILE C 1 60 ? 0.023   -13.224 9.554   1.00 18.75 ? 63   ILE C O   1 
ATOM   1445 C CB  . ILE C 1 60 ? 0.023   -14.620 6.790   1.00 17.16 ? 63   ILE C CB  1 
ATOM   1446 C CG1 . ILE C 1 60 ? 0.773   -15.324 5.655   1.00 18.61 ? 63   ILE C CG1 1 
ATOM   1447 C CG2 . ILE C 1 60 ? -1.390  -14.206 6.321   1.00 19.24 ? 63   ILE C CG2 1 
ATOM   1448 C CD1 . ILE C 1 60 ? 0.213   -16.729 5.309   1.00 20.01 ? 63   ILE C CD1 1 
ATOM   1449 N N   . GLN C 1 61 ? -0.630  -11.603 8.116   1.00 18.77 ? 64   GLN C N   1 
ATOM   1450 C CA  . GLN C 1 61 ? -1.544  -10.934 9.040   1.00 19.44 ? 64   GLN C CA  1 
ATOM   1451 C C   . GLN C 1 61 ? -2.923  -10.785 8.415   1.00 19.84 ? 64   GLN C C   1 
ATOM   1452 O O   . GLN C 1 61 ? -3.044  -10.399 7.254   1.00 17.59 ? 64   GLN C O   1 
ATOM   1453 C CB  . GLN C 1 61 ? -1.063  -9.527  9.417   1.00 20.25 ? 64   GLN C CB  1 
ATOM   1454 C CG  . GLN C 1 61 ? 0.286   -9.412  10.093  1.00 22.23 ? 64   GLN C CG  1 
ATOM   1455 C CD  . GLN C 1 61 ? 0.705   -7.928  10.331  1.00 26.36 ? 64   GLN C CD  1 
ATOM   1456 O OE1 . GLN C 1 61 ? 0.321   -7.053  9.573   1.00 29.23 ? 64   GLN C OE1 1 
ATOM   1457 N NE2 . GLN C 1 61 ? 1.496   -7.678  11.365  1.00 25.03 ? 64   GLN C NE2 1 
ATOM   1458 N N   . THR C 1 62 ? -3.958  -11.095 9.194   1.00 20.32 ? 65   THR C N   1 
ATOM   1459 C CA  . THR C 1 62 ? -5.347  -10.822 8.834   1.00 22.76 ? 65   THR C CA  1 
ATOM   1460 C C   . THR C 1 62 ? -6.021  -10.190 10.063  1.00 24.90 ? 65   THR C C   1 
ATOM   1461 O O   . THR C 1 62 ? -5.391  -10.018 11.106  1.00 25.58 ? 65   THR C O   1 
ATOM   1462 C CB  . THR C 1 62 ? -6.124  -12.132 8.467   1.00 23.29 ? 65   THR C CB  1 
ATOM   1463 O OG1 . THR C 1 62 ? -6.306  -12.937 9.648   1.00 21.86 ? 65   THR C OG1 1 
ATOM   1464 C CG2 . THR C 1 62 ? -5.317  -13.038 7.532   1.00 22.31 ? 65   THR C CG2 1 
ATOM   1465 N N   . ARG C 1 63 ? -7.305  -9.903  9.955   1.00 27.19 ? 66   ARG C N   1 
ATOM   1466 C CA  . ARG C 1 63 ? -8.093  -9.443  11.112  1.00 30.25 ? 66   ARG C CA  1 
ATOM   1467 C C   . ARG C 1 63 ? -8.019  -10.430 12.303  1.00 30.60 ? 66   ARG C C   1 
ATOM   1468 O O   . ARG C 1 63 ? -8.133  -10.017 13.461  1.00 32.16 ? 66   ARG C O   1 
ATOM   1469 C CB  . ARG C 1 63 ? -9.546  -9.193  10.685  1.00 30.67 ? 66   ARG C CB  1 
ATOM   1470 C CG  . ARG C 1 63 ? -10.463 -8.623  11.792  1.00 35.84 ? 66   ARG C CG  1 
ATOM   1471 C CD  . ARG C 1 63 ? -11.918 -8.329  11.376  1.00 40.54 ? 66   ARG C CD  1 
ATOM   1472 N NE  . ARG C 1 63 ? -12.522 -9.361  10.529  1.00 43.93 ? 66   ARG C NE  1 
ATOM   1473 C CZ  . ARG C 1 63 ? -13.630 -10.043 10.836  1.00 47.30 ? 66   ARG C CZ  1 
ATOM   1474 N NH1 . ARG C 1 63 ? -14.260 -9.827  11.993  1.00 48.19 ? 66   ARG C NH1 1 
ATOM   1475 N NH2 . ARG C 1 63 ? -14.110 -10.958 9.992   1.00 47.93 ? 66   ARG C NH2 1 
ATOM   1476 N N   . HIS C 1 64 ? -7.785  -11.714 12.014  1.00 30.77 ? 67   HIS C N   1 
ATOM   1477 C CA  . HIS C 1 64 ? -7.721  -12.777 13.040  1.00 31.25 ? 67   HIS C CA  1 
ATOM   1478 C C   . HIS C 1 64 ? -6.387  -12.887 13.782  1.00 31.72 ? 67   HIS C C   1 
ATOM   1479 O O   . HIS C 1 64 ? -6.289  -13.592 14.791  1.00 32.68 ? 67   HIS C O   1 
ATOM   1480 C CB  . HIS C 1 64 ? -8.077  -14.140 12.437  1.00 30.43 ? 67   HIS C CB  1 
ATOM   1481 C CG  . HIS C 1 64 ? -9.444  -14.190 11.826  1.00 30.91 ? 67   HIS C CG  1 
ATOM   1482 N ND1 . HIS C 1 64 ? -10.440 -13.292 12.148  1.00 30.31 ? 67   HIS C ND1 1 
ATOM   1483 C CD2 . HIS C 1 64 ? -9.978  -15.030 10.908  1.00 30.77 ? 67   HIS C CD2 1 
ATOM   1484 C CE1 . HIS C 1 64 ? -11.525 -13.570 11.444  1.00 31.98 ? 67   HIS C CE1 1 
ATOM   1485 N NE2 . HIS C 1 64 ? -11.271 -14.624 10.688  1.00 31.60 ? 67   HIS C NE2 1 
ATOM   1486 N N   . GLY C 1 65 ? -5.364  -12.188 13.300  1.00 31.57 ? 68   GLY C N   1 
ATOM   1487 C CA  . GLY C 1 65 ? -4.070  -12.246 13.946  1.00 31.60 ? 68   GLY C CA  1 
ATOM   1488 C C   . GLY C 1 65 ? -2.966  -12.631 12.990  1.00 31.61 ? 68   GLY C C   1 
ATOM   1489 O O   . GLY C 1 65 ? -3.084  -12.426 11.780  1.00 30.25 ? 68   GLY C O   1 
ATOM   1490 N N   . VAL C 1 66 ? -1.899  -13.197 13.552  1.00 31.91 ? 69   VAL C N   1 
ATOM   1491 C CA  . VAL C 1 66 ? -0.675  -13.478 12.810  1.00 32.81 ? 69   VAL C CA  1 
ATOM   1492 C C   . VAL C 1 66 ? -0.478  -14.978 12.617  1.00 34.00 ? 69   VAL C C   1 
ATOM   1493 O O   . VAL C 1 66 ? -0.903  -15.799 13.444  1.00 33.48 ? 69   VAL C O   1 
ATOM   1494 C CB  . VAL C 1 66 ? 0.560   -12.874 13.531  1.00 32.94 ? 69   VAL C CB  1 
ATOM   1495 C CG1 . VAL C 1 66 ? 1.875   -13.455 13.002  1.00 32.92 ? 69   VAL C CG1 1 
ATOM   1496 C CG2 . VAL C 1 66 ? 0.555   -11.348 13.415  1.00 32.99 ? 69   VAL C CG2 1 
ATOM   1497 N N   . ILE C 1 67 ? 0.153   -15.324 11.502  1.00 35.19 ? 70   ILE C N   1 
ATOM   1498 C CA  . ILE C 1 67 ? 0.583   -16.690 11.263  1.00 37.48 ? 70   ILE C CA  1 
ATOM   1499 C C   . ILE C 1 67 ? 1.947   -16.667 10.515  1.00 38.58 ? 70   ILE C C   1 
ATOM   1500 O O   . ILE C 1 67 ? 2.032   -16.167 9.392   1.00 37.21 ? 70   ILE C O   1 
ATOM   1501 C CB  . ILE C 1 67 ? -0.614  -17.503 10.629  1.00 37.66 ? 70   ILE C CB  1 
ATOM   1502 C CG1 . ILE C 1 67 ? -0.382  -19.009 10.602  1.00 39.48 ? 70   ILE C CG1 1 
ATOM   1503 C CG2 . ILE C 1 67 ? -1.208  -16.887 9.324   1.00 37.69 ? 70   ILE C CG2 1 
ATOM   1504 C CD1 . ILE C 1 67 ? -1.723  -19.752 10.560  1.00 39.90 ? 70   ILE C CD1 1 
ATOM   1505 N N   . GLU C 1 68 ? 3.014   -17.119 11.209  1.00 40.02 ? 71   GLU C N   1 
ATOM   1506 C CA  . GLU C 1 68 ? 4.416   -16.975 10.742  1.00 41.36 ? 71   GLU C CA  1 
ATOM   1507 C C   . GLU C 1 68 ? 5.212   -18.281 10.705  1.00 42.81 ? 71   GLU C C   1 
ATOM   1508 O O   . GLU C 1 68 ? 5.307   -18.986 11.722  1.00 42.87 ? 71   GLU C O   1 
ATOM   1509 C CB  . GLU C 1 68 ? 5.205   -15.957 11.609  1.00 41.71 ? 71   GLU C CB  1 
ATOM   1510 C CG  . GLU C 1 68 ? 6.733   -16.027 11.453  1.00 41.71 ? 71   GLU C CG  1 
ATOM   1511 C CD  . GLU C 1 68 ? 7.524   -15.141 12.413  1.00 44.12 ? 71   GLU C CD  1 
ATOM   1512 O OE1 . GLU C 1 68 ? 7.194   -15.092 13.631  1.00 43.77 ? 71   GLU C OE1 1 
ATOM   1513 O OE2 . GLU C 1 68 ? 8.500   -14.496 11.938  1.00 44.28 ? 71   GLU C OE2 1 
ATOM   1514 N N   . SER C 1 69 ? 5.796   -18.578 9.540   1.00 43.98 ? 72   SER C N   1 
ATOM   1515 C CA  . SER C 1 69 ? 6.878   -19.572 9.401   1.00 45.51 ? 72   SER C CA  1 
ATOM   1516 C C   . SER C 1 69 ? 7.128   -19.858 7.925   1.00 45.88 ? 72   SER C C   1 
ATOM   1517 O O   . SER C 1 69 ? 7.728   -20.876 7.571   1.00 47.07 ? 72   SER C O   1 
ATOM   1518 C CB  . SER C 1 69 ? 6.596   -20.882 10.172  1.00 45.82 ? 72   SER C CB  1 
ATOM   1519 O OG  . SER C 1 69 ? 7.695   -21.242 11.007  1.00 46.88 ? 72   SER C OG  1 
HETATM 1520 N N   . TRP D 2 .  ? -8.339  19.654  -4.283  1.00 10.27 ? 100  TRP B N   1 
HETATM 1521 C CA  . TRP D 2 .  ? -7.713  18.487  -3.542  1.00 10.53 ? 100  TRP B CA  1 
HETATM 1522 C C   . TRP D 2 .  ? -8.748  17.365  -3.324  1.00 10.73 ? 100  TRP B C   1 
HETATM 1523 O O   . TRP D 2 .  ? -9.911  17.684  -2.996  1.00 11.06 ? 100  TRP B O   1 
HETATM 1524 C CB  . TRP D 2 .  ? -7.135  18.973  -2.189  1.00 11.50 ? 100  TRP B CB  1 
HETATM 1525 C CG  . TRP D 2 .  ? -6.422  17.876  -1.417  1.00 12.65 ? 100  TRP B CG  1 
HETATM 1526 C CD1 . TRP D 2 .  ? -6.975  17.072  -0.429  1.00 14.35 ? 100  TRP B CD1 1 
HETATM 1527 C CD2 . TRP D 2 .  ? -5.047  17.470  -1.533  1.00 11.67 ? 100  TRP B CD2 1 
HETATM 1528 N NE1 . TRP D 2 .  ? -6.029  16.188  0.039   1.00 11.28 ? 100  TRP B NE1 1 
HETATM 1529 C CE2 . TRP D 2 .  ? -4.842  16.406  -0.602  1.00 12.56 ? 100  TRP B CE2 1 
HETATM 1530 C CE3 . TRP D 2 .  ? -3.952  17.907  -2.321  1.00 11.53 ? 100  TRP B CE3 1 
HETATM 1531 C CZ2 . TRP D 2 .  ? -3.589  15.764  -0.430  1.00 11.98 ? 100  TRP B CZ2 1 
HETATM 1532 C CZ3 . TRP D 2 .  ? -2.705  17.253  -2.162  1.00 12.76 ? 100  TRP B CZ3 1 
HETATM 1533 C CH2 . TRP D 2 .  ? -2.543  16.206  -1.207  1.00 12.13 ? 100  TRP B CH2 1 
HETATM 1534 O OXT . TRP D 2 .  ? -8.432  16.150  -3.452  1.00 10.14 ? 100  TRP B OXT 1 
HETATM 1535 N N   . TRP E 2 .  ? -4.759  6.117   -9.403  1.00 11.76 ? 1100 TRP B N   1 
HETATM 1536 C CA  . TRP E 2 .  ? -4.598  5.086   -8.342  1.00 11.94 ? 1100 TRP B CA  1 
HETATM 1537 C C   . TRP E 2 .  ? -5.971  4.632   -7.838  1.00 12.26 ? 1100 TRP B C   1 
HETATM 1538 O O   . TRP E 2 .  ? -6.882  5.457   -7.607  1.00 11.53 ? 1100 TRP B O   1 
HETATM 1539 C CB  . TRP E 2 .  ? -3.778  5.676   -7.167  1.00 11.27 ? 1100 TRP B CB  1 
HETATM 1540 C CG  . TRP E 2 .  ? -3.455  4.660   -6.094  1.00 11.77 ? 1100 TRP B CG  1 
HETATM 1541 C CD1 . TRP E 2 .  ? -4.119  4.475   -4.927  1.00 10.96 ? 1100 TRP B CD1 1 
HETATM 1542 C CD2 . TRP E 2 .  ? -2.357  3.747   -6.079  1.00 11.06 ? 1100 TRP B CD2 1 
HETATM 1543 N NE1 . TRP E 2 .  ? -3.546  3.453   -4.211  1.00 9.67  ? 1100 TRP B NE1 1 
HETATM 1544 C CE2 . TRP E 2 .  ? -2.453  2.994   -4.885  1.00 11.00 ? 1100 TRP B CE2 1 
HETATM 1545 C CE3 . TRP E 2 .  ? -1.311  3.460   -6.976  1.00 12.58 ? 1100 TRP B CE3 1 
HETATM 1546 C CZ2 . TRP E 2 .  ? -1.532  1.991   -4.541  1.00 10.54 ? 1100 TRP B CZ2 1 
HETATM 1547 C CZ3 . TRP E 2 .  ? -0.383  2.448   -6.635  1.00 13.68 ? 1100 TRP B CZ3 1 
HETATM 1548 C CH2 . TRP E 2 .  ? -0.510  1.732   -5.426  1.00 10.60 ? 1100 TRP B CH2 1 
HETATM 1549 O OXT . TRP E 2 .  ? -6.196  3.421   -7.606  1.00 13.11 ? 1100 TRP B OXT 1 
HETATM 1550 N N   . TRP F 2 .  ? -7.428  -8.428  -10.052 1.00 10.05 ? 2100 TRP B N   1 
HETATM 1551 C CA  . TRP F 2 .  ? -7.520  -9.075  -8.688  1.00 12.39 ? 2100 TRP B CA  1 
HETATM 1552 C C   . TRP F 2 .  ? -8.852  -8.768  -8.024  1.00 11.37 ? 2100 TRP B C   1 
HETATM 1553 O O   . TRP F 2 .  ? -9.348  -7.616  -8.076  1.00 11.51 ? 2100 TRP B O   1 
HETATM 1554 C CB  . TRP F 2 .  ? -6.369  -8.604  -7.805  1.00 11.48 ? 2100 TRP B CB  1 
HETATM 1555 C CG  . TRP F 2 .  ? -6.315  -9.311  -6.461  1.00 11.43 ? 2100 TRP B CG  1 
HETATM 1556 C CD1 . TRP F 2 .  ? -6.846  -8.873  -5.273  1.00 11.40 ? 2100 TRP B CD1 1 
HETATM 1557 C CD2 . TRP F 2 .  ? -5.636  -10.535 -6.171  1.00 10.76 ? 2100 TRP B CD2 1 
HETATM 1558 N NE1 . TRP F 2 .  ? -6.591  -9.788  -4.274  1.00 10.93 ? 2100 TRP B NE1 1 
HETATM 1559 C CE2 . TRP F 2 .  ? -5.844  -10.816 -4.789  1.00 10.25 ? 2100 TRP B CE2 1 
HETATM 1560 C CE3 . TRP F 2 .  ? -4.888  -11.450 -6.941  1.00 12.21 ? 2100 TRP B CE3 1 
HETATM 1561 C CZ2 . TRP F 2 .  ? -5.316  -11.964 -4.147  1.00 10.73 ? 2100 TRP B CZ2 1 
HETATM 1562 C CZ3 . TRP F 2 .  ? -4.383  -12.617 -6.304  1.00 13.49 ? 2100 TRP B CZ3 1 
HETATM 1563 C CH2 . TRP F 2 .  ? -4.597  -12.848 -4.920  1.00 12.91 ? 2100 TRP B CH2 1 
HETATM 1564 O OXT . TRP F 2 .  ? -9.461  -9.672  -7.444  1.00 11.72 ? 2100 TRP B OXT 1 
HETATM 1565 O O   . HOH G 3 .  ? -5.373  19.772  -7.535  1.00 12.51 ? 81   HOH A O   1 
HETATM 1566 O O   . HOH G 3 .  ? -11.978 16.064  -4.259  1.00 13.37 ? 82   HOH A O   1 
HETATM 1567 O O   . HOH G 3 .  ? -13.118 13.703  1.533   1.00 13.95 ? 83   HOH A O   1 
HETATM 1568 O O   . HOH G 3 .  ? -14.083 14.987  -2.688  1.00 14.88 ? 84   HOH A O   1 
HETATM 1569 O O   . HOH G 3 .  ? 6.096   22.147  -4.514  1.00 16.78 ? 85   HOH A O   1 
HETATM 1570 O O   . HOH G 3 .  ? 13.340  19.621  12.730  1.00 18.66 ? 86   HOH A O   1 
HETATM 1571 O O   . HOH G 3 .  ? -10.157 6.548   -14.222 1.00 20.43 ? 87   HOH A O   1 
HETATM 1572 O O   . HOH G 3 .  ? -7.643  13.852  -9.416  1.00 22.36 ? 88   HOH A O   1 
HETATM 1573 O O   . HOH G 3 .  ? 2.714   24.988  -2.185  1.00 23.23 ? 89   HOH A O   1 
HETATM 1574 O O   . HOH G 3 .  ? -16.154 15.274  -4.098  1.00 25.84 ? 90   HOH A O   1 
HETATM 1575 O O   . HOH G 3 .  ? -0.824  5.542   -14.280 1.00 27.66 ? 91   HOH A O   1 
HETATM 1576 O O   . HOH G 3 .  ? 6.025   10.326  11.349  1.00 28.10 ? 92   HOH A O   1 
HETATM 1577 O O   . HOH G 3 .  ? 4.250   24.085  -4.220  1.00 28.40 ? 93   HOH A O   1 
HETATM 1578 O O   . HOH G 3 .  ? 3.950   27.478  3.256   1.00 28.60 ? 94   HOH A O   1 
HETATM 1579 O O   . HOH G 3 .  ? 15.343  21.610  3.985   1.00 29.03 ? 95   HOH A O   1 
HETATM 1580 O O   . HOH G 3 .  ? -7.124  16.403  -10.425 1.00 29.12 ? 96   HOH A O   1 
HETATM 1581 O O   . HOH G 3 .  ? 8.714   12.024  4.814   1.00 29.17 ? 97   HOH A O   1 
HETATM 1582 O O   . HOH G 3 .  ? 10.977  28.444  7.779   1.00 29.28 ? 98   HOH A O   1 
HETATM 1583 O O   . HOH G 3 .  ? -5.885  0.987   -14.019 1.00 29.49 ? 99   HOH A O   1 
HETATM 1584 O O   . HOH G 3 .  ? 3.652   12.141  -11.243 1.00 30.12 ? 100  HOH A O   1 
HETATM 1585 O O   . HOH G 3 .  ? -9.214  12.083  -10.359 1.00 30.66 ? 101  HOH A O   1 
HETATM 1586 O O   . HOH G 3 .  ? 11.928  21.095  -1.567  1.00 32.27 ? 102  HOH A O   1 
HETATM 1587 O O   . HOH G 3 .  ? 11.562  12.189  2.731   1.00 33.80 ? 103  HOH A O   1 
HETATM 1588 O O   . HOH G 3 .  ? -7.809  8.173   -14.693 1.00 33.92 ? 104  HOH A O   1 
HETATM 1589 O O   . HOH G 3 .  ? -6.039  8.375   8.732   1.00 35.75 ? 105  HOH A O   1 
HETATM 1590 O O   . HOH G 3 .  ? 10.976  17.842  0.036   1.00 36.63 ? 106  HOH A O   1 
HETATM 1591 O O   . HOH G 3 .  ? -14.083 8.160   -3.222  1.00 42.45 ? 107  HOH A O   1 
HETATM 1592 O O   . HOH H 3 .  ? -6.547  -12.085 -12.211 1.00 14.27 ? 2101 HOH B O   1 
HETATM 1593 O O   . HOH H 3 .  ? -2.337  3.902   -12.396 1.00 14.90 ? 2102 HOH B O   1 
HETATM 1594 O O   . HOH H 3 .  ? -9.515  4.528   -8.299  1.00 14.98 ? 2103 HOH B O   1 
HETATM 1595 O O   . HOH H 3 .  ? -11.719 4.792   -6.377  1.00 14.98 ? 2104 HOH B O   1 
HETATM 1596 O O   . HOH H 3 .  ? -13.783 -5.930  -6.623  1.00 16.32 ? 2105 HOH B O   1 
HETATM 1597 O O   . HOH H 3 .  ? -10.756 4.522   -2.065  1.00 16.94 ? 2106 HOH B O   1 
HETATM 1598 O O   . HOH H 3 .  ? -12.936 -7.352  -14.707 1.00 20.29 ? 2107 HOH B O   1 
HETATM 1599 O O   . HOH H 3 .  ? 4.558   3.365   -13.203 1.00 20.51 ? 2108 HOH B O   1 
HETATM 1600 O O   . HOH H 3 .  ? -7.124  -0.732  -12.471 1.00 22.21 ? 2109 HOH B O   1 
HETATM 1601 O O   . HOH H 3 .  ? 0.716   6.443   10.333  1.00 26.07 ? 2110 HOH B O   1 
HETATM 1602 O O   . HOH H 3 .  ? 1.543   5.039   -13.913 1.00 28.56 ? 2111 HOH B O   1 
HETATM 1603 O O   . HOH H 3 .  ? -13.519 5.492   -8.001  1.00 28.69 ? 2112 HOH B O   1 
HETATM 1604 O O   . HOH H 3 .  ? -9.210  -1.966  -12.700 1.00 29.42 ? 2113 HOH B O   1 
HETATM 1605 O O   . HOH H 3 .  ? -11.912 8.193   1.059   1.00 29.87 ? 2114 HOH B O   1 
HETATM 1606 O O   . HOH H 3 .  ? 7.800   7.206   -8.770  1.00 30.05 ? 2115 HOH B O   1 
HETATM 1607 O O   . HOH H 3 .  ? 9.120   -4.538  2.231   1.00 30.08 ? 2116 HOH B O   1 
HETATM 1608 O O   . HOH H 3 .  ? 1.636   -6.352  -15.027 1.00 30.34 ? 2117 HOH B O   1 
HETATM 1609 O O   . HOH H 3 .  ? -5.273  -0.502  6.840   1.00 31.20 ? 2118 HOH B O   1 
HETATM 1610 O O   . HOH H 3 .  ? 11.937  -6.220  3.281   1.00 34.12 ? 2119 HOH B O   1 
HETATM 1611 O O   . HOH H 3 .  ? 8.282   -5.440  12.435  1.00 35.86 ? 2120 HOH B O   1 
HETATM 1612 O O   . HOH H 3 .  ? 8.674   -4.752  5.063   1.00 36.56 ? 2121 HOH B O   1 
HETATM 1613 O O   . HOH H 3 .  ? 4.814   11.438  -8.024  1.00 43.58 ? 2122 HOH B O   1 
HETATM 1614 O O   . HOH I 3 .  ? -12.260 -7.605  -8.445  1.00 13.41 ? 81   HOH C O   1 
HETATM 1615 O O   . HOH I 3 .  ? -15.014 -25.137 -10.177 1.00 16.98 ? 82   HOH C O   1 
HETATM 1616 O O   . HOH I 3 .  ? -12.520 -5.229  -2.430  1.00 17.39 ? 83   HOH C O   1 
HETATM 1617 O O   . HOH I 3 .  ? -20.913 -18.368 -10.377 1.00 20.16 ? 84   HOH C O   1 
HETATM 1618 O O   . HOH I 3 .  ? -4.275  -14.619 10.463  1.00 21.16 ? 85   HOH C O   1 
HETATM 1619 O O   . HOH I 3 .  ? -12.779 -14.321 -10.599 1.00 22.01 ? 86   HOH C O   1 
HETATM 1620 O O   . HOH I 3 .  ? 4.616   -12.404 -10.112 1.00 23.71 ? 87   HOH C O   1 
HETATM 1621 O O   . HOH I 3 .  ? 0.334   -4.644  8.562   1.00 23.87 ? 88   HOH C O   1 
HETATM 1622 O O   . HOH I 3 .  ? -15.475 -5.051  -8.377  1.00 25.88 ? 89   HOH C O   1 
HETATM 1623 O O   . HOH I 3 .  ? 8.890   -9.933  -7.066  1.00 26.60 ? 90   HOH C O   1 
HETATM 1624 O O   . HOH I 3 .  ? -0.708  -15.711 -12.757 1.00 28.27 ? 91   HOH C O   1 
HETATM 1625 O O   . HOH I 3 .  ? 2.210   -10.045 -11.588 1.00 29.13 ? 92   HOH C O   1 
HETATM 1626 O O   . HOH I 3 .  ? -15.318 -14.480 -10.298 1.00 29.33 ? 93   HOH C O   1 
HETATM 1627 O O   . HOH I 3 .  ? 15.287  -17.536 -0.112  1.00 32.63 ? 94   HOH C O   1 
HETATM 1628 O O   . HOH I 3 .  ? -16.671 -18.726 -10.969 1.00 33.52 ? 95   HOH C O   1 
HETATM 1629 O O   . HOH I 3 .  ? 8.445   -20.671 -6.280  1.00 38.32 ? 96   HOH C O   1 
# 
